data_5FKV
#
_entry.id   5FKV
#
_cell.length_a   1.000
_cell.length_b   1.000
_cell.length_c   1.000
_cell.angle_alpha   90.00
_cell.angle_beta   90.00
_cell.angle_gamma   90.00
#
_symmetry.space_group_name_H-M   'P 1'
#
loop_
_entity.id
_entity.type
_entity.pdbx_description
1 polymer 'DNA POLYMERASE III SUBUNIT ALPHA'
2 polymer 'DNA POLYMERASE III BETA'
3 polymer 'DNA POLYMERASE III EPSILON'
4 polymer 'DNA POLYMERASE III TAU'
5 polymer 'PRIMER-TEMPLATE DUPLEX DNA'
6 polymer 'PRIMER-TEMPLATE DUPLEX DNA'
#
loop_
_entity_poly.entity_id
_entity_poly.type
_entity_poly.pdbx_seq_one_letter_code
_entity_poly.pdbx_strand_id
1 'polypeptide(L)'
;MSEPRFVHLRVHSDYSMIDGLAKTAPLVKKAAALGMPALAITDFTNLCGLVKFYGAGHGAGIKPIVGADFNVQCDLLGDE
LTHLTVLAANNTGYQNLTLLISKAYQRGYGAAGPIIDRDWLIELNEGLILLSGGRMGDVGRSLLRGNSALVDECVAFYEE
HFPDRYFLELIRTGRPDEESYLHAAVELAEARGLPVVATNDVRFIDSSDFDAHEIRVAIHDGFTLDDPKRPRNYSPQQYM
RSEEEMCELFADIPEALANTVEIAKRCNVTVRLGEYFLPQFPTGDMSTEDYLVKRAKEGLEERLAFLFPDEEERLKRRPE
YDERLETELQVINQMGFPGYFLIVMEFIQWSKDNGVPVGPGRGSGAGSLVAYALKITDLDPLEFDLLFERFLNPERVSMP
DFDVDFCMEKRDQVIEHVADMYGRDAVSQIITFGTMAAKAVIRDVGRVLGHPYGFVDRISKLIPPDPGMTLAKAFEAEPQ
LPEIYEADEEVKALIDMARKLEGVTRNAGKHAGGVVIAPTKITDFAPLYCDEEGKHPVTQFDKSDVEYAGLVKFDFLGLR
TLTIINWALEMINKRRAKNGEPPLDIAAIPLDDKKSFDMLQRSETTAVFQLESRGMKDLIKRLQPDCFEDMIALVALFRP
GPLQSGMVDNFIDRKHGREEISYPDVQWQHESLKPVLEPTYGIILYQEQVMQIAQVLSGYTLGGADMLRRAMGKKKPEEM
AKQRSVFAEGAEKNGINAELAMKIFDLVEKFAGYGFNKSHSAAYALVSYQTLWLKAHYPAEFMAAVMTADMDNTEKVVGL
VDECWRMGLKILPPDINSGLYHFHVNDDGEIVYGIGAIKGVGEGPIEAIIEARNKGGYFRELFDLCARTDTKKLNRRVLE
KLIMSGAFDRLGPHRAALMNSLGDALKAADQHAKAEAIGQLDLFGVLAEEPEQIEQSYASCQPWPEQVVLDGERETLGLY
LTGHPINQYLKEIERYVGGVRLKDMHPTERGKVITAAGLVVAARVMVTKRGNRIGICTLDDRSGRLEVMLFTDALDKYQQ
LLEKDRILIVSGQVSFDDFSGGLKMTAREVMDIDEAREKYARGLAISLTDRQIDDQLLNRLRQSLEPHRSGTIPVHLYYQ
RADARARLRFGATWRVSPSDRLLNDLRGLIGSEQVELEFD
;
A
2 'polypeptide(L)'
;MKFTVEREHLLKPLQQVSGPLGGRPTLPILGNLLLQVADGTLSLTGTDLEMEMVARVALVQPHEPGATTVPARKFFDICR
GLPEGAEIAVQLEGERMLVRSGRSRFSLSTLPAADFPNLDDWQSEVEFTLPQATMKRLIEATQFSMAHQDVRYYLNGMLF
ETEGEELRTVATDGHRLAVCSMPIGQSLPSHSVIVPRKGVIELMRMLDGGDNPLRVQIGSNNIRAHVGDFIFTSKLVDGR
FPDYRRVLPKNPDKHLEAGCDLLKQAFARAAILSNEKFRGVRLYVSENQLKITANNPEQEEAEEILDVTYSGAEMEIGFN
VSYVLDVLNALKCENVRMMLTDSVSSVQIEDAASQSAAYVVMPMRL
;
B,C
3 'polypeptide(L)'
;MSTAITRQIVLDTETTGMNQIGAHYEGHKIIEIGAVEVVNRRLTGNNFHVYLKPDRLVDPEAFGVHGIADEFLLDKPTFA
EVADEFMDYIRGAELVIHNAAFDIGFMDYEFSLLKRDIPKTNTFCKVTDSLAVARKMFPGKRNSLDALCARYEIDNSKRT
LHGALLDAQILAEVYLAMTGGQLSLPLAMEGETQQQQGEATIQRIVRQASKLRVVFATDEEIAAHEARLDLVQKKGGSCL
WRA
;
D
4 'polypeptide(L)'
;ALEHEKTPELAAKLAAEAIERDPWAAQVSQLSLPKLVEQVALNAWKEESDNAVCLHLRSSQRHLNNRGAQQKLAEALSML
KGSTVELTIVEDDNPAVRTPLEWRQAIYEEKLAQARESIIADNNIQTLRRFFDAELDEESIRPI
;
E
5 'polydeoxyribonucleotide'
;(DG)(DG)(DA)(DG)(DT)(DA)(DG)(DT)(DA)(DC)(DT)(DA)(DG)(DG)(DA)(DC)(DG)(DA)(DA)(DG)
(DG)(DA)(DC)(DT)(DC)
;
P
6 'polydeoxyribonucleotide'
;(DT)(DC)(DA)(DG)(DG)(DA)(DG)(DT)(DC)(DC)(DT)(DT)(DC)(DG)(DT)(DC)(DC)(DT)(DA)(DG)
(DT)(DA)(DC)(DT)(DA)(DC)(DT)(DC)(DC)
;
T
#
loop_
_chem_comp.id
_chem_comp.type
_chem_comp.name
_chem_comp.formula
DA DNA linking 2'-DEOXYADENOSINE-5'-MONOPHOSPHATE 'C10 H14 N5 O6 P'
DC DNA linking 2'-DEOXYCYTIDINE-5'-MONOPHOSPHATE 'C9 H14 N3 O7 P'
DG DNA linking 2'-DEOXYGUANOSINE-5'-MONOPHOSPHATE 'C10 H14 N5 O7 P'
DT DNA linking THYMIDINE-5'-MONOPHOSPHATE 'C10 H15 N2 O8 P'
#
# COMPACT_ATOMS: atom_id res chain seq x y z
N MET A 1 58.60 -12.24 -17.63
CA MET A 1 58.86 -11.66 -18.99
C MET A 1 57.78 -10.61 -19.34
N SER A 2 56.58 -11.08 -19.71
CA SER A 2 55.45 -10.17 -20.01
C SER A 2 55.07 -9.40 -18.75
N GLU A 3 54.89 -10.16 -17.66
CA GLU A 3 55.04 -9.73 -16.25
C GLU A 3 53.81 -10.00 -15.34
N PRO A 4 52.60 -9.53 -15.72
CA PRO A 4 51.40 -9.95 -14.97
C PRO A 4 51.14 -11.46 -15.06
N ARG A 5 50.79 -12.06 -13.93
CA ARG A 5 50.51 -13.48 -13.83
C ARG A 5 49.04 -13.75 -13.50
N PHE A 6 48.22 -12.70 -13.38
CA PHE A 6 46.79 -12.85 -13.01
C PHE A 6 45.90 -11.77 -13.65
N VAL A 7 44.73 -12.20 -14.11
CA VAL A 7 43.62 -11.29 -14.47
C VAL A 7 42.33 -11.84 -13.85
N HIS A 8 41.39 -10.96 -13.55
CA HIS A 8 40.12 -11.35 -12.92
C HIS A 8 39.18 -11.88 -13.98
N LEU A 9 38.70 -13.11 -13.78
CA LEU A 9 37.87 -13.80 -14.77
C LEU A 9 36.41 -14.04 -14.36
N ARG A 10 36.03 -13.65 -13.15
CA ARG A 10 34.61 -13.54 -12.79
C ARG A 10 34.37 -12.24 -12.02
N VAL A 11 33.72 -11.29 -12.68
CA VAL A 11 33.48 -9.97 -12.12
C VAL A 11 32.14 -9.47 -12.69
N HIS A 12 31.30 -8.91 -11.82
CA HIS A 12 30.05 -8.28 -12.23
C HIS A 12 30.12 -6.77 -12.09
N SER A 13 29.63 -6.08 -13.12
CA SER A 13 29.41 -4.63 -13.07
C SER A 13 28.00 -4.39 -12.59
N ASP A 14 27.61 -3.12 -12.47
CA ASP A 14 26.21 -2.79 -12.12
C ASP A 14 25.21 -3.29 -13.18
N TYR A 15 25.71 -3.67 -14.36
CA TYR A 15 24.81 -4.07 -15.45
C TYR A 15 24.19 -5.45 -15.22
N SER A 16 24.74 -6.22 -14.29
CA SER A 16 24.13 -7.49 -13.86
C SER A 16 22.80 -7.30 -13.15
N MET A 17 22.65 -6.12 -12.55
CA MET A 17 21.43 -5.65 -11.88
C MET A 17 21.00 -6.41 -10.62
N ILE A 18 21.07 -7.75 -10.65
CA ILE A 18 20.92 -8.58 -9.44
C ILE A 18 22.07 -8.35 -8.43
N ASP A 19 23.25 -7.99 -8.97
CA ASP A 19 24.43 -7.63 -8.17
C ASP A 19 25.41 -6.77 -9.01
N GLY A 20 26.71 -6.74 -8.64
CA GLY A 20 27.68 -5.73 -9.12
C GLY A 20 27.51 -4.35 -8.48
N LEU A 21 28.55 -3.51 -8.52
CA LEU A 21 28.52 -2.21 -7.86
C LEU A 21 29.09 -1.07 -8.71
N ALA A 22 30.38 -1.14 -9.05
CA ALA A 22 31.03 -0.02 -9.73
C ALA A 22 30.62 0.01 -11.19
N LYS A 23 30.50 1.23 -11.72
CA LYS A 23 30.25 1.45 -13.13
C LYS A 23 31.43 1.02 -13.99
N THR A 24 31.21 0.99 -15.30
CA THR A 24 32.06 0.28 -16.25
C THR A 24 33.43 0.91 -16.37
N ALA A 25 33.46 2.21 -16.65
CA ALA A 25 34.72 2.92 -16.84
C ALA A 25 35.59 2.90 -15.59
N PRO A 26 35.04 3.25 -14.41
CA PRO A 26 35.79 3.14 -13.16
C PRO A 26 36.39 1.74 -12.92
N LEU A 27 35.69 0.70 -13.30
CA LEU A 27 36.23 -0.66 -13.11
C LEU A 27 37.41 -0.90 -14.05
N VAL A 28 37.32 -0.38 -15.27
CA VAL A 28 38.40 -0.53 -16.25
C VAL A 28 39.63 0.27 -15.81
N LYS A 29 39.41 1.48 -15.27
CA LYS A 29 40.51 2.34 -14.80
C LYS A 29 41.26 1.77 -13.59
N LYS A 30 40.55 1.02 -12.74
CA LYS A 30 41.16 0.33 -11.60
C LYS A 30 42.07 -0.80 -12.07
N ALA A 31 41.56 -1.66 -12.94
CA ALA A 31 42.35 -2.73 -13.57
C ALA A 31 43.69 -2.22 -14.12
N ALA A 32 43.63 -1.09 -14.83
CA ALA A 32 44.80 -0.46 -15.43
C ALA A 32 45.72 0.19 -14.40
N ALA A 33 45.14 0.85 -13.40
CA ALA A 33 45.90 1.40 -12.26
C ALA A 33 46.60 0.29 -11.49
N LEU A 34 46.01 -0.91 -11.53
CA LEU A 34 46.64 -2.10 -10.99
C LEU A 34 47.65 -2.75 -11.95
N GLY A 35 47.87 -2.15 -13.13
CA GLY A 35 48.85 -2.64 -14.08
C GLY A 35 48.51 -3.98 -14.69
N MET A 36 47.22 -4.17 -14.99
CA MET A 36 46.71 -5.43 -15.54
C MET A 36 46.59 -5.31 -17.07
N PRO A 37 46.90 -6.40 -17.81
CA PRO A 37 46.82 -6.35 -19.28
C PRO A 37 45.43 -6.67 -19.84
N ALA A 38 44.56 -7.26 -19.02
CA ALA A 38 43.24 -7.68 -19.43
C ALA A 38 42.27 -7.62 -18.26
N LEU A 39 40.98 -7.68 -18.56
CA LEU A 39 39.97 -7.83 -17.52
C LEU A 39 38.70 -8.39 -18.14
N ALA A 40 38.26 -9.54 -17.64
CA ALA A 40 37.03 -10.17 -18.12
C ALA A 40 35.84 -9.61 -17.36
N ILE A 41 34.80 -9.25 -18.10
CA ILE A 41 33.55 -8.78 -17.51
C ILE A 41 32.50 -9.83 -17.81
N THR A 42 31.87 -10.30 -16.74
CA THR A 42 30.98 -11.43 -16.79
C THR A 42 29.67 -11.01 -16.15
N ASP A 43 29.02 -9.99 -16.71
CA ASP A 43 27.72 -9.54 -16.18
C ASP A 43 26.69 -10.66 -16.23
N PHE A 44 25.69 -10.58 -15.37
CA PHE A 44 24.77 -11.69 -15.15
C PHE A 44 23.76 -11.80 -16.27
N THR A 45 23.93 -12.83 -17.09
CA THR A 45 23.00 -13.21 -18.15
C THR A 45 22.72 -12.05 -19.13
N ASN A 46 23.70 -11.16 -19.31
CA ASN A 46 23.60 -10.09 -20.30
C ASN A 46 24.93 -9.56 -20.79
N LEU A 47 24.88 -8.89 -21.94
CA LEU A 47 26.02 -8.20 -22.55
C LEU A 47 25.68 -6.72 -22.78
N CYS A 48 24.81 -6.19 -21.92
CA CYS A 48 24.19 -4.88 -22.12
C CYS A 48 25.17 -3.71 -22.23
N GLY A 49 26.25 -3.79 -21.44
CA GLY A 49 27.32 -2.78 -21.42
C GLY A 49 28.57 -3.19 -22.19
N LEU A 50 28.35 -3.96 -23.25
CA LEU A 50 29.40 -4.45 -24.12
C LEU A 50 30.01 -3.33 -24.93
N VAL A 51 29.18 -2.42 -25.43
CA VAL A 51 29.67 -1.21 -26.12
C VAL A 51 30.55 -0.36 -25.20
N LYS A 52 30.19 -0.27 -23.92
CA LYS A 52 31.00 0.47 -22.95
C LYS A 52 32.27 -0.29 -22.58
N PHE A 53 32.15 -1.61 -22.56
CA PHE A 53 33.27 -2.51 -22.32
C PHE A 53 34.36 -2.36 -23.41
N TYR A 54 33.93 -2.46 -24.66
CA TYR A 54 34.80 -2.26 -25.83
C TYR A 54 35.46 -0.90 -25.87
N GLY A 55 34.69 0.16 -25.62
CA GLY A 55 35.23 1.50 -25.52
C GLY A 55 36.24 1.68 -24.41
N ALA A 56 36.04 1.03 -23.27
CA ALA A 56 36.97 1.11 -22.14
C ALA A 56 38.20 0.23 -22.32
N GLY A 57 38.03 -0.90 -23.00
CA GLY A 57 39.14 -1.79 -23.33
C GLY A 57 40.15 -1.14 -24.27
N HIS A 58 39.62 -0.60 -25.36
CA HIS A 58 40.37 0.20 -26.33
C HIS A 58 41.13 1.33 -25.63
N GLY A 59 40.44 2.06 -24.74
CA GLY A 59 41.02 3.25 -24.11
C GLY A 59 42.16 2.93 -23.19
N ALA A 60 42.07 1.78 -22.53
CA ALA A 60 43.04 1.38 -21.51
C ALA A 60 44.09 0.39 -22.02
N GLY A 61 44.04 0.05 -23.32
CA GLY A 61 44.94 -0.97 -23.88
C GLY A 61 44.61 -2.39 -23.45
N ILE A 62 43.37 -2.61 -23.04
CA ILE A 62 42.87 -3.88 -22.50
C ILE A 62 42.17 -4.70 -23.60
N LYS A 63 42.51 -5.99 -23.68
CA LYS A 63 41.87 -6.88 -24.64
C LYS A 63 40.57 -7.41 -24.08
N PRO A 64 39.44 -7.15 -24.76
CA PRO A 64 38.14 -7.69 -24.32
C PRO A 64 37.99 -9.20 -24.49
N ILE A 65 37.49 -9.88 -23.44
CA ILE A 65 37.10 -11.29 -23.44
C ILE A 65 35.61 -11.28 -23.07
N VAL A 66 34.81 -11.96 -23.88
CA VAL A 66 33.35 -11.93 -23.75
C VAL A 66 32.83 -13.04 -22.83
N GLY A 67 32.01 -12.66 -21.84
CA GLY A 67 31.30 -13.64 -21.00
C GLY A 67 29.93 -13.20 -20.51
N ALA A 68 29.17 -14.15 -19.97
CA ALA A 68 27.96 -13.88 -19.19
C ALA A 68 27.82 -14.99 -18.15
N ASP A 69 27.20 -14.66 -17.01
CA ASP A 69 26.96 -15.65 -15.93
C ASP A 69 25.51 -16.04 -15.86
N PHE A 70 25.23 -17.28 -15.46
CA PHE A 70 23.88 -17.83 -15.48
C PHE A 70 23.51 -18.60 -14.24
N ASN A 71 22.20 -18.82 -14.14
CA ASN A 71 21.62 -19.82 -13.27
C ASN A 71 21.04 -20.94 -14.14
N VAL A 72 21.40 -22.17 -13.80
CA VAL A 72 21.14 -23.33 -14.67
C VAL A 72 20.05 -24.23 -14.08
N GLN A 73 19.39 -25.00 -14.94
CA GLN A 73 18.54 -26.11 -14.50
C GLN A 73 18.87 -27.37 -15.29
N CYS A 74 19.60 -28.28 -14.66
CA CYS A 74 19.91 -29.57 -15.25
C CYS A 74 19.06 -30.69 -14.63
N ASP A 75 18.91 -31.76 -15.43
CA ASP A 75 18.17 -32.96 -14.99
C ASP A 75 18.82 -33.68 -13.77
N LEU A 76 20.15 -33.55 -13.62
CA LEU A 76 20.92 -34.14 -12.51
C LEU A 76 20.53 -33.66 -11.10
N LEU A 77 20.31 -32.35 -10.95
CA LEU A 77 19.94 -31.78 -9.64
C LEU A 77 18.46 -31.51 -9.47
N GLY A 78 17.65 -31.87 -10.47
CA GLY A 78 16.20 -31.71 -10.39
C GLY A 78 15.79 -30.26 -10.54
N ASP A 79 15.23 -29.69 -9.48
CA ASP A 79 14.76 -28.29 -9.46
C ASP A 79 15.87 -27.28 -9.13
N GLU A 80 16.95 -27.73 -8.51
CA GLU A 80 17.96 -26.85 -7.95
C GLU A 80 18.73 -26.10 -9.03
N LEU A 81 18.73 -24.77 -8.93
CA LEU A 81 19.47 -23.92 -9.86
C LEU A 81 20.89 -23.71 -9.35
N THR A 82 21.86 -23.85 -10.24
CA THR A 82 23.27 -23.62 -9.91
C THR A 82 23.84 -22.44 -10.70
N HIS A 83 24.95 -21.88 -10.22
CA HIS A 83 25.52 -20.66 -10.80
C HIS A 83 26.65 -21.05 -11.75
N LEU A 84 26.77 -20.34 -12.87
CA LEU A 84 27.65 -20.80 -13.94
C LEU A 84 28.29 -19.61 -14.65
N THR A 85 29.58 -19.74 -14.97
CA THR A 85 30.25 -18.84 -15.89
C THR A 85 30.50 -19.55 -17.21
N VAL A 86 30.02 -18.95 -18.30
CA VAL A 86 30.31 -19.38 -19.66
C VAL A 86 30.95 -18.21 -20.37
N LEU A 87 32.18 -18.41 -20.84
CA LEU A 87 32.84 -17.43 -21.72
C LEU A 87 32.75 -17.88 -23.17
N ALA A 88 32.45 -16.96 -24.08
CA ALA A 88 32.65 -17.18 -25.52
C ALA A 88 34.09 -16.80 -25.90
N ALA A 89 34.86 -17.77 -26.37
CA ALA A 89 36.27 -17.58 -26.74
C ALA A 89 36.50 -16.95 -28.11
N ASN A 90 35.53 -17.08 -29.03
CA ASN A 90 35.63 -16.47 -30.36
C ASN A 90 34.24 -16.07 -30.87
N ASN A 91 34.12 -15.77 -32.17
CA ASN A 91 32.85 -15.36 -32.74
C ASN A 91 31.83 -16.47 -32.94
N THR A 92 32.30 -17.70 -33.10
CA THR A 92 31.40 -18.86 -33.08
C THR A 92 30.71 -18.97 -31.71
N GLY A 93 31.51 -18.90 -30.65
CA GLY A 93 31.03 -18.80 -29.28
C GLY A 93 30.08 -17.64 -29.02
N TYR A 94 30.46 -16.44 -29.49
CA TYR A 94 29.64 -15.22 -29.38
C TYR A 94 28.21 -15.41 -29.85
N GLN A 95 28.07 -16.06 -31.01
CA GLN A 95 26.79 -16.32 -31.62
C GLN A 95 26.03 -17.40 -30.88
N ASN A 96 26.76 -18.41 -30.42
CA ASN A 96 26.17 -19.45 -29.56
C ASN A 96 25.69 -18.88 -28.25
N LEU A 97 26.47 -17.99 -27.64
CA LEU A 97 26.11 -17.32 -26.39
C LEU A 97 24.90 -16.40 -26.58
N THR A 98 24.89 -15.66 -27.69
CA THR A 98 23.75 -14.82 -28.05
C THR A 98 22.44 -15.63 -28.18
N LEU A 99 22.55 -16.80 -28.78
CA LEU A 99 21.39 -17.69 -28.99
C LEU A 99 20.94 -18.39 -27.70
N LEU A 100 21.90 -18.71 -26.84
CA LEU A 100 21.65 -19.33 -25.53
C LEU A 100 20.82 -18.43 -24.62
N ILE A 101 21.23 -17.16 -24.55
CA ILE A 101 20.58 -16.12 -23.76
C ILE A 101 19.15 -15.86 -24.26
N SER A 102 19.01 -15.74 -25.57
CA SER A 102 17.71 -15.58 -26.22
C SER A 102 16.77 -16.74 -25.93
N LYS A 103 17.32 -17.93 -25.90
CA LYS A 103 16.54 -19.12 -25.65
C LYS A 103 16.04 -19.18 -24.20
N ALA A 104 16.83 -18.71 -23.25
CA ALA A 104 16.39 -18.61 -21.86
C ALA A 104 15.19 -17.68 -21.70
N TYR A 105 15.26 -16.52 -22.35
CA TYR A 105 14.16 -15.54 -22.32
C TYR A 105 12.92 -16.02 -23.04
N GLN A 106 13.13 -16.71 -24.16
CA GLN A 106 12.04 -17.27 -24.96
C GLN A 106 11.28 -18.38 -24.22
N ARG A 107 11.98 -19.11 -23.35
CA ARG A 107 11.34 -20.13 -22.55
C ARG A 107 10.34 -19.56 -21.51
N GLY A 108 10.54 -18.32 -21.06
CA GLY A 108 9.72 -17.76 -19.97
C GLY A 108 10.37 -18.08 -18.64
N TYR A 109 9.88 -17.50 -17.55
CA TYR A 109 10.57 -17.60 -16.27
C TYR A 109 9.75 -17.08 -15.11
N GLY A 110 10.29 -17.20 -13.89
CA GLY A 110 9.69 -16.68 -12.65
C GLY A 110 10.49 -15.52 -12.05
N ALA A 111 10.36 -15.30 -10.74
CA ALA A 111 11.07 -14.19 -10.07
C ALA A 111 12.59 -14.29 -10.19
N ALA A 112 13.08 -15.53 -10.28
CA ALA A 112 14.49 -15.82 -10.44
C ALA A 112 15.11 -15.34 -11.76
N GLY A 113 14.29 -15.04 -12.77
CA GLY A 113 14.81 -14.70 -14.08
C GLY A 113 14.87 -15.94 -14.96
N PRO A 114 15.13 -15.75 -16.28
CA PRO A 114 15.25 -16.88 -17.19
C PRO A 114 16.49 -17.72 -16.92
N ILE A 115 16.37 -19.00 -17.22
CA ILE A 115 17.32 -20.04 -16.82
C ILE A 115 17.69 -20.89 -18.04
N ILE A 116 18.89 -21.48 -18.02
CA ILE A 116 19.27 -22.42 -19.07
C ILE A 116 19.25 -23.85 -18.55
N ASP A 117 18.87 -24.78 -19.43
CA ASP A 117 19.09 -26.21 -19.21
C ASP A 117 20.52 -26.51 -19.57
N ARG A 118 21.15 -27.31 -18.73
CA ARG A 118 22.46 -27.89 -19.03
C ARG A 118 22.59 -28.39 -20.48
N ASP A 119 21.57 -29.11 -20.97
CA ASP A 119 21.62 -29.79 -22.28
C ASP A 119 21.58 -28.83 -23.47
N TRP A 120 21.20 -27.58 -23.23
CA TRP A 120 21.24 -26.58 -24.28
C TRP A 120 22.67 -26.27 -24.69
N LEU A 121 23.62 -26.60 -23.82
CA LEU A 121 25.04 -26.51 -24.13
C LEU A 121 25.55 -27.59 -25.08
N ILE A 122 24.71 -28.55 -25.47
CA ILE A 122 25.10 -29.53 -26.47
C ILE A 122 25.15 -28.86 -27.83
N GLU A 123 24.01 -28.31 -28.24
CA GLU A 123 23.88 -27.58 -29.50
C GLU A 123 24.66 -26.27 -29.48
N LEU A 124 24.53 -25.54 -28.37
CA LEU A 124 25.09 -24.19 -28.18
C LEU A 124 26.43 -24.30 -27.48
N ASN A 125 27.45 -24.61 -28.27
CA ASN A 125 28.66 -25.27 -27.79
C ASN A 125 29.96 -24.68 -28.30
N GLU A 126 30.09 -24.62 -29.63
CA GLU A 126 31.27 -24.11 -30.34
C GLU A 126 31.77 -22.75 -29.84
N GLY A 127 33.08 -22.64 -29.64
CA GLY A 127 33.71 -21.38 -29.28
C GLY A 127 33.50 -20.88 -27.87
N LEU A 128 32.99 -21.73 -26.97
CA LEU A 128 32.68 -21.35 -25.61
C LEU A 128 33.65 -22.02 -24.63
N ILE A 129 34.08 -21.27 -23.61
CA ILE A 129 34.91 -21.78 -22.51
C ILE A 129 34.11 -21.56 -21.23
N LEU A 130 33.99 -22.60 -20.41
CA LEU A 130 33.06 -22.64 -19.28
C LEU A 130 33.79 -22.80 -17.96
N LEU A 131 33.26 -22.22 -16.89
CA LEU A 131 33.75 -22.46 -15.53
C LEU A 131 32.74 -23.27 -14.75
N SER A 132 33.24 -24.19 -13.93
CA SER A 132 32.42 -25.17 -13.21
C SER A 132 31.35 -24.62 -12.27
N GLY A 133 31.54 -23.40 -11.76
CA GLY A 133 30.61 -22.78 -10.82
C GLY A 133 31.12 -22.74 -9.38
N GLY A 134 32.11 -23.59 -9.07
CA GLY A 134 32.72 -23.65 -7.75
C GLY A 134 31.84 -24.33 -6.74
N ARG A 135 31.90 -23.85 -5.50
CA ARG A 135 31.01 -24.33 -4.43
C ARG A 135 29.53 -24.22 -4.78
N MET A 136 29.16 -23.18 -5.54
CA MET A 136 27.77 -22.90 -5.88
C MET A 136 27.29 -23.60 -7.17
N GLY A 137 28.13 -24.44 -7.76
CA GLY A 137 27.83 -25.06 -9.02
C GLY A 137 27.28 -26.44 -8.83
N ASP A 138 26.79 -26.98 -9.95
CA ASP A 138 26.51 -28.40 -10.12
C ASP A 138 27.32 -29.35 -9.30
N VAL A 139 28.62 -29.26 -9.51
CA VAL A 139 29.56 -30.27 -9.10
C VAL A 139 29.92 -30.06 -7.63
N GLY A 140 30.11 -28.79 -7.26
CA GLY A 140 30.34 -28.39 -5.88
C GLY A 140 29.23 -28.80 -4.93
N ARG A 141 27.98 -28.59 -5.36
CA ARG A 141 26.82 -28.92 -4.54
C ARG A 141 26.67 -30.44 -4.39
N SER A 142 26.85 -31.16 -5.49
CA SER A 142 26.86 -32.63 -5.49
C SER A 142 27.98 -33.17 -4.62
N LEU A 143 29.16 -32.55 -4.70
CA LEU A 143 30.31 -32.93 -3.84
C LEU A 143 30.00 -32.77 -2.35
N LEU A 144 29.34 -31.66 -2.02
CA LEU A 144 29.00 -31.36 -0.62
C LEU A 144 27.95 -32.26 -0.04
N ARG A 145 27.01 -32.68 -0.87
CA ARG A 145 26.10 -33.77 -0.52
C ARG A 145 26.86 -35.08 -0.27
N GLY A 146 27.95 -35.29 -0.99
CA GLY A 146 28.66 -36.56 -0.95
C GLY A 146 27.93 -37.64 -1.76
N ASN A 147 27.23 -37.23 -2.82
CA ASN A 147 26.72 -38.18 -3.82
C ASN A 147 27.73 -38.32 -4.96
N SER A 148 28.57 -39.34 -4.82
CA SER A 148 29.70 -39.59 -5.72
C SER A 148 29.23 -39.90 -7.15
N ALA A 149 28.11 -40.61 -7.25
CA ALA A 149 27.48 -40.93 -8.54
C ALA A 149 26.97 -39.69 -9.27
N LEU A 150 26.32 -38.80 -8.52
CA LEU A 150 25.80 -37.56 -9.07
C LEU A 150 26.94 -36.64 -9.52
N VAL A 151 28.02 -36.59 -8.74
CA VAL A 151 29.21 -35.79 -9.11
C VAL A 151 29.81 -36.29 -10.43
N ASP A 152 29.98 -37.60 -10.53
CA ASP A 152 30.55 -38.21 -11.72
C ASP A 152 29.68 -37.97 -12.95
N GLU A 153 28.37 -38.05 -12.80
CA GLU A 153 27.43 -37.72 -13.89
C GLU A 153 27.56 -36.28 -14.37
N CYS A 154 27.72 -35.36 -13.42
CA CYS A 154 27.84 -33.93 -13.73
C CYS A 154 29.10 -33.60 -14.53
N VAL A 155 30.27 -34.02 -14.05
CA VAL A 155 31.53 -33.75 -14.78
C VAL A 155 31.55 -34.42 -16.16
N ALA A 156 31.09 -35.68 -16.19
CA ALA A 156 30.98 -36.46 -17.43
C ALA A 156 30.40 -35.67 -18.60
N PHE A 157 29.41 -34.82 -18.32
CA PHE A 157 28.80 -33.95 -19.33
C PHE A 157 29.84 -33.05 -20.00
N TYR A 158 30.70 -32.44 -19.19
CA TYR A 158 31.73 -31.53 -19.68
C TYR A 158 32.87 -32.24 -20.37
N GLU A 159 33.15 -33.45 -19.93
CA GLU A 159 34.16 -34.29 -20.56
C GLU A 159 33.73 -34.71 -21.98
N GLU A 160 32.42 -34.96 -22.16
CA GLU A 160 31.85 -35.31 -23.46
C GLU A 160 31.74 -34.09 -24.40
N HIS A 161 31.11 -33.02 -23.93
CA HIS A 161 30.75 -31.92 -24.84
C HIS A 161 31.75 -30.76 -24.86
N PHE A 162 32.67 -30.71 -23.88
CA PHE A 162 33.64 -29.61 -23.76
C PHE A 162 35.07 -30.09 -23.43
N PRO A 163 35.61 -31.02 -24.25
CA PRO A 163 36.97 -31.47 -24.02
C PRO A 163 37.95 -30.30 -24.20
N ASP A 164 38.95 -30.23 -23.34
CA ASP A 164 39.90 -29.09 -23.28
C ASP A 164 39.24 -27.74 -22.97
N ARG A 165 37.96 -27.73 -22.59
CA ARG A 165 37.26 -26.46 -22.46
C ARG A 165 36.42 -26.44 -21.19
N TYR A 166 36.85 -27.22 -20.19
CA TYR A 166 36.18 -27.25 -18.89
C TYR A 166 37.15 -27.12 -17.71
N PHE A 167 37.01 -26.02 -16.98
CA PHE A 167 37.90 -25.68 -15.89
C PHE A 167 37.14 -25.65 -14.56
N LEU A 168 37.73 -26.28 -13.54
CA LEU A 168 37.13 -26.37 -12.23
C LEU A 168 37.50 -25.15 -11.41
N GLU A 169 36.48 -24.45 -10.91
CA GLU A 169 36.69 -23.25 -10.09
C GLU A 169 37.02 -23.51 -8.61
N LEU A 170 38.12 -22.93 -8.14
CA LEU A 170 38.58 -23.07 -6.77
C LEU A 170 38.56 -21.67 -6.13
N ILE A 171 38.05 -21.56 -4.91
CA ILE A 171 37.70 -20.26 -4.32
C ILE A 171 38.09 -20.17 -2.83
N ARG A 172 38.93 -19.19 -2.44
CA ARG A 172 39.12 -18.85 -1.01
C ARG A 172 38.56 -17.46 -0.69
N THR A 173 37.31 -17.39 -0.26
CA THR A 173 36.69 -16.15 0.21
C THR A 173 36.16 -16.23 1.65
N GLY A 174 36.55 -17.26 2.39
CA GLY A 174 36.18 -17.41 3.80
C GLY A 174 34.71 -17.64 4.10
N ARG A 175 34.02 -18.37 3.23
CA ARG A 175 32.59 -18.68 3.36
C ARG A 175 32.32 -20.16 3.73
N PRO A 176 31.11 -20.48 4.26
CA PRO A 176 30.90 -21.83 4.81
C PRO A 176 31.21 -22.96 3.84
N ASP A 177 32.02 -23.91 4.31
CA ASP A 177 32.33 -25.19 3.61
C ASP A 177 33.30 -25.12 2.44
N GLU A 178 33.89 -23.94 2.24
CA GLU A 178 34.72 -23.68 1.07
C GLU A 178 36.01 -24.48 1.11
N GLU A 179 36.65 -24.59 2.27
CA GLU A 179 37.91 -25.36 2.42
C GLU A 179 37.71 -26.88 2.25
N SER A 180 36.64 -27.41 2.86
CA SER A 180 36.28 -28.83 2.73
C SER A 180 35.96 -29.16 1.26
N TYR A 181 35.17 -28.32 0.61
CA TYR A 181 34.89 -28.48 -0.84
C TYR A 181 36.18 -28.43 -1.66
N LEU A 182 37.00 -27.41 -1.38
CA LEU A 182 38.25 -27.14 -2.12
C LEU A 182 39.15 -28.36 -2.03
N HIS A 183 39.28 -28.91 -0.83
CA HIS A 183 40.13 -30.06 -0.63
C HIS A 183 39.66 -31.25 -1.48
N ALA A 184 38.36 -31.51 -1.44
CA ALA A 184 37.74 -32.59 -2.26
C ALA A 184 37.74 -32.32 -3.78
N ALA A 185 37.61 -31.05 -4.17
CA ALA A 185 37.62 -30.66 -5.60
C ALA A 185 39.00 -30.79 -6.24
N VAL A 186 40.03 -30.44 -5.46
CA VAL A 186 41.43 -30.55 -5.89
C VAL A 186 41.82 -32.02 -6.06
N GLU A 187 41.32 -32.90 -5.20
CA GLU A 187 41.50 -34.34 -5.34
C GLU A 187 40.80 -34.87 -6.60
N LEU A 188 39.58 -34.42 -6.83
CA LEU A 188 38.85 -34.80 -8.06
C LEU A 188 39.57 -34.30 -9.32
N ALA A 189 40.03 -33.06 -9.27
CA ALA A 189 40.74 -32.43 -10.40
C ALA A 189 42.04 -33.14 -10.82
N GLU A 190 42.80 -33.64 -9.85
CA GLU A 190 44.01 -34.42 -10.11
C GLU A 190 43.63 -35.82 -10.59
N ALA A 191 42.59 -36.40 -10.00
CA ALA A 191 42.11 -37.73 -10.39
C ALA A 191 41.53 -37.79 -11.80
N ARG A 192 41.07 -36.67 -12.35
CA ARG A 192 40.51 -36.61 -13.72
C ARG A 192 41.45 -36.05 -14.82
N GLY A 193 42.48 -35.31 -14.39
CA GLY A 193 43.47 -34.70 -15.27
C GLY A 193 42.93 -33.50 -16.01
N LEU A 194 41.89 -32.87 -15.47
CA LEU A 194 41.22 -31.75 -16.12
C LEU A 194 41.77 -30.43 -15.56
N PRO A 195 41.67 -29.33 -16.35
CA PRO A 195 42.31 -28.07 -15.98
C PRO A 195 41.46 -27.12 -15.10
N VAL A 196 42.12 -26.37 -14.21
CA VAL A 196 41.44 -25.56 -13.17
C VAL A 196 41.84 -24.10 -13.31
N VAL A 197 40.94 -23.18 -12.95
CA VAL A 197 41.29 -21.76 -12.81
C VAL A 197 40.62 -21.17 -11.55
N ALA A 198 41.35 -20.32 -10.83
CA ALA A 198 40.83 -19.61 -9.65
C ALA A 198 40.50 -18.17 -10.04
N THR A 199 39.40 -17.65 -9.51
CA THR A 199 39.07 -16.22 -9.63
C THR A 199 38.69 -15.69 -8.27
N ASN A 200 38.42 -14.40 -8.18
CA ASN A 200 37.91 -13.86 -6.93
C ASN A 200 36.44 -13.49 -6.97
N ASP A 201 35.77 -13.79 -8.09
CA ASP A 201 34.34 -13.56 -8.20
C ASP A 201 34.01 -12.16 -7.65
N VAL A 202 34.65 -11.16 -8.24
CA VAL A 202 34.67 -9.79 -7.72
C VAL A 202 33.35 -9.06 -8.00
N ARG A 203 32.81 -8.37 -6.99
CA ARG A 203 31.62 -7.51 -7.18
C ARG A 203 31.84 -6.02 -6.86
N PHE A 204 32.99 -5.64 -6.30
CA PHE A 204 33.23 -4.24 -5.90
C PHE A 204 34.71 -3.84 -5.91
N ILE A 205 35.00 -2.54 -5.81
CA ILE A 205 36.40 -2.05 -5.93
C ILE A 205 37.22 -2.38 -4.68
N ASP A 206 36.80 -1.86 -3.52
CA ASP A 206 37.52 -2.04 -2.25
C ASP A 206 36.64 -2.73 -1.23
N SER A 207 37.30 -3.38 -0.27
CA SER A 207 36.65 -4.14 0.80
C SER A 207 35.63 -3.33 1.60
N SER A 208 35.87 -2.03 1.75
CA SER A 208 34.96 -1.14 2.47
C SER A 208 33.72 -0.78 1.67
N ASP A 209 33.67 -1.16 0.39
CA ASP A 209 32.48 -0.97 -0.43
C ASP A 209 31.39 -2.04 -0.19
N PHE A 210 31.77 -3.10 0.54
CA PHE A 210 30.94 -4.30 0.69
C PHE A 210 29.57 -3.97 1.30
N ASP A 211 29.58 -3.17 2.34
CA ASP A 211 28.36 -2.82 3.09
C ASP A 211 27.34 -2.09 2.21
N ALA A 212 27.84 -1.18 1.38
CA ALA A 212 27.03 -0.41 0.45
C ALA A 212 26.42 -1.27 -0.67
N HIS A 213 27.20 -2.23 -1.19
CA HIS A 213 26.71 -3.19 -2.15
C HIS A 213 25.64 -4.11 -1.54
N GLU A 214 25.82 -4.49 -0.28
CA GLU A 214 24.83 -5.30 0.43
C GLU A 214 23.48 -4.58 0.41
N ILE A 215 23.54 -3.28 0.68
CA ILE A 215 22.36 -2.44 0.69
C ILE A 215 21.78 -2.22 -0.70
N ARG A 216 22.64 -2.06 -1.71
CA ARG A 216 22.24 -2.01 -3.12
C ARG A 216 21.43 -3.22 -3.55
N VAL A 217 21.90 -4.39 -3.13
CA VAL A 217 21.23 -5.63 -3.49
C VAL A 217 19.86 -5.68 -2.80
N ALA A 218 19.85 -5.37 -1.51
CA ALA A 218 18.63 -5.33 -0.69
C ALA A 218 17.54 -4.38 -1.22
N ILE A 219 17.97 -3.26 -1.80
CA ILE A 219 17.08 -2.33 -2.50
C ILE A 219 16.42 -3.00 -3.70
N HIS A 220 17.18 -3.73 -4.49
CA HIS A 220 16.60 -4.47 -5.61
C HIS A 220 15.66 -5.57 -5.14
N ASP A 221 16.17 -6.40 -4.23
CA ASP A 221 15.43 -7.54 -3.69
C ASP A 221 14.21 -7.18 -2.84
N GLY A 222 14.17 -5.95 -2.31
CA GLY A 222 12.97 -5.43 -1.65
C GLY A 222 12.91 -5.69 -0.17
N PHE A 223 14.09 -5.75 0.44
CA PHE A 223 14.27 -6.03 1.86
C PHE A 223 14.63 -4.75 2.63
N THR A 224 14.34 -4.76 3.91
CA THR A 224 14.76 -3.66 4.79
C THR A 224 16.07 -4.12 5.46
N LEU A 225 16.95 -3.17 5.79
CA LEU A 225 18.28 -3.49 6.35
C LEU A 225 18.18 -4.44 7.57
N ASP A 226 17.29 -4.11 8.50
CA ASP A 226 17.15 -4.89 9.73
C ASP A 226 16.27 -6.16 9.62
N ASP A 227 15.83 -6.53 8.41
CA ASP A 227 15.13 -7.81 8.17
C ASP A 227 16.06 -9.02 8.33
N PRO A 228 15.75 -9.93 9.28
CA PRO A 228 16.56 -11.14 9.48
C PRO A 228 16.58 -12.11 8.29
N LYS A 229 15.52 -12.08 7.49
CA LYS A 229 15.43 -12.94 6.31
C LYS A 229 16.21 -12.41 5.14
N ARG A 230 16.90 -11.28 5.33
CA ARG A 230 17.77 -10.74 4.31
C ARG A 230 18.89 -11.72 3.95
N PRO A 231 19.06 -12.03 2.65
CA PRO A 231 20.14 -12.96 2.29
C PRO A 231 21.52 -12.33 2.52
N ARG A 232 22.42 -13.10 3.10
CA ARG A 232 23.81 -12.66 3.31
C ARG A 232 24.78 -13.56 2.52
N ASN A 233 24.69 -13.51 1.20
CA ASN A 233 25.43 -14.41 0.33
C ASN A 233 26.86 -13.97 -0.05
N TYR A 234 27.32 -12.83 0.43
CA TYR A 234 28.58 -12.21 -0.06
C TYR A 234 29.55 -11.90 1.08
N SER A 235 30.84 -11.78 0.79
CA SER A 235 31.85 -11.53 1.80
C SER A 235 32.63 -10.26 1.49
N PRO A 236 33.25 -9.67 2.53
CA PRO A 236 34.04 -8.46 2.33
C PRO A 236 35.29 -8.64 1.45
N GLN A 237 35.66 -9.89 1.16
CA GLN A 237 36.85 -10.16 0.35
C GLN A 237 36.62 -10.01 -1.15
N GLN A 238 35.37 -9.78 -1.56
CA GLN A 238 34.99 -9.79 -2.98
C GLN A 238 35.28 -8.51 -3.77
N TYR A 239 36.45 -7.91 -3.51
CA TYR A 239 36.84 -6.62 -4.07
C TYR A 239 37.96 -6.85 -5.07
N MET A 240 38.41 -5.79 -5.76
CA MET A 240 39.50 -5.89 -6.75
C MET A 240 40.85 -6.03 -6.06
N ARG A 241 41.15 -7.25 -5.64
CA ARG A 241 42.49 -7.57 -5.15
C ARG A 241 43.53 -7.46 -6.27
N SER A 242 44.72 -7.01 -5.93
CA SER A 242 45.83 -6.91 -6.88
C SER A 242 46.37 -8.28 -7.29
N GLU A 243 47.29 -8.26 -8.25
CA GLU A 243 48.05 -9.44 -8.67
C GLU A 243 48.67 -10.18 -7.49
N GLU A 244 49.45 -9.43 -6.71
CA GLU A 244 50.19 -10.00 -5.60
C GLU A 244 49.26 -10.56 -4.53
N GLU A 245 48.19 -9.83 -4.22
CA GLU A 245 47.22 -10.29 -3.22
C GLU A 245 46.58 -11.61 -3.60
N MET A 246 46.24 -11.77 -4.88
CA MET A 246 45.78 -13.05 -5.40
C MET A 246 46.88 -14.12 -5.43
N CYS A 247 48.10 -13.74 -5.76
CA CYS A 247 49.23 -14.68 -5.72
C CYS A 247 49.49 -15.30 -4.33
N GLU A 248 49.22 -14.54 -3.28
CA GLU A 248 49.40 -15.04 -1.91
C GLU A 248 48.18 -15.79 -1.38
N LEU A 249 46.98 -15.37 -1.77
CA LEU A 249 45.73 -16.11 -1.50
C LEU A 249 45.77 -17.58 -1.98
N PHE A 250 46.52 -17.81 -3.06
CA PHE A 250 46.58 -19.10 -3.71
C PHE A 250 48.03 -19.60 -3.87
N ALA A 251 48.89 -19.21 -2.93
CA ALA A 251 50.28 -19.66 -2.94
C ALA A 251 50.41 -21.16 -2.69
N ASP A 252 49.29 -21.82 -2.40
CA ASP A 252 49.21 -23.29 -2.37
C ASP A 252 48.80 -23.91 -3.72
N ILE A 253 48.17 -23.14 -4.61
CA ILE A 253 47.77 -23.60 -5.95
C ILE A 253 48.27 -22.60 -7.04
N PRO A 254 49.58 -22.61 -7.35
CA PRO A 254 50.14 -21.70 -8.41
C PRO A 254 49.63 -21.93 -9.85
N GLU A 255 49.34 -23.19 -10.17
CA GLU A 255 48.70 -23.55 -11.46
C GLU A 255 47.41 -22.74 -11.70
N ALA A 256 46.68 -22.43 -10.61
CA ALA A 256 45.41 -21.71 -10.68
C ALA A 256 45.58 -20.28 -11.18
N LEU A 257 46.65 -19.62 -10.73
CA LEU A 257 47.04 -18.28 -11.21
C LEU A 257 47.50 -18.33 -12.67
N ALA A 258 48.46 -19.22 -12.94
CA ALA A 258 49.01 -19.41 -14.29
C ALA A 258 47.94 -19.76 -15.34
N ASN A 259 46.97 -20.57 -14.93
CA ASN A 259 45.84 -20.91 -15.81
C ASN A 259 44.94 -19.74 -16.16
N THR A 260 45.00 -18.62 -15.43
CA THR A 260 44.26 -17.39 -15.81
C THR A 260 44.89 -16.71 -17.02
N VAL A 261 46.22 -16.65 -17.01
CA VAL A 261 46.99 -16.08 -18.12
C VAL A 261 46.75 -16.91 -19.38
N GLU A 262 46.92 -18.23 -19.25
CA GLU A 262 46.60 -19.18 -20.34
C GLU A 262 45.16 -19.05 -20.92
N ILE A 263 44.15 -19.03 -20.05
CA ILE A 263 42.76 -18.91 -20.54
C ILE A 263 42.52 -17.55 -21.22
N ALA A 264 43.09 -16.49 -20.64
CA ALA A 264 43.00 -15.15 -21.24
C ALA A 264 43.52 -15.08 -22.69
N LYS A 265 44.57 -15.86 -22.97
CA LYS A 265 45.15 -15.97 -24.32
C LYS A 265 44.21 -16.70 -25.31
N ARG A 266 43.53 -17.75 -24.82
CA ARG A 266 42.52 -18.49 -25.61
C ARG A 266 41.27 -17.70 -26.02
N CYS A 267 41.01 -16.58 -25.34
CA CYS A 267 39.75 -15.89 -25.46
C CYS A 267 39.90 -14.67 -26.35
N ASN A 268 39.48 -14.75 -27.60
CA ASN A 268 39.69 -13.68 -28.58
C ASN A 268 38.48 -13.45 -29.47
N VAL A 269 37.63 -12.54 -29.05
CA VAL A 269 36.37 -12.27 -29.74
C VAL A 269 36.42 -10.95 -30.51
N THR A 270 35.88 -10.95 -31.73
CA THR A 270 35.72 -9.72 -32.52
C THR A 270 34.29 -9.57 -33.06
N VAL A 271 33.39 -9.18 -32.17
CA VAL A 271 31.99 -8.90 -32.51
C VAL A 271 31.90 -7.84 -33.60
N ARG A 272 30.78 -7.81 -34.30
CA ARG A 272 30.50 -6.81 -35.35
C ARG A 272 30.35 -5.41 -34.79
N LEU A 273 31.17 -4.49 -35.30
CA LEU A 273 31.12 -3.07 -34.96
C LEU A 273 31.07 -2.29 -36.26
N GLY A 274 30.25 -1.23 -36.29
CA GLY A 274 30.29 -0.23 -37.37
C GLY A 274 29.62 -0.59 -38.69
N GLU A 275 28.69 -1.54 -38.65
CA GLU A 275 28.05 -2.05 -39.85
C GLU A 275 26.60 -1.57 -39.95
N TYR A 276 25.88 -2.03 -40.97
CA TYR A 276 24.46 -1.71 -41.15
C TYR A 276 23.79 -2.85 -41.89
N PHE A 277 22.54 -3.11 -41.62
CA PHE A 277 21.99 -4.23 -42.32
C PHE A 277 20.55 -3.92 -42.58
N LEU A 278 20.28 -3.44 -43.80
CA LEU A 278 18.89 -3.33 -44.28
C LEU A 278 18.40 -4.71 -44.76
N PRO A 279 17.07 -4.91 -44.87
CA PRO A 279 16.55 -6.22 -45.25
C PRO A 279 16.24 -6.30 -46.75
N GLN A 280 15.03 -5.91 -47.18
CA GLN A 280 14.71 -5.62 -48.60
C GLN A 280 13.24 -5.23 -48.67
N PHE A 281 12.46 -5.84 -49.58
CA PHE A 281 11.15 -5.36 -50.01
C PHE A 281 10.75 -6.02 -51.34
N PRO A 282 9.49 -6.50 -51.45
CA PRO A 282 8.99 -7.07 -52.72
C PRO A 282 8.87 -6.04 -53.88
N THR A 283 9.95 -5.89 -54.64
CA THR A 283 10.03 -4.89 -55.73
C THR A 283 9.82 -5.45 -57.16
N GLY A 284 9.23 -6.65 -57.27
CA GLY A 284 9.14 -7.37 -58.54
C GLY A 284 10.51 -7.69 -59.11
N ASP A 285 10.64 -7.60 -60.43
CA ASP A 285 11.95 -7.70 -61.11
C ASP A 285 12.70 -6.34 -61.18
N MET A 286 12.23 -5.35 -60.41
CA MET A 286 12.79 -4.00 -60.46
C MET A 286 13.86 -3.84 -59.38
N SER A 287 14.81 -2.96 -59.66
CA SER A 287 15.79 -2.51 -58.66
C SER A 287 15.04 -1.96 -57.43
N THR A 288 15.73 -1.92 -56.29
CA THR A 288 15.22 -1.28 -55.07
C THR A 288 15.16 0.25 -55.29
N GLU A 289 16.29 0.79 -55.78
CA GLU A 289 16.40 2.15 -56.33
C GLU A 289 15.19 2.57 -57.17
N ASP A 290 14.93 1.79 -58.21
CA ASP A 290 13.95 2.10 -59.26
C ASP A 290 12.50 1.99 -58.78
N TYR A 291 12.22 1.05 -57.88
CA TYR A 291 10.91 0.95 -57.23
C TYR A 291 10.58 2.21 -56.43
N LEU A 292 11.57 2.71 -55.69
CA LEU A 292 11.43 3.98 -54.97
C LEU A 292 11.18 5.17 -55.91
N VAL A 293 12.00 5.29 -56.95
CA VAL A 293 11.87 6.38 -57.91
C VAL A 293 10.44 6.37 -58.48
N LYS A 294 9.96 5.18 -58.84
CA LYS A 294 8.62 5.03 -59.38
C LYS A 294 7.52 5.49 -58.43
N ARG A 295 7.46 4.90 -57.25
CA ARG A 295 6.43 5.25 -56.27
C ARG A 295 6.50 6.71 -55.81
N ALA A 296 7.68 7.32 -55.82
CA ALA A 296 7.85 8.74 -55.48
C ALA A 296 7.40 9.70 -56.57
N LYS A 297 7.73 9.41 -57.83
CA LYS A 297 7.28 10.24 -58.97
C LYS A 297 5.75 10.21 -59.11
N GLU A 298 5.18 9.04 -58.84
CA GLU A 298 3.76 8.77 -58.98
C GLU A 298 3.00 9.21 -57.73
N GLY A 299 3.67 9.21 -56.57
CA GLY A 299 3.13 9.80 -55.36
C GLY A 299 3.09 11.31 -55.49
N LEU A 300 4.13 11.88 -56.09
CA LEU A 300 4.16 13.30 -56.42
C LEU A 300 3.06 13.70 -57.41
N GLU A 301 2.69 12.80 -58.32
CA GLU A 301 1.59 13.08 -59.24
C GLU A 301 0.24 13.23 -58.54
N GLU A 302 0.02 12.42 -57.50
CA GLU A 302 -1.19 12.53 -56.68
C GLU A 302 -1.23 13.85 -55.96
N ARG A 303 -0.15 14.15 -55.24
CA ARG A 303 -0.03 15.39 -54.49
C ARG A 303 -0.24 16.61 -55.39
N LEU A 304 0.43 16.62 -56.56
CA LEU A 304 0.32 17.72 -57.52
C LEU A 304 -1.10 17.99 -57.98
N ALA A 305 -1.87 16.94 -58.23
CA ALA A 305 -3.28 17.09 -58.65
C ALA A 305 -4.21 17.48 -57.49
N PHE A 306 -3.82 17.12 -56.27
CA PHE A 306 -4.53 17.57 -55.07
C PHE A 306 -4.18 19.02 -54.76
N LEU A 307 -2.91 19.39 -54.80
CA LEU A 307 -2.48 20.76 -54.46
C LEU A 307 -2.84 21.75 -55.55
N PHE A 308 -2.58 21.38 -56.80
CA PHE A 308 -2.84 22.29 -57.94
C PHE A 308 -3.79 21.60 -58.94
N PRO A 309 -5.11 21.55 -58.61
CA PRO A 309 -6.05 20.84 -59.46
C PRO A 309 -6.40 21.55 -60.77
N ASP A 310 -5.87 22.76 -60.99
CA ASP A 310 -5.82 23.36 -62.31
C ASP A 310 -4.54 22.92 -63.04
N GLU A 311 -4.73 22.19 -64.14
CA GLU A 311 -3.64 21.52 -64.87
C GLU A 311 -2.71 22.48 -65.58
N GLU A 312 -3.21 23.68 -65.91
CA GLU A 312 -2.38 24.73 -66.51
C GLU A 312 -1.33 25.19 -65.50
N GLU A 313 -1.79 25.51 -64.30
CA GLU A 313 -0.89 25.92 -63.21
C GLU A 313 0.06 24.80 -62.78
N ARG A 314 -0.44 23.56 -62.69
CA ARG A 314 0.40 22.42 -62.33
C ARG A 314 1.60 22.31 -63.28
N LEU A 315 1.40 22.55 -64.57
CA LEU A 315 2.50 22.52 -65.54
C LEU A 315 3.56 23.61 -65.31
N LYS A 316 3.12 24.85 -65.08
CA LYS A 316 4.06 25.98 -64.85
C LYS A 316 4.79 25.94 -63.50
N ARG A 317 4.11 25.40 -62.48
CA ARG A 317 4.67 25.29 -61.12
C ARG A 317 5.54 24.02 -60.95
N ARG A 318 5.36 23.05 -61.84
CA ARG A 318 5.94 21.70 -61.77
C ARG A 318 7.47 21.54 -61.83
N PRO A 319 8.16 22.21 -62.80
CA PRO A 319 9.60 21.93 -63.01
C PRO A 319 10.47 21.94 -61.74
N GLU A 320 10.28 22.95 -60.91
CA GLU A 320 10.95 23.09 -59.59
C GLU A 320 10.89 21.82 -58.74
N TYR A 321 9.73 21.16 -58.72
CA TYR A 321 9.48 19.96 -57.92
C TYR A 321 10.18 18.73 -58.52
N ASP A 322 10.07 18.56 -59.83
CA ASP A 322 10.74 17.47 -60.57
C ASP A 322 12.25 17.53 -60.42
N GLU A 323 12.80 18.74 -60.55
CA GLU A 323 14.24 18.97 -60.37
C GLU A 323 14.67 18.73 -58.92
N ARG A 324 13.88 19.21 -57.96
CA ARG A 324 14.16 18.91 -56.56
C ARG A 324 14.05 17.42 -56.32
N LEU A 325 13.01 16.79 -56.87
CA LEU A 325 12.79 15.36 -56.66
C LEU A 325 14.00 14.56 -57.11
N GLU A 326 14.43 14.76 -58.36
CA GLU A 326 15.59 14.01 -58.88
C GLU A 326 16.91 14.35 -58.20
N THR A 327 17.07 15.58 -57.71
CA THR A 327 18.29 15.96 -56.99
C THR A 327 18.38 15.17 -55.66
N GLU A 328 17.27 15.08 -54.95
CA GLU A 328 17.18 14.26 -53.74
C GLU A 328 17.34 12.77 -54.07
N LEU A 329 16.57 12.30 -55.05
CA LEU A 329 16.67 10.90 -55.51
C LEU A 329 18.09 10.45 -55.79
N GLN A 330 18.89 11.35 -56.34
CA GLN A 330 20.29 11.05 -56.65
C GLN A 330 21.13 10.82 -55.39
N VAL A 331 20.92 11.62 -54.37
CA VAL A 331 21.67 11.45 -53.11
C VAL A 331 21.23 10.19 -52.34
N ILE A 332 19.93 9.91 -52.32
CA ILE A 332 19.41 8.71 -51.66
C ILE A 332 19.93 7.39 -52.27
N ASN A 333 19.98 7.35 -53.60
CA ASN A 333 20.40 6.15 -54.34
C ASN A 333 21.91 5.97 -54.33
N GLN A 334 22.63 7.07 -54.41
CA GLN A 334 24.08 7.05 -54.44
C GLN A 334 24.69 6.89 -53.03
N MET A 335 23.89 7.14 -51.99
CA MET A 335 24.29 6.79 -50.63
C MET A 335 23.92 5.34 -50.29
N GLY A 336 22.97 4.77 -51.02
CA GLY A 336 22.72 3.32 -50.94
C GLY A 336 21.77 2.92 -49.85
N PHE A 337 20.65 3.63 -49.76
CA PHE A 337 19.62 3.35 -48.76
C PHE A 337 18.23 2.96 -49.30
N PRO A 338 18.12 2.45 -50.55
CA PRO A 338 16.73 2.34 -51.07
C PRO A 338 15.80 1.38 -50.29
N GLY A 339 16.35 0.32 -49.71
CA GLY A 339 15.58 -0.61 -48.89
C GLY A 339 14.97 0.07 -47.69
N TYR A 340 15.77 0.93 -47.06
CA TYR A 340 15.36 1.67 -45.87
C TYR A 340 14.14 2.54 -46.14
N PHE A 341 14.22 3.35 -47.20
CA PHE A 341 13.13 4.23 -47.53
C PHE A 341 11.89 3.46 -47.89
N LEU A 342 12.04 2.32 -48.55
CA LEU A 342 10.93 1.42 -48.93
C LEU A 342 10.17 0.83 -47.74
N ILE A 343 10.93 0.38 -46.74
CA ILE A 343 10.37 -0.18 -45.49
C ILE A 343 9.43 0.84 -44.87
N VAL A 344 10.03 2.01 -44.61
CA VAL A 344 9.41 3.12 -43.92
C VAL A 344 8.17 3.63 -44.68
N MET A 345 8.27 3.83 -46.00
CA MET A 345 7.11 4.32 -46.76
C MET A 345 5.97 3.32 -46.69
N GLU A 346 6.29 2.03 -46.70
CA GLU A 346 5.25 1.02 -46.74
C GLU A 346 4.56 1.03 -45.40
N PHE A 347 5.39 1.03 -44.36
CA PHE A 347 4.97 1.10 -42.98
C PHE A 347 4.02 2.27 -42.72
N ILE A 348 4.39 3.45 -43.22
CA ILE A 348 3.63 4.69 -42.99
C ILE A 348 2.29 4.60 -43.68
N GLN A 349 2.30 4.07 -44.88
CA GLN A 349 1.08 3.96 -45.69
C GLN A 349 0.11 2.97 -45.10
N TRP A 350 0.62 1.79 -44.76
CA TRP A 350 -0.21 0.77 -44.19
C TRP A 350 -0.90 1.25 -42.91
N SER A 351 -0.16 1.90 -42.03
CA SER A 351 -0.76 2.44 -40.82
C SER A 351 -1.81 3.56 -41.05
N LYS A 352 -1.76 4.23 -42.19
CA LYS A 352 -2.83 5.18 -42.55
C LYS A 352 -4.08 4.46 -43.01
N ASP A 353 -3.90 3.44 -43.86
CA ASP A 353 -5.01 2.61 -44.40
C ASP A 353 -5.80 1.96 -43.30
N ASN A 354 -5.06 1.35 -42.39
CA ASN A 354 -5.59 0.79 -41.16
C ASN A 354 -5.60 1.92 -40.12
N GLY A 355 -6.04 1.67 -38.89
CA GLY A 355 -6.33 2.75 -37.95
C GLY A 355 -5.20 3.29 -37.09
N VAL A 356 -4.05 3.61 -37.68
CA VAL A 356 -2.90 4.19 -36.93
C VAL A 356 -2.64 5.67 -37.36
N PRO A 357 -3.20 6.69 -36.61
CA PRO A 357 -2.71 8.04 -36.89
C PRO A 357 -1.22 8.22 -36.52
N VAL A 358 -0.44 8.84 -37.41
CA VAL A 358 1.00 9.06 -37.19
C VAL A 358 1.27 10.51 -36.83
N GLY A 359 2.09 10.72 -35.82
CA GLY A 359 2.37 12.04 -35.31
C GLY A 359 3.25 12.82 -36.29
N PRO A 360 3.39 14.15 -36.07
CA PRO A 360 4.14 14.98 -37.00
C PRO A 360 5.61 14.64 -37.13
N GLY A 361 6.19 14.06 -36.06
CA GLY A 361 7.63 13.83 -35.93
C GLY A 361 8.18 12.96 -37.03
N ARG A 362 9.36 13.36 -37.53
CA ARG A 362 10.11 12.72 -38.62
C ARG A 362 11.58 13.23 -38.57
N GLY A 363 12.10 13.55 -37.38
CA GLY A 363 13.31 14.37 -37.26
C GLY A 363 13.11 15.71 -37.96
N SER A 364 14.03 16.06 -38.84
CA SER A 364 13.87 17.19 -39.76
C SER A 364 13.42 16.71 -41.16
N GLY A 365 12.71 15.58 -41.18
CA GLY A 365 12.34 14.91 -42.42
C GLY A 365 11.29 15.63 -43.27
N ALA A 366 10.61 16.62 -42.69
CA ALA A 366 9.71 17.51 -43.44
C ALA A 366 10.40 18.35 -44.53
N GLY A 367 11.73 18.46 -44.47
CA GLY A 367 12.53 19.01 -45.56
C GLY A 367 12.65 18.17 -46.83
N SER A 368 12.11 16.95 -46.82
CA SER A 368 12.08 16.06 -47.97
C SER A 368 10.72 16.09 -48.67
N LEU A 369 10.75 16.49 -49.94
CA LEU A 369 9.56 16.53 -50.80
C LEU A 369 9.23 15.10 -51.24
N VAL A 370 10.26 14.24 -51.29
CA VAL A 370 10.06 12.82 -51.58
C VAL A 370 9.27 12.16 -50.44
N ALA A 371 9.64 12.47 -49.19
CA ALA A 371 8.89 11.99 -48.04
C ALA A 371 7.43 12.41 -48.18
N TYR A 372 7.20 13.69 -48.51
CA TYR A 372 5.87 14.22 -48.78
C TYR A 372 5.15 13.48 -49.93
N ALA A 373 5.84 13.35 -51.06
CA ALA A 373 5.31 12.66 -52.25
C ALA A 373 4.86 11.24 -51.93
N LEU A 374 5.65 10.57 -51.09
CA LEU A 374 5.39 9.20 -50.66
C LEU A 374 4.39 9.08 -49.50
N LYS A 375 3.87 10.21 -49.02
CA LYS A 375 3.03 10.30 -47.82
C LYS A 375 3.75 9.88 -46.52
N ILE A 376 5.08 9.99 -46.52
CA ILE A 376 5.90 9.82 -45.32
C ILE A 376 5.64 11.03 -44.44
N THR A 377 5.64 12.21 -45.06
CA THR A 377 5.41 13.48 -44.37
C THR A 377 4.16 14.15 -44.92
N ASP A 378 3.79 15.29 -44.33
CA ASP A 378 2.50 15.93 -44.59
C ASP A 378 2.63 17.36 -45.17
N LEU A 379 3.85 17.81 -45.47
CA LEU A 379 4.12 19.24 -45.73
C LEU A 379 4.73 19.42 -47.10
N ASP A 380 4.34 20.45 -47.84
CA ASP A 380 5.05 20.82 -49.07
C ASP A 380 6.32 21.61 -48.70
N PRO A 381 7.51 20.97 -48.83
CA PRO A 381 8.73 21.65 -48.40
C PRO A 381 9.16 22.80 -49.30
N LEU A 382 8.78 22.76 -50.57
CA LEU A 382 9.11 23.84 -51.49
C LEU A 382 8.26 25.09 -51.24
N GLU A 383 7.05 24.91 -50.72
CA GLU A 383 6.22 26.04 -50.35
C GLU A 383 6.84 26.81 -49.19
N PHE A 384 7.41 26.09 -48.22
CA PHE A 384 7.90 26.72 -46.98
C PHE A 384 9.42 26.73 -46.79
N ASP A 385 10.18 26.51 -47.85
CA ASP A 385 11.66 26.49 -47.80
C ASP A 385 12.27 25.56 -46.72
N LEU A 386 11.75 24.32 -46.61
CA LEU A 386 12.24 23.32 -45.61
C LEU A 386 13.35 22.46 -46.23
N LEU A 387 14.41 22.14 -45.47
CA LEU A 387 15.67 21.71 -46.08
C LEU A 387 16.05 20.27 -45.76
N PHE A 388 16.25 19.55 -46.86
CA PHE A 388 16.50 18.15 -46.90
C PHE A 388 17.90 17.84 -46.36
N GLU A 389 18.85 18.75 -46.60
CA GLU A 389 20.25 18.54 -46.21
C GLU A 389 20.53 18.57 -44.71
N ARG A 390 19.56 19.00 -43.88
CA ARG A 390 19.65 18.80 -42.41
C ARG A 390 19.44 17.32 -42.04
N PHE A 391 18.71 16.62 -42.91
CA PHE A 391 18.15 15.31 -42.67
C PHE A 391 18.97 14.20 -43.33
N LEU A 392 19.29 14.41 -44.61
CA LEU A 392 20.35 13.63 -45.28
C LEU A 392 21.31 14.58 -45.99
N ASN A 393 22.53 14.69 -45.45
CA ASN A 393 23.62 15.42 -46.09
C ASN A 393 24.60 14.44 -46.73
N PRO A 394 24.65 14.39 -48.09
CA PRO A 394 25.60 13.51 -48.82
C PRO A 394 27.09 13.80 -48.62
N GLU A 395 27.40 15.06 -48.35
CA GLU A 395 28.76 15.50 -48.10
C GLU A 395 29.24 15.18 -46.68
N ARG A 396 28.41 14.49 -45.89
CA ARG A 396 28.82 14.03 -44.57
C ARG A 396 28.73 12.50 -44.47
N VAL A 397 29.83 11.87 -44.05
CA VAL A 397 29.89 10.41 -43.91
C VAL A 397 29.78 9.95 -42.44
N SER A 398 28.53 9.86 -42.00
CA SER A 398 28.12 8.94 -40.94
C SER A 398 26.62 8.73 -41.14
N MET A 399 26.10 7.60 -40.72
CA MET A 399 24.67 7.30 -41.04
C MET A 399 23.80 8.42 -40.47
N PRO A 400 22.84 8.95 -41.27
CA PRO A 400 22.07 10.07 -40.76
C PRO A 400 20.70 9.52 -40.32
N ASP A 401 20.71 8.85 -39.17
CA ASP A 401 19.52 8.13 -38.68
C ASP A 401 18.24 8.99 -38.83
N PHE A 402 17.46 8.55 -39.81
CA PHE A 402 16.22 9.14 -40.27
C PHE A 402 15.11 9.07 -39.19
N ASP A 403 15.25 8.17 -38.20
CA ASP A 403 14.38 8.12 -36.99
C ASP A 403 12.92 8.60 -37.17
N VAL A 404 12.13 7.91 -37.98
CA VAL A 404 10.70 8.24 -38.10
C VAL A 404 9.90 7.64 -36.94
N ASP A 405 9.02 8.42 -36.32
CA ASP A 405 8.22 7.94 -35.17
C ASP A 405 6.68 7.91 -35.38
N PHE A 406 5.96 7.16 -34.53
CA PHE A 406 4.52 6.92 -34.68
C PHE A 406 3.81 6.74 -33.32
N CYS A 407 2.47 6.70 -33.32
CA CYS A 407 1.69 6.70 -32.06
C CYS A 407 1.71 5.35 -31.30
N MET A 408 2.09 5.45 -30.02
CA MET A 408 2.29 4.32 -29.09
C MET A 408 1.04 3.50 -28.88
N GLU A 409 -0.09 4.17 -28.91
CA GLU A 409 -1.43 3.54 -28.85
C GLU A 409 -1.58 2.37 -29.79
N LYS A 410 -0.91 2.46 -30.93
CA LYS A 410 -1.13 1.51 -31.98
C LYS A 410 0.07 0.66 -32.30
N ARG A 411 0.91 0.50 -31.30
CA ARG A 411 2.05 -0.41 -31.28
C ARG A 411 1.75 -1.85 -31.71
N ASP A 412 0.61 -2.38 -31.29
CA ASP A 412 0.28 -3.79 -31.50
C ASP A 412 -0.02 -4.04 -32.96
N GLN A 413 -0.74 -3.09 -33.55
CA GLN A 413 -1.01 -3.08 -34.97
C GLN A 413 0.28 -2.98 -35.79
N VAL A 414 1.25 -2.19 -35.34
CA VAL A 414 2.57 -2.07 -36.06
C VAL A 414 3.50 -3.26 -35.83
N ILE A 415 3.60 -3.75 -34.60
CA ILE A 415 4.33 -4.98 -34.35
C ILE A 415 3.83 -6.05 -35.30
N GLU A 416 2.50 -6.14 -35.42
CA GLU A 416 1.83 -7.07 -36.34
C GLU A 416 2.31 -6.89 -37.78
N HIS A 417 2.28 -5.67 -38.29
CA HIS A 417 2.69 -5.43 -39.68
C HIS A 417 4.15 -5.82 -39.92
N VAL A 418 5.00 -5.53 -38.95
CA VAL A 418 6.45 -5.68 -39.11
C VAL A 418 6.89 -7.12 -38.83
N ALA A 419 6.03 -7.88 -38.16
CA ALA A 419 6.17 -9.32 -38.05
C ALA A 419 5.75 -10.02 -39.34
N ASP A 420 4.62 -9.61 -39.93
CA ASP A 420 4.16 -10.12 -41.24
C ASP A 420 5.21 -9.91 -42.33
N MET A 421 5.90 -8.78 -42.18
CA MET A 421 6.91 -8.30 -43.10
C MET A 421 8.20 -9.13 -42.96
N TYR A 422 8.75 -9.18 -41.74
CA TYR A 422 10.11 -9.72 -41.54
C TYR A 422 10.21 -11.02 -40.74
N GLY A 423 9.17 -11.34 -39.96
CA GLY A 423 9.19 -12.39 -38.94
C GLY A 423 9.23 -11.77 -37.54
N ARG A 424 8.31 -12.17 -36.68
CA ARG A 424 8.31 -11.73 -35.26
C ARG A 424 9.66 -11.95 -34.54
N ASP A 425 10.42 -12.98 -34.89
CA ASP A 425 11.72 -13.23 -34.24
C ASP A 425 12.84 -12.36 -34.81
N ALA A 426 12.61 -11.78 -35.99
CA ALA A 426 13.57 -10.88 -36.62
C ALA A 426 13.33 -9.42 -36.28
N VAL A 427 12.49 -9.18 -35.29
CA VAL A 427 12.01 -7.84 -34.94
C VAL A 427 12.18 -7.64 -33.44
N SER A 428 12.69 -6.49 -33.02
CA SER A 428 12.86 -6.24 -31.58
C SER A 428 12.67 -4.79 -31.16
N GLN A 429 12.18 -4.66 -29.94
CA GLN A 429 12.01 -3.39 -29.25
C GLN A 429 13.37 -3.07 -28.62
N ILE A 430 13.63 -1.79 -28.35
CA ILE A 430 14.94 -1.36 -27.81
C ILE A 430 14.81 -0.81 -26.39
N ILE A 431 15.59 -1.37 -25.49
CA ILE A 431 15.50 -1.10 -24.06
C ILE A 431 16.05 0.30 -23.74
N THR A 432 15.56 0.92 -22.65
CA THR A 432 16.13 2.15 -22.09
C THR A 432 16.52 1.83 -20.65
N PHE A 433 17.43 2.54 -20.00
CA PHE A 433 17.87 2.10 -18.66
C PHE A 433 17.60 3.03 -17.52
N GLY A 434 17.15 2.44 -16.41
CA GLY A 434 16.95 3.11 -15.14
C GLY A 434 18.22 3.14 -14.33
N THR A 435 18.69 4.34 -14.01
CA THR A 435 19.81 4.56 -13.07
C THR A 435 19.25 4.89 -11.67
N MET A 436 20.14 5.32 -10.76
CA MET A 436 19.75 5.75 -9.41
C MET A 436 20.12 7.21 -9.18
N ALA A 437 19.19 8.08 -9.55
CA ALA A 437 19.33 9.53 -9.41
C ALA A 437 18.84 10.04 -8.04
N ALA A 438 19.06 11.33 -7.81
CA ALA A 438 18.80 12.01 -6.53
C ALA A 438 17.50 11.64 -5.79
N LYS A 439 16.34 11.81 -6.42
CA LYS A 439 15.07 11.49 -5.74
C LYS A 439 14.91 9.99 -5.50
N ALA A 440 15.29 9.17 -6.48
CA ALA A 440 15.22 7.70 -6.36
C ALA A 440 16.13 7.13 -5.26
N VAL A 441 17.39 7.56 -5.25
CA VAL A 441 18.34 7.11 -4.21
C VAL A 441 17.90 7.51 -2.79
N ILE A 442 17.29 8.68 -2.63
CA ILE A 442 16.80 9.09 -1.32
C ILE A 442 15.67 8.13 -0.90
N ARG A 443 14.70 7.95 -1.81
CA ARG A 443 13.58 7.04 -1.63
C ARG A 443 14.06 5.62 -1.30
N ASP A 444 15.04 5.11 -2.05
CA ASP A 444 15.49 3.72 -1.91
C ASP A 444 16.18 3.48 -0.59
N VAL A 445 17.09 4.38 -0.24
CA VAL A 445 17.83 4.25 1.00
C VAL A 445 16.90 4.44 2.20
N GLY A 446 16.03 5.43 2.12
CA GLY A 446 15.04 5.72 3.16
C GLY A 446 14.15 4.54 3.55
N ARG A 447 13.70 3.81 2.54
CA ARG A 447 12.87 2.61 2.74
C ARG A 447 13.66 1.48 3.39
N VAL A 448 14.88 1.25 2.91
CA VAL A 448 15.76 0.23 3.46
C VAL A 448 16.17 0.56 4.91
N LEU A 449 16.23 1.86 5.23
CA LEU A 449 16.46 2.29 6.62
C LEU A 449 15.19 2.31 7.47
N GLY A 450 14.07 1.91 6.89
CA GLY A 450 12.88 1.60 7.66
C GLY A 450 11.96 2.79 7.97
N HIS A 451 12.11 3.86 7.20
CA HIS A 451 11.18 4.99 7.28
C HIS A 451 9.93 4.71 6.44
N PRO A 452 8.76 5.23 6.85
CA PRO A 452 7.65 5.24 5.91
C PRO A 452 7.86 6.29 4.85
N TYR A 453 7.11 6.18 3.78
CA TYR A 453 7.24 7.06 2.63
C TYR A 453 7.11 8.55 2.97
N GLY A 454 6.31 8.87 3.98
CA GLY A 454 6.09 10.26 4.38
C GLY A 454 7.33 11.02 4.81
N PHE A 455 8.17 10.36 5.60
CA PHE A 455 9.42 10.94 6.11
C PHE A 455 10.28 11.39 4.98
N VAL A 456 10.50 10.44 4.07
CA VAL A 456 11.49 10.55 3.02
C VAL A 456 11.02 11.58 1.99
N ASP A 457 9.71 11.57 1.70
CA ASP A 457 9.13 12.48 0.72
C ASP A 457 9.17 13.93 1.18
N ARG A 458 9.15 14.15 2.49
CA ARG A 458 9.30 15.51 2.98
C ARG A 458 10.70 16.05 2.73
N ILE A 459 11.66 15.16 2.50
CA ILE A 459 12.99 15.56 2.09
C ILE A 459 13.09 15.72 0.57
N SER A 460 12.60 14.73 -0.17
CA SER A 460 12.78 14.68 -1.62
C SER A 460 11.98 15.76 -2.34
N LYS A 461 10.86 16.21 -1.78
CA LYS A 461 10.08 17.30 -2.37
C LYS A 461 10.80 18.65 -2.31
N LEU A 462 11.86 18.75 -1.50
CA LEU A 462 12.68 19.96 -1.46
C LEU A 462 13.74 19.97 -2.57
N ILE A 463 14.02 18.79 -3.15
CA ILE A 463 14.93 18.68 -4.27
C ILE A 463 14.17 19.15 -5.52
N PRO A 464 14.68 20.15 -6.24
CA PRO A 464 13.99 20.55 -7.47
C PRO A 464 13.94 19.41 -8.52
N PRO A 465 12.97 19.46 -9.48
CA PRO A 465 12.71 18.35 -10.42
C PRO A 465 13.86 18.03 -11.40
N ASP A 466 14.51 19.09 -11.87
CA ASP A 466 15.72 19.09 -12.74
C ASP A 466 16.26 17.77 -13.26
N PRO A 467 16.44 17.66 -14.59
CA PRO A 467 16.89 16.42 -15.24
C PRO A 467 18.15 15.76 -14.66
N GLY A 468 19.22 16.53 -14.49
CA GLY A 468 20.54 15.96 -14.20
C GLY A 468 20.90 15.89 -12.73
N MET A 469 19.92 15.93 -11.84
CA MET A 469 20.17 16.20 -10.43
C MET A 469 21.10 15.19 -9.76
N THR A 470 22.07 15.72 -8.99
CA THR A 470 23.01 14.95 -8.16
C THR A 470 22.93 15.50 -6.72
N LEU A 471 23.52 14.77 -5.78
CA LEU A 471 23.50 15.20 -4.37
C LEU A 471 24.28 16.51 -4.15
N ALA A 472 25.42 16.61 -4.83
CA ALA A 472 26.22 17.83 -4.80
C ALA A 472 25.45 19.04 -5.35
N LYS A 473 24.75 18.86 -6.48
CA LYS A 473 23.87 19.92 -7.03
C LYS A 473 22.70 20.24 -6.10
N ALA A 474 22.18 19.23 -5.42
CA ALA A 474 21.04 19.40 -4.53
C ALA A 474 21.40 20.26 -3.33
N PHE A 475 22.58 20.02 -2.77
CA PHE A 475 23.13 20.81 -1.65
C PHE A 475 23.35 22.30 -1.95
N GLU A 476 23.64 22.62 -3.21
CA GLU A 476 23.86 24.01 -3.66
C GLU A 476 22.58 24.74 -4.02
N ALA A 477 21.57 23.99 -4.44
CA ALA A 477 20.28 24.57 -4.81
C ALA A 477 19.35 24.77 -3.61
N GLU A 478 19.53 23.96 -2.57
CA GLU A 478 18.59 23.87 -1.45
C GLU A 478 19.31 23.92 -0.09
N PRO A 479 19.24 25.05 0.62
CA PRO A 479 19.85 25.19 1.97
C PRO A 479 19.29 24.31 3.10
N GLN A 480 18.08 23.77 2.92
CA GLN A 480 17.46 22.87 3.91
C GLN A 480 18.14 21.51 3.93
N LEU A 481 18.79 21.15 2.84
CA LEU A 481 19.57 19.93 2.75
C LEU A 481 20.75 19.88 3.71
N PRO A 482 21.72 20.83 3.62
CA PRO A 482 22.73 20.92 4.67
C PRO A 482 22.18 20.86 6.09
N GLU A 483 21.12 21.64 6.34
CA GLU A 483 20.50 21.76 7.66
C GLU A 483 19.98 20.43 8.24
N ILE A 484 19.20 19.68 7.47
CA ILE A 484 18.61 18.44 7.99
C ILE A 484 19.65 17.32 8.08
N TYR A 485 20.67 17.38 7.22
CA TYR A 485 21.82 16.49 7.27
C TYR A 485 22.54 16.54 8.63
N GLU A 486 22.82 17.75 9.12
CA GLU A 486 23.53 17.92 10.40
C GLU A 486 22.64 17.70 11.62
N ALA A 487 21.33 17.90 11.45
CA ALA A 487 20.36 17.80 12.55
C ALA A 487 19.72 16.42 12.69
N ASP A 488 19.90 15.55 11.69
CA ASP A 488 19.26 14.24 11.70
C ASP A 488 20.19 13.09 11.32
N GLU A 489 20.50 12.28 12.35
CA GLU A 489 21.28 11.01 12.29
C GLU A 489 20.92 10.15 11.08
N GLU A 490 19.62 9.93 10.95
CA GLU A 490 19.05 9.03 9.94
C GLU A 490 19.29 9.55 8.54
N VAL A 491 19.11 10.86 8.39
CA VAL A 491 19.31 11.57 7.12
C VAL A 491 20.79 11.52 6.72
N LYS A 492 21.67 11.75 7.68
CA LYS A 492 23.10 11.72 7.43
C LYS A 492 23.57 10.35 6.93
N ALA A 493 23.31 9.33 7.74
CA ALA A 493 23.56 7.94 7.35
C ALA A 493 23.01 7.63 5.95
N LEU A 494 21.81 8.12 5.68
CA LEU A 494 21.15 7.88 4.39
C LEU A 494 21.83 8.54 3.22
N ILE A 495 22.19 9.82 3.36
CA ILE A 495 22.76 10.58 2.24
C ILE A 495 24.20 10.18 2.02
N ASP A 496 24.91 9.84 3.09
CA ASP A 496 26.29 9.38 2.97
C ASP A 496 26.35 8.12 2.15
N MET A 497 25.33 7.29 2.30
CA MET A 497 25.23 6.08 1.54
C MET A 497 24.67 6.28 0.15
N ALA A 498 23.67 7.15 0.01
CA ALA A 498 23.19 7.58 -1.31
C ALA A 498 24.30 8.19 -2.18
N ARG A 499 25.25 8.88 -1.54
CA ARG A 499 26.43 9.40 -2.26
C ARG A 499 27.34 8.31 -2.84
N LYS A 500 27.50 7.22 -2.11
CA LYS A 500 28.28 6.05 -2.58
C LYS A 500 27.63 5.32 -3.77
N LEU A 501 26.30 5.39 -3.89
CA LEU A 501 25.54 4.62 -4.89
C LEU A 501 24.93 5.50 -5.98
N GLU A 502 25.25 6.78 -5.99
CA GLU A 502 24.57 7.71 -6.89
C GLU A 502 24.81 7.33 -8.35
N GLY A 503 23.72 7.14 -9.08
CA GLY A 503 23.74 6.87 -10.51
C GLY A 503 23.85 5.41 -10.91
N VAL A 504 23.78 4.49 -9.95
CA VAL A 504 23.92 3.06 -10.26
C VAL A 504 22.62 2.50 -10.88
N THR A 505 22.72 1.44 -11.67
CA THR A 505 21.54 0.77 -12.29
C THR A 505 20.62 0.12 -11.24
N ARG A 506 19.42 -0.27 -11.65
CA ARG A 506 18.52 -0.97 -10.78
C ARG A 506 17.72 -2.07 -11.47
N ASN A 507 17.45 -1.93 -12.75
CA ASN A 507 16.47 -2.82 -13.40
C ASN A 507 16.52 -2.82 -14.91
N ALA A 508 15.73 -3.74 -15.47
CA ALA A 508 15.43 -3.83 -16.88
C ALA A 508 14.69 -2.58 -17.33
N GLY A 509 15.22 -1.94 -18.37
CA GLY A 509 14.61 -0.79 -18.98
C GLY A 509 13.22 -1.02 -19.47
N LYS A 510 12.44 0.02 -19.43
CA LYS A 510 11.06 -0.15 -19.11
C LYS A 510 10.18 -0.85 -20.25
N HIS A 511 10.17 -0.27 -21.46
CA HIS A 511 9.84 -0.94 -22.73
C HIS A 511 11.00 -0.58 -23.70
N ALA A 512 10.66 -0.65 -25.00
CA ALA A 512 11.21 0.17 -26.09
C ALA A 512 11.45 1.66 -25.84
N GLY A 513 12.54 2.15 -26.42
CA GLY A 513 12.66 3.53 -26.86
C GLY A 513 12.43 3.63 -28.37
N GLY A 514 12.94 2.62 -29.09
CA GLY A 514 12.63 2.39 -30.50
C GLY A 514 12.60 0.93 -30.90
N VAL A 515 12.10 0.67 -32.11
CA VAL A 515 11.97 -0.69 -32.65
C VAL A 515 12.99 -0.89 -33.76
N VAL A 516 13.61 -2.06 -33.78
CA VAL A 516 14.73 -2.32 -34.66
C VAL A 516 14.30 -3.33 -35.75
N ILE A 517 14.91 -3.22 -36.94
CA ILE A 517 14.63 -4.11 -38.07
C ILE A 517 15.94 -4.76 -38.48
N ALA A 518 16.05 -6.06 -38.22
CA ALA A 518 17.12 -6.85 -38.77
C ALA A 518 16.60 -7.56 -40.03
N PRO A 519 17.52 -7.99 -40.91
CA PRO A 519 17.18 -8.88 -42.03
C PRO A 519 17.02 -10.37 -41.64
N THR A 520 17.55 -10.75 -40.47
CA THR A 520 17.36 -12.07 -39.86
C THR A 520 16.93 -11.91 -38.39
N LYS A 521 16.76 -13.02 -37.70
CA LYS A 521 16.59 -13.01 -36.25
C LYS A 521 17.39 -11.87 -35.57
N ILE A 522 16.76 -11.09 -34.72
CA ILE A 522 17.49 -10.03 -34.04
C ILE A 522 18.62 -10.62 -33.17
N THR A 523 18.39 -11.82 -32.68
CA THR A 523 19.37 -12.54 -31.88
C THR A 523 20.67 -12.87 -32.64
N ASP A 524 20.65 -12.80 -33.97
CA ASP A 524 21.88 -12.77 -34.76
C ASP A 524 22.80 -11.57 -34.45
N PHE A 525 22.29 -10.55 -33.77
CA PHE A 525 23.04 -9.31 -33.52
C PHE A 525 23.11 -8.87 -32.07
N ALA A 526 22.01 -9.03 -31.32
CA ALA A 526 21.94 -8.56 -29.94
C ALA A 526 21.21 -9.57 -29.07
N PRO A 527 21.43 -9.52 -27.74
CA PRO A 527 20.60 -10.33 -26.86
C PRO A 527 19.26 -9.65 -26.62
N LEU A 528 18.28 -10.44 -26.20
CA LEU A 528 16.96 -9.94 -25.88
C LEU A 528 16.75 -9.88 -24.40
N TYR A 529 15.76 -9.09 -24.00
CA TYR A 529 15.02 -9.30 -22.77
C TYR A 529 13.58 -9.51 -23.19
N CYS A 530 12.86 -10.38 -22.51
CA CYS A 530 11.43 -10.66 -22.73
C CYS A 530 10.77 -10.81 -21.38
N ASP A 531 9.45 -10.66 -21.32
CA ASP A 531 8.73 -10.79 -20.05
C ASP A 531 8.54 -12.27 -19.64
N GLU A 532 7.73 -12.53 -18.62
CA GLU A 532 7.54 -13.91 -18.10
C GLU A 532 6.81 -14.84 -19.05
N GLU A 533 6.13 -14.26 -20.04
CA GLU A 533 5.46 -15.01 -21.08
C GLU A 533 6.31 -15.03 -22.36
N GLY A 534 7.59 -14.66 -22.24
CA GLY A 534 8.48 -14.49 -23.38
C GLY A 534 8.01 -13.48 -24.42
N LYS A 535 7.25 -12.47 -23.97
CA LYS A 535 6.70 -11.47 -24.85
C LYS A 535 7.41 -10.18 -24.63
N HIS A 536 7.05 -9.21 -25.46
CA HIS A 536 7.64 -7.88 -25.44
C HIS A 536 9.17 -7.96 -25.41
N PRO A 537 9.77 -8.55 -26.46
CA PRO A 537 11.22 -8.69 -26.51
C PRO A 537 11.92 -7.36 -26.74
N VAL A 538 13.01 -7.09 -26.01
CA VAL A 538 13.73 -5.85 -26.16
C VAL A 538 15.22 -6.14 -26.26
N THR A 539 15.93 -5.30 -27.02
CA THR A 539 17.36 -5.49 -27.24
C THR A 539 18.08 -5.16 -25.96
N GLN A 540 19.10 -5.96 -25.64
CA GLN A 540 19.83 -5.77 -24.39
C GLN A 540 20.80 -4.59 -24.44
N PHE A 541 21.08 -4.09 -25.63
CA PHE A 541 21.88 -2.87 -25.77
C PHE A 541 20.90 -1.70 -25.88
N ASP A 542 21.25 -0.56 -25.29
CA ASP A 542 20.40 0.65 -25.35
C ASP A 542 20.51 1.38 -26.69
N LYS A 543 19.78 2.48 -26.83
CA LYS A 543 19.60 3.16 -28.12
C LYS A 543 20.90 3.57 -28.80
N SER A 544 21.79 4.26 -28.09
CA SER A 544 23.08 4.62 -28.67
C SER A 544 23.94 3.39 -29.00
N ASP A 545 23.96 2.44 -28.09
CA ASP A 545 24.82 1.26 -28.20
C ASP A 545 24.35 0.31 -29.30
N VAL A 546 23.05 0.10 -29.37
CA VAL A 546 22.45 -0.87 -30.28
C VAL A 546 22.65 -0.44 -31.74
N GLU A 547 22.59 0.87 -31.98
CA GLU A 547 22.74 1.36 -33.32
C GLU A 547 24.20 1.41 -33.73
N TYR A 548 25.10 1.67 -32.79
CA TYR A 548 26.53 1.59 -33.07
C TYR A 548 27.00 0.15 -33.37
N ALA A 549 26.30 -0.83 -32.79
CA ALA A 549 26.47 -2.24 -33.16
C ALA A 549 25.78 -2.62 -34.49
N GLY A 550 25.24 -1.64 -35.20
CA GLY A 550 24.95 -1.77 -36.59
C GLY A 550 23.50 -1.84 -37.02
N LEU A 551 22.53 -1.88 -36.11
CA LEU A 551 21.12 -1.98 -36.55
C LEU A 551 20.31 -0.67 -36.43
N VAL A 552 19.50 -0.42 -37.46
CA VAL A 552 18.70 0.80 -37.60
C VAL A 552 17.49 0.71 -36.66
N LYS A 553 17.15 1.82 -36.02
CA LYS A 553 15.98 1.87 -35.11
C LYS A 553 14.86 2.84 -35.48
N PHE A 554 13.68 2.59 -34.94
CA PHE A 554 12.49 3.39 -35.24
C PHE A 554 11.77 3.73 -33.96
N ASP A 555 11.73 5.02 -33.62
CA ASP A 555 11.28 5.42 -32.29
C ASP A 555 9.77 5.47 -32.17
N PHE A 556 9.32 5.35 -30.93
CA PHE A 556 7.91 5.38 -30.58
C PHE A 556 7.50 6.80 -30.24
N LEU A 557 6.89 7.48 -31.22
CA LEU A 557 6.47 8.88 -31.04
C LEU A 557 5.59 8.99 -29.81
N GLY A 558 5.79 10.08 -29.09
CA GLY A 558 5.05 10.36 -27.89
C GLY A 558 4.06 11.47 -28.11
N LEU A 559 2.83 11.09 -28.44
CA LEU A 559 1.74 12.03 -28.47
C LEU A 559 0.39 11.39 -28.17
N ARG A 560 -0.45 12.12 -27.45
CA ARG A 560 -1.85 11.77 -27.32
C ARG A 560 -2.73 12.55 -28.29
N THR A 561 -2.12 13.49 -29.01
CA THR A 561 -2.81 14.39 -29.90
C THR A 561 -3.38 13.64 -31.10
N LEU A 562 -2.66 12.72 -31.71
CA LEU A 562 -3.23 11.91 -32.81
C LEU A 562 -4.33 10.93 -32.39
N THR A 563 -4.23 10.41 -31.17
CA THR A 563 -5.32 9.62 -30.62
C THR A 563 -6.59 10.47 -30.50
N ILE A 564 -6.39 11.68 -29.99
CA ILE A 564 -7.44 12.73 -29.88
C ILE A 564 -8.06 13.06 -31.24
N ILE A 565 -7.24 13.41 -32.23
CA ILE A 565 -7.68 13.72 -33.59
C ILE A 565 -8.52 12.55 -34.08
N ASN A 566 -7.93 11.36 -34.07
CA ASN A 566 -8.64 10.15 -34.46
C ASN A 566 -10.08 10.09 -33.90
N TRP A 567 -10.17 10.11 -32.57
CA TRP A 567 -11.48 9.97 -31.88
C TRP A 567 -12.47 11.11 -32.17
N ALA A 568 -11.92 12.32 -32.25
CA ALA A 568 -12.69 13.52 -32.58
C ALA A 568 -13.19 13.50 -34.01
N LEU A 569 -12.37 12.98 -34.93
CA LEU A 569 -12.80 12.77 -36.32
C LEU A 569 -13.92 11.75 -36.47
N GLU A 570 -13.85 10.66 -35.72
CA GLU A 570 -14.95 9.68 -35.68
C GLU A 570 -16.27 10.38 -35.30
N MET A 571 -16.17 11.25 -34.31
CA MET A 571 -17.30 11.94 -33.73
C MET A 571 -17.81 13.07 -34.63
N ILE A 572 -16.90 13.75 -35.30
CA ILE A 572 -17.23 14.78 -36.30
C ILE A 572 -17.90 14.15 -37.50
N ASN A 573 -17.34 13.05 -37.97
CA ASN A 573 -17.83 12.42 -39.21
C ASN A 573 -19.14 11.66 -39.01
N LYS A 574 -19.51 11.40 -37.77
CA LYS A 574 -20.86 10.98 -37.45
C LYS A 574 -21.89 12.07 -37.68
N ARG A 575 -21.52 13.31 -37.40
CA ARG A 575 -22.31 14.46 -37.85
C ARG A 575 -22.53 14.48 -39.38
N ARG A 576 -21.90 13.56 -40.11
CA ARG A 576 -22.35 13.13 -41.45
C ARG A 576 -23.85 12.88 -41.50
N ALA A 577 -24.27 11.66 -41.14
CA ALA A 577 -25.60 11.20 -41.47
C ALA A 577 -26.66 12.08 -40.83
N LYS A 578 -26.31 12.75 -39.73
CA LYS A 578 -27.15 13.74 -39.05
C LYS A 578 -27.61 14.86 -40.00
N ASN A 579 -26.73 15.24 -40.93
CA ASN A 579 -27.12 16.12 -42.04
C ASN A 579 -26.27 15.91 -43.31
N GLY A 580 -26.09 14.63 -43.67
CA GLY A 580 -25.49 14.27 -44.97
C GLY A 580 -24.21 14.99 -45.43
N GLU A 581 -23.30 15.26 -44.49
CA GLU A 581 -22.05 16.00 -44.75
C GLU A 581 -20.91 15.06 -45.13
N PRO A 582 -20.09 15.43 -46.13
CA PRO A 582 -18.95 14.56 -46.48
C PRO A 582 -17.98 14.35 -45.31
N PRO A 583 -17.27 13.20 -45.26
CA PRO A 583 -16.28 13.01 -44.19
C PRO A 583 -15.18 14.06 -44.26
N LEU A 584 -14.55 14.38 -43.14
CA LEU A 584 -13.65 15.53 -43.11
C LEU A 584 -12.22 15.03 -43.21
N ASP A 585 -11.44 15.69 -44.06
CA ASP A 585 -10.08 15.27 -44.36
C ASP A 585 -9.22 16.40 -43.86
N ILE A 586 -8.56 16.20 -42.73
CA ILE A 586 -7.72 17.26 -42.15
C ILE A 586 -6.64 17.78 -43.13
N ALA A 587 -6.13 16.92 -44.00
CA ALA A 587 -5.22 17.32 -45.08
C ALA A 587 -5.87 18.25 -46.12
N ALA A 588 -7.18 18.17 -46.30
CA ALA A 588 -7.91 18.98 -47.29
C ALA A 588 -8.38 20.37 -46.82
N ILE A 589 -7.98 20.82 -45.62
CA ILE A 589 -8.39 22.15 -45.12
C ILE A 589 -7.59 23.27 -45.82
N PRO A 590 -8.20 24.47 -46.00
CA PRO A 590 -7.44 25.64 -46.48
C PRO A 590 -6.45 26.12 -45.42
N LEU A 591 -5.30 26.65 -45.86
CA LEU A 591 -4.16 26.97 -44.96
C LEU A 591 -4.06 28.45 -44.52
N ASP A 592 -5.12 29.23 -44.78
CA ASP A 592 -5.19 30.69 -44.47
C ASP A 592 -6.44 31.07 -43.63
N ASP A 593 -7.02 30.08 -42.97
CA ASP A 593 -8.38 30.14 -42.42
C ASP A 593 -8.55 31.29 -41.44
N LYS A 594 -9.57 32.12 -41.66
CA LYS A 594 -9.73 33.33 -40.88
C LYS A 594 -10.31 33.05 -39.49
N LYS A 595 -11.35 32.22 -39.36
CA LYS A 595 -11.79 31.71 -38.06
C LYS A 595 -10.61 31.31 -37.19
N SER A 596 -9.72 30.48 -37.74
CA SER A 596 -8.50 30.08 -37.04
C SER A 596 -7.70 31.28 -36.56
N PHE A 597 -7.32 32.18 -37.48
CA PHE A 597 -6.54 33.38 -37.12
C PHE A 597 -7.31 34.38 -36.22
N ASP A 598 -8.64 34.42 -36.35
CA ASP A 598 -9.48 35.25 -35.48
C ASP A 598 -9.33 34.77 -34.04
N MET A 599 -9.56 33.48 -33.83
CA MET A 599 -9.45 32.85 -32.51
C MET A 599 -8.06 32.97 -31.89
N LEU A 600 -7.03 32.84 -32.73
CA LEU A 600 -5.63 33.05 -32.32
C LEU A 600 -5.32 34.49 -31.87
N GLN A 601 -5.79 35.46 -32.64
CA GLN A 601 -5.64 36.88 -32.27
C GLN A 601 -6.40 37.23 -31.00
N ARG A 602 -7.45 36.47 -30.72
CA ARG A 602 -8.17 36.52 -29.44
C ARG A 602 -7.47 35.78 -28.28
N SER A 603 -6.30 35.19 -28.53
CA SER A 603 -5.47 34.54 -27.49
C SER A 603 -6.11 33.32 -26.77
N GLU A 604 -7.10 32.67 -27.39
CA GLU A 604 -7.87 31.61 -26.74
C GLU A 604 -7.26 30.23 -27.02
N THR A 605 -5.96 30.11 -26.75
CA THR A 605 -5.15 28.97 -27.23
C THR A 605 -4.68 28.01 -26.13
N THR A 606 -5.40 27.97 -25.01
CA THR A 606 -5.12 26.89 -24.08
C THR A 606 -5.91 25.74 -24.66
N ALA A 607 -5.37 24.53 -24.50
CA ALA A 607 -5.95 23.35 -25.13
C ALA A 607 -5.62 23.30 -26.62
N VAL A 608 -4.85 24.29 -27.11
CA VAL A 608 -4.40 24.31 -28.48
C VAL A 608 -2.98 23.76 -28.45
N PHE A 609 -2.79 22.73 -29.25
CA PHE A 609 -1.61 21.91 -29.27
C PHE A 609 -0.32 22.72 -29.42
N GLN A 610 0.63 22.49 -28.51
CA GLN A 610 1.95 23.17 -28.45
C GLN A 610 1.94 24.52 -27.78
N LEU A 611 0.76 25.14 -27.67
CA LEU A 611 0.66 26.57 -27.31
C LEU A 611 -0.12 26.78 -26.00
N GLU A 612 0.06 25.84 -25.07
CA GLU A 612 -0.72 25.74 -23.86
C GLU A 612 -0.10 26.53 -22.71
N SER A 613 1.20 26.84 -22.81
CA SER A 613 1.92 27.61 -21.79
C SER A 613 1.27 28.98 -21.55
N ARG A 614 1.31 29.41 -20.30
CA ARG A 614 0.78 30.73 -19.89
C ARG A 614 1.66 31.79 -20.56
N GLY A 615 2.97 31.62 -20.41
CA GLY A 615 3.95 32.51 -21.03
C GLY A 615 3.75 32.65 -22.52
N MET A 616 3.53 31.51 -23.18
CA MET A 616 3.38 31.47 -24.64
C MET A 616 2.11 32.21 -25.06
N LYS A 617 1.04 32.04 -24.27
CA LYS A 617 -0.19 32.81 -24.43
C LYS A 617 0.01 34.31 -24.21
N ASP A 618 0.86 34.67 -23.25
CA ASP A 618 1.23 36.07 -23.04
C ASP A 618 1.86 36.65 -24.29
N LEU A 619 2.82 35.91 -24.86
CA LEU A 619 3.57 36.28 -26.05
C LEU A 619 2.65 36.44 -27.27
N ILE A 620 1.79 35.45 -27.49
CA ILE A 620 0.88 35.47 -28.62
C ILE A 620 -0.08 36.64 -28.56
N LYS A 621 -0.49 37.00 -27.36
CA LYS A 621 -1.38 38.15 -27.14
C LYS A 621 -0.75 39.44 -27.63
N ARG A 622 0.47 39.68 -27.20
CA ARG A 622 1.24 40.88 -27.61
C ARG A 622 1.62 40.83 -29.11
N LEU A 623 1.97 39.64 -29.59
CA LEU A 623 2.43 39.45 -30.98
C LEU A 623 1.29 39.48 -32.01
N GLN A 624 0.14 38.88 -31.70
CA GLN A 624 -0.99 38.80 -32.63
C GLN A 624 -0.58 38.19 -33.99
N PRO A 625 -0.13 36.91 -33.98
CA PRO A 625 0.37 36.25 -35.21
C PRO A 625 -0.76 35.99 -36.22
N ASP A 626 -0.61 36.49 -37.45
CA ASP A 626 -1.74 36.61 -38.41
C ASP A 626 -1.57 35.88 -39.74
N CYS A 627 -0.56 35.03 -39.85
CA CYS A 627 -0.33 34.24 -41.06
C CYS A 627 0.37 32.98 -40.66
N PHE A 628 0.39 32.01 -41.56
CA PHE A 628 0.86 30.67 -41.24
C PHE A 628 2.35 30.62 -40.88
N GLU A 629 3.12 31.43 -41.60
CA GLU A 629 4.56 31.58 -41.38
C GLU A 629 4.89 31.92 -39.93
N ASP A 630 4.08 32.82 -39.36
CA ASP A 630 4.21 33.24 -37.98
C ASP A 630 3.93 32.07 -37.04
N MET A 631 2.92 31.26 -37.40
CA MET A 631 2.61 30.07 -36.63
C MET A 631 3.72 29.02 -36.69
N ILE A 632 4.40 28.89 -37.83
CA ILE A 632 5.57 28.00 -37.90
C ILE A 632 6.68 28.52 -36.96
N ALA A 633 6.77 29.83 -36.84
CA ALA A 633 7.82 30.47 -36.05
C ALA A 633 7.72 30.33 -34.52
N LEU A 634 6.49 30.16 -34.02
CA LEU A 634 6.20 30.33 -32.58
C LEU A 634 7.06 29.52 -31.61
N VAL A 635 7.34 28.25 -31.91
CA VAL A 635 8.17 27.42 -31.01
C VAL A 635 9.64 27.86 -31.04
N ALA A 636 10.10 28.39 -32.16
CA ALA A 636 11.49 28.86 -32.29
C ALA A 636 11.65 30.23 -31.63
N LEU A 637 10.61 31.04 -31.68
CA LEU A 637 10.61 32.31 -30.96
C LEU A 637 10.51 32.14 -29.45
N PHE A 638 9.69 31.18 -28.99
CA PHE A 638 9.36 31.00 -27.56
C PHE A 638 10.49 30.27 -26.82
N ARG A 639 11.63 30.94 -26.67
CA ARG A 639 12.83 30.35 -26.05
C ARG A 639 13.64 31.43 -25.31
N PRO A 640 14.47 30.99 -24.32
CA PRO A 640 15.24 31.94 -23.50
C PRO A 640 16.19 32.83 -24.31
N GLY A 641 16.82 32.26 -25.34
CA GLY A 641 17.77 32.98 -26.18
C GLY A 641 17.14 34.14 -26.93
N PRO A 642 16.21 33.85 -27.87
CA PRO A 642 15.51 34.87 -28.65
C PRO A 642 14.88 36.03 -27.85
N LEU A 643 14.22 35.70 -26.74
CA LEU A 643 13.62 36.73 -25.86
C LEU A 643 14.66 37.60 -25.15
N GLN A 644 15.74 36.98 -24.67
CA GLN A 644 16.82 37.70 -23.99
C GLN A 644 17.99 38.00 -24.92
N SER A 645 17.68 38.26 -26.19
CA SER A 645 18.63 38.92 -27.09
C SER A 645 17.96 40.05 -27.90
N GLY A 646 16.74 40.42 -27.49
CA GLY A 646 16.01 41.50 -28.12
C GLY A 646 15.33 41.13 -29.42
N MET A 647 15.53 39.90 -29.89
CA MET A 647 15.08 39.50 -31.23
C MET A 647 13.56 39.40 -31.30
N VAL A 648 12.95 38.97 -30.20
CA VAL A 648 11.49 38.86 -30.09
C VAL A 648 10.84 40.25 -30.26
N ASP A 649 11.40 41.23 -29.56
CA ASP A 649 10.94 42.62 -29.60
C ASP A 649 11.13 43.23 -30.98
N ASN A 650 12.30 42.97 -31.58
CA ASN A 650 12.59 43.39 -32.95
C ASN A 650 11.59 42.81 -33.91
N PHE A 651 11.37 41.51 -33.82
CA PHE A 651 10.43 40.81 -34.69
C PHE A 651 9.04 41.44 -34.61
N ILE A 652 8.52 41.57 -33.39
CA ILE A 652 7.18 42.17 -33.13
C ILE A 652 7.13 43.60 -33.68
N ASP A 653 8.15 44.39 -33.36
CA ASP A 653 8.19 45.78 -33.79
C ASP A 653 8.31 45.95 -35.32
N ARG A 654 9.16 45.15 -35.97
CA ARG A 654 9.38 45.29 -37.42
C ARG A 654 8.14 44.80 -38.16
N LYS A 655 7.41 43.85 -37.57
CA LYS A 655 6.14 43.41 -38.14
C LYS A 655 5.09 44.53 -38.24
N HIS A 656 4.97 45.34 -37.20
CA HIS A 656 3.90 46.35 -37.11
C HIS A 656 4.34 47.79 -37.43
N GLY A 657 5.44 47.96 -38.18
CA GLY A 657 5.90 49.28 -38.61
C GLY A 657 6.55 50.20 -37.57
N ARG A 658 6.84 49.68 -36.37
CA ARG A 658 7.53 50.45 -35.32
C ARG A 658 9.04 50.63 -35.56
N GLU A 659 9.60 49.83 -36.47
CA GLU A 659 10.99 49.96 -36.92
C GLU A 659 11.00 49.60 -38.41
N GLU A 660 11.86 50.27 -39.18
CA GLU A 660 12.08 49.93 -40.58
C GLU A 660 12.53 48.47 -40.74
N ILE A 661 11.91 47.78 -41.69
CA ILE A 661 12.29 46.40 -42.04
C ILE A 661 13.51 46.40 -42.97
N SER A 662 14.50 45.59 -42.61
CA SER A 662 15.73 45.45 -43.37
C SER A 662 15.96 44.00 -43.65
N TYR A 663 16.79 43.72 -44.63
CA TYR A 663 16.97 42.35 -45.14
C TYR A 663 18.45 41.91 -45.09
N PRO A 664 19.01 41.63 -43.91
CA PRO A 664 18.33 41.59 -42.60
C PRO A 664 18.59 42.82 -41.70
N ASP A 665 19.69 43.53 -41.91
CA ASP A 665 20.13 44.64 -41.04
C ASP A 665 20.14 45.96 -41.82
N VAL A 666 19.96 47.06 -41.09
CA VAL A 666 19.96 48.43 -41.65
C VAL A 666 21.14 48.70 -42.59
N GLN A 667 22.34 48.46 -42.07
CA GLN A 667 23.57 48.55 -42.85
C GLN A 667 23.78 47.29 -43.68
N TRP A 668 23.84 46.16 -42.99
CA TRP A 668 24.22 44.89 -43.57
C TRP A 668 22.98 44.15 -44.09
N GLN A 669 22.53 44.61 -45.25
CA GLN A 669 21.42 43.99 -45.95
C GLN A 669 21.73 43.92 -47.42
N HIS A 670 21.04 42.99 -48.07
CA HIS A 670 21.14 42.80 -49.51
C HIS A 670 19.78 42.26 -50.00
N GLU A 671 19.32 42.82 -51.12
CA GLU A 671 17.95 42.58 -51.61
C GLU A 671 17.67 41.16 -52.06
N SER A 672 18.71 40.44 -52.45
CA SER A 672 18.61 38.99 -52.71
C SER A 672 18.18 38.13 -51.49
N LEU A 673 18.29 38.69 -50.28
CA LEU A 673 17.86 37.99 -49.05
C LEU A 673 16.37 38.17 -48.72
N LYS A 674 15.74 39.12 -49.43
CA LYS A 674 14.33 39.46 -49.21
C LYS A 674 13.36 38.28 -49.37
N PRO A 675 13.44 37.49 -50.47
CA PRO A 675 12.52 36.35 -50.52
C PRO A 675 12.71 35.31 -49.39
N VAL A 676 13.96 35.14 -48.93
CA VAL A 676 14.28 34.25 -47.81
C VAL A 676 13.76 34.81 -46.49
N LEU A 677 13.99 36.11 -46.27
CA LEU A 677 13.66 36.72 -44.99
C LEU A 677 12.30 37.43 -44.91
N GLU A 678 11.59 37.55 -46.03
CA GLU A 678 10.21 38.08 -46.10
C GLU A 678 9.27 37.65 -44.97
N PRO A 679 9.07 36.33 -44.80
CA PRO A 679 8.09 35.87 -43.80
C PRO A 679 8.40 36.24 -42.34
N THR A 680 9.66 36.52 -42.02
CA THR A 680 10.09 36.87 -40.68
C THR A 680 10.49 38.35 -40.52
N TYR A 681 10.05 39.20 -41.47
CA TYR A 681 10.29 40.66 -41.43
C TYR A 681 11.77 41.04 -41.32
N GLY A 682 12.61 40.30 -42.05
CA GLY A 682 14.04 40.53 -42.06
C GLY A 682 14.81 39.96 -40.89
N ILE A 683 14.16 39.21 -40.00
CA ILE A 683 14.83 38.59 -38.86
C ILE A 683 15.29 37.18 -39.25
N ILE A 684 16.56 36.89 -38.94
CA ILE A 684 17.18 35.59 -39.20
C ILE A 684 16.75 34.71 -38.02
N LEU A 685 15.74 33.87 -38.26
CA LEU A 685 15.21 33.00 -37.21
C LEU A 685 15.69 31.54 -37.29
N TYR A 686 15.89 31.01 -38.50
CA TYR A 686 16.02 29.56 -38.69
C TYR A 686 17.37 29.05 -39.15
N GLN A 687 17.66 27.81 -38.76
CA GLN A 687 18.71 26.98 -39.36
C GLN A 687 18.69 27.02 -40.90
N GLU A 688 17.49 26.90 -41.45
CA GLU A 688 17.30 26.84 -42.88
C GLU A 688 17.58 28.18 -43.58
N GLN A 689 17.40 29.29 -42.87
CA GLN A 689 17.72 30.62 -43.39
C GLN A 689 19.23 30.83 -43.47
N VAL A 690 19.97 30.37 -42.45
CA VAL A 690 21.44 30.29 -42.51
C VAL A 690 21.86 29.66 -43.86
N MET A 691 21.25 28.53 -44.17
CA MET A 691 21.60 27.77 -45.37
C MET A 691 21.16 28.45 -46.67
N GLN A 692 19.96 29.02 -46.71
CA GLN A 692 19.49 29.82 -47.86
C GLN A 692 20.35 31.07 -48.15
N ILE A 693 20.91 31.67 -47.11
CA ILE A 693 21.79 32.84 -47.28
C ILE A 693 23.11 32.45 -47.96
N ALA A 694 23.69 31.31 -47.57
CA ALA A 694 24.87 30.73 -48.24
C ALA A 694 24.60 30.31 -49.69
N GLN A 695 23.41 29.76 -49.96
CA GLN A 695 22.96 29.47 -51.34
C GLN A 695 22.87 30.76 -52.19
N VAL A 696 22.06 31.71 -51.72
CA VAL A 696 21.68 32.88 -52.52
C VAL A 696 22.82 33.90 -52.58
N LEU A 697 23.34 34.29 -51.42
CA LEU A 697 24.35 35.35 -51.34
C LEU A 697 25.68 34.88 -51.90
N SER A 698 26.12 33.68 -51.50
CA SER A 698 27.49 33.24 -51.75
C SER A 698 27.65 31.96 -52.60
N GLY A 699 26.56 31.52 -53.22
CA GLY A 699 26.59 30.44 -54.22
C GLY A 699 27.03 29.05 -53.78
N TYR A 700 26.82 28.73 -52.50
CA TYR A 700 27.21 27.43 -51.94
C TYR A 700 26.42 26.30 -52.59
N THR A 701 27.04 25.13 -52.65
CA THR A 701 26.30 23.88 -52.84
C THR A 701 25.44 23.63 -51.60
N LEU A 702 24.40 22.84 -51.80
CA LEU A 702 23.43 22.45 -50.74
C LEU A 702 24.15 21.75 -49.57
N GLY A 703 25.15 20.96 -49.94
CA GLY A 703 25.85 20.09 -49.00
C GLY A 703 26.93 20.85 -48.28
N GLY A 704 27.59 21.78 -49.00
CA GLY A 704 28.53 22.71 -48.39
C GLY A 704 27.84 23.72 -47.49
N ALA A 705 26.58 24.05 -47.83
CA ALA A 705 25.74 24.94 -47.03
C ALA A 705 25.37 24.31 -45.68
N ASP A 706 24.99 23.02 -45.74
CA ASP A 706 24.71 22.26 -44.53
C ASP A 706 25.97 22.12 -43.65
N MET A 707 27.14 22.05 -44.28
CA MET A 707 28.40 21.99 -43.52
C MET A 707 28.75 23.30 -42.82
N LEU A 708 28.31 24.44 -43.37
CA LEU A 708 28.50 25.73 -42.71
C LEU A 708 27.62 25.86 -41.46
N ARG A 709 26.35 25.48 -41.59
CA ARG A 709 25.45 25.54 -40.44
C ARG A 709 25.91 24.62 -39.32
N ARG A 710 26.41 23.44 -39.69
CA ARG A 710 27.00 22.52 -38.72
C ARG A 710 28.20 23.13 -37.99
N ALA A 711 29.11 23.76 -38.74
CA ALA A 711 30.26 24.46 -38.17
C ALA A 711 29.85 25.62 -37.26
N MET A 712 28.75 26.29 -37.58
CA MET A 712 28.19 27.33 -36.71
C MET A 712 27.62 26.81 -35.37
N GLY A 713 27.18 25.55 -35.34
CA GLY A 713 26.70 24.94 -34.09
C GLY A 713 27.83 24.65 -33.11
N LYS A 714 28.96 24.18 -33.64
CA LYS A 714 30.12 23.77 -32.85
C LYS A 714 30.91 24.98 -32.33
N LYS A 715 30.99 26.03 -33.16
CA LYS A 715 31.61 27.33 -32.82
C LYS A 715 33.14 27.27 -32.66
N LYS A 716 33.77 26.34 -33.37
CA LYS A 716 35.20 26.07 -33.19
C LYS A 716 36.12 27.16 -33.80
N PRO A 717 37.38 27.27 -33.29
CA PRO A 717 38.30 28.32 -33.76
C PRO A 717 38.75 28.15 -35.22
N GLU A 718 39.48 27.07 -35.52
CA GLU A 718 40.01 26.79 -36.86
C GLU A 718 38.89 26.74 -37.88
N GLU A 719 37.88 25.91 -37.58
CA GLU A 719 36.73 25.67 -38.45
C GLU A 719 36.34 26.90 -39.29
N MET A 720 35.78 27.89 -38.60
CA MET A 720 35.30 29.13 -39.20
C MET A 720 36.31 29.75 -40.12
N ALA A 721 37.53 29.90 -39.64
CA ALA A 721 38.59 30.62 -40.34
C ALA A 721 38.66 30.29 -41.84
N LYS A 722 38.47 29.01 -42.18
CA LYS A 722 38.53 28.58 -43.59
C LYS A 722 37.30 28.96 -44.40
N GLN A 723 36.14 28.65 -43.81
CA GLN A 723 34.85 28.89 -44.46
C GLN A 723 34.66 30.40 -44.63
N ARG A 724 35.01 31.17 -43.59
CA ARG A 724 35.10 32.66 -43.59
C ARG A 724 35.76 33.24 -44.84
N SER A 725 36.81 32.55 -45.31
CA SER A 725 37.53 32.90 -46.55
C SER A 725 36.80 32.47 -47.83
N VAL A 726 36.27 31.24 -47.84
CA VAL A 726 35.53 30.73 -48.99
C VAL A 726 34.28 31.61 -49.21
N PHE A 727 33.60 31.91 -48.12
CA PHE A 727 32.38 32.73 -48.11
C PHE A 727 32.61 34.18 -48.54
N ALA A 728 33.83 34.67 -48.37
CA ALA A 728 34.22 36.02 -48.78
C ALA A 728 34.37 36.12 -50.29
N GLU A 729 35.17 35.21 -50.85
CA GLU A 729 35.44 35.18 -52.29
C GLU A 729 34.29 34.61 -53.11
N GLY A 730 33.38 33.91 -52.44
CA GLY A 730 32.16 33.41 -53.07
C GLY A 730 31.20 34.57 -53.32
N ALA A 731 31.06 35.44 -52.33
CA ALA A 731 30.24 36.65 -52.44
C ALA A 731 30.86 37.64 -53.45
N GLU A 732 32.18 37.82 -53.36
CA GLU A 732 32.92 38.63 -54.34
C GLU A 732 32.63 38.17 -55.79
N LYS A 733 32.66 36.86 -55.99
CA LYS A 733 32.39 36.25 -57.32
C LYS A 733 30.94 36.45 -57.79
N ASN A 734 30.00 36.62 -56.85
CA ASN A 734 28.61 37.02 -57.19
C ASN A 734 28.41 38.54 -57.22
N GLY A 735 29.50 39.32 -57.20
CA GLY A 735 29.41 40.78 -57.22
C GLY A 735 28.83 41.49 -56.00
N ILE A 736 28.54 40.74 -54.94
CA ILE A 736 28.03 41.32 -53.68
C ILE A 736 29.24 41.82 -52.89
N ASN A 737 29.06 42.98 -52.25
CA ASN A 737 30.14 43.64 -51.51
C ASN A 737 30.74 42.73 -50.42
N ALA A 738 32.06 42.76 -50.30
CA ALA A 738 32.80 41.80 -49.43
C ALA A 738 32.55 42.11 -47.97
N GLU A 739 32.59 43.40 -47.61
CA GLU A 739 32.45 43.84 -46.21
C GLU A 739 31.03 43.58 -45.72
N LEU A 740 30.06 43.84 -46.60
CA LEU A 740 28.65 43.49 -46.37
C LEU A 740 28.48 41.99 -46.13
N ALA A 741 29.09 41.18 -46.99
CA ALA A 741 29.01 39.72 -46.91
C ALA A 741 29.59 39.19 -45.61
N MET A 742 30.73 39.74 -45.19
CA MET A 742 31.37 39.34 -43.94
C MET A 742 30.62 39.86 -42.71
N LYS A 743 30.10 41.08 -42.78
CA LYS A 743 29.39 41.63 -41.61
C LYS A 743 28.02 40.95 -41.42
N ILE A 744 27.40 40.50 -42.52
CA ILE A 744 26.19 39.63 -42.48
C ILE A 744 26.51 38.23 -41.92
N PHE A 745 27.69 37.71 -42.27
CA PHE A 745 28.18 36.43 -41.75
C PHE A 745 28.32 36.47 -40.23
N ASP A 746 28.83 37.58 -39.69
CA ASP A 746 28.88 37.78 -38.24
C ASP A 746 27.50 37.73 -37.55
N LEU A 747 26.49 38.32 -38.22
CA LEU A 747 25.12 38.28 -37.71
C LEU A 747 24.52 36.87 -37.84
N VAL A 748 24.71 36.23 -39.00
CA VAL A 748 24.31 34.83 -39.18
C VAL A 748 24.85 33.96 -38.03
N GLU A 749 26.15 34.08 -37.74
CA GLU A 749 26.86 33.30 -36.68
C GLU A 749 26.32 33.58 -35.26
N LYS A 750 25.99 34.85 -34.98
CA LYS A 750 25.35 35.24 -33.73
C LYS A 750 24.00 34.51 -33.55
N PHE A 751 23.13 34.66 -34.56
CA PHE A 751 21.78 34.08 -34.55
C PHE A 751 21.74 32.56 -34.80
N ALA A 752 22.80 31.97 -35.35
CA ALA A 752 22.88 30.51 -35.57
C ALA A 752 22.87 29.73 -34.25
N GLY A 753 23.38 30.35 -33.19
CA GLY A 753 23.42 29.76 -31.85
C GLY A 753 22.05 29.46 -31.28
N TYR A 754 21.11 30.37 -31.52
CA TYR A 754 19.70 30.20 -31.12
C TYR A 754 18.89 29.50 -32.23
N GLY A 755 19.35 29.57 -33.48
CA GLY A 755 18.57 29.06 -34.62
C GLY A 755 17.88 27.71 -34.41
N PHE A 756 16.54 27.69 -34.45
CA PHE A 756 15.79 26.41 -34.36
C PHE A 756 15.55 25.80 -35.76
N ASN A 757 15.41 24.48 -35.79
CA ASN A 757 15.11 23.71 -37.00
C ASN A 757 13.70 24.00 -37.48
N LYS A 758 13.59 24.77 -38.56
CA LYS A 758 12.30 25.13 -39.15
C LYS A 758 11.52 23.91 -39.63
N SER A 759 12.18 22.97 -40.30
CA SER A 759 11.50 21.78 -40.81
C SER A 759 10.90 20.93 -39.69
N HIS A 760 11.59 20.89 -38.55
CA HIS A 760 11.10 20.15 -37.40
C HIS A 760 9.95 20.92 -36.76
N SER A 761 10.10 22.25 -36.65
CA SER A 761 9.03 23.11 -36.12
C SER A 761 7.77 23.07 -36.98
N ALA A 762 7.94 23.09 -38.30
CA ALA A 762 6.84 23.15 -39.25
C ALA A 762 5.98 21.90 -39.25
N ALA A 763 6.60 20.71 -39.26
CA ALA A 763 5.86 19.43 -39.20
C ALA A 763 4.90 19.37 -38.01
N TYR A 764 5.39 19.81 -36.87
CA TYR A 764 4.59 19.87 -35.67
C TYR A 764 3.60 21.04 -35.71
N ALA A 765 4.03 22.20 -36.20
CA ALA A 765 3.15 23.38 -36.26
C ALA A 765 1.92 23.13 -37.14
N LEU A 766 2.08 22.32 -38.19
CA LEU A 766 0.94 21.88 -39.01
C LEU A 766 -0.14 21.18 -38.18
N VAL A 767 0.31 20.36 -37.24
CA VAL A 767 -0.61 19.65 -36.37
C VAL A 767 -1.28 20.59 -35.38
N SER A 768 -0.55 21.58 -34.86
CA SER A 768 -1.17 22.65 -34.09
C SER A 768 -2.28 23.37 -34.87
N TYR A 769 -2.00 23.73 -36.13
CA TYR A 769 -3.00 24.40 -36.97
C TYR A 769 -4.25 23.54 -37.21
N GLN A 770 -4.03 22.24 -37.27
CA GLN A 770 -5.12 21.32 -37.45
C GLN A 770 -6.02 21.28 -36.19
N THR A 771 -5.39 21.24 -35.01
CA THR A 771 -6.14 21.29 -33.76
C THR A 771 -6.81 22.66 -33.57
N LEU A 772 -6.19 23.70 -34.11
CA LEU A 772 -6.75 25.06 -34.09
C LEU A 772 -8.00 25.19 -34.96
N TRP A 773 -7.91 24.64 -36.18
CA TRP A 773 -9.00 24.75 -37.14
C TRP A 773 -10.23 23.98 -36.64
N LEU A 774 -10.00 22.73 -36.24
CA LEU A 774 -11.00 21.89 -35.59
C LEU A 774 -11.73 22.56 -34.42
N LYS A 775 -10.98 23.14 -33.50
CA LYS A 775 -11.54 23.81 -32.33
C LYS A 775 -12.43 24.98 -32.77
N ALA A 776 -12.03 25.68 -33.83
CA ALA A 776 -12.81 26.84 -34.30
C ALA A 776 -14.07 26.42 -35.05
N HIS A 777 -13.98 25.31 -35.78
CA HIS A 777 -15.07 24.87 -36.65
C HIS A 777 -15.97 23.78 -36.07
N TYR A 778 -15.39 22.92 -35.25
CA TYR A 778 -16.11 21.88 -34.55
C TYR A 778 -15.44 21.67 -33.21
N PRO A 779 -15.53 22.70 -32.33
CA PRO A 779 -14.75 22.64 -31.11
C PRO A 779 -15.49 22.03 -29.90
N ALA A 780 -16.32 21.02 -30.07
CA ALA A 780 -16.90 20.32 -28.92
C ALA A 780 -16.23 18.99 -28.74
N GLU A 781 -16.17 18.22 -29.82
CA GLU A 781 -15.63 16.87 -29.79
C GLU A 781 -14.17 16.97 -29.42
N PHE A 782 -13.53 17.95 -30.05
CA PHE A 782 -12.14 18.15 -29.80
C PHE A 782 -11.89 18.45 -28.34
N MET A 783 -12.71 19.32 -27.75
CA MET A 783 -12.56 19.61 -26.33
C MET A 783 -12.75 18.37 -25.49
N ALA A 784 -13.69 17.53 -25.88
CA ALA A 784 -13.93 16.25 -25.21
C ALA A 784 -12.66 15.37 -25.26
N ALA A 785 -12.02 15.40 -26.42
CA ALA A 785 -10.76 14.69 -26.58
C ALA A 785 -9.66 15.29 -25.68
N VAL A 786 -9.64 16.60 -25.57
CA VAL A 786 -8.68 17.27 -24.72
C VAL A 786 -8.88 16.84 -23.29
N MET A 787 -10.14 16.71 -22.88
CA MET A 787 -10.44 16.25 -21.56
C MET A 787 -10.01 14.81 -21.39
N THR A 788 -10.22 13.98 -22.40
CA THR A 788 -9.77 12.58 -22.29
C THR A 788 -8.28 12.48 -22.18
N ALA A 789 -7.55 13.30 -22.93
CA ALA A 789 -6.10 13.27 -22.82
C ALA A 789 -5.63 13.49 -21.37
N ASP A 790 -6.25 14.42 -20.64
CA ASP A 790 -5.87 14.69 -19.24
C ASP A 790 -6.91 14.17 -18.26
N MET A 791 -7.41 12.97 -18.50
CA MET A 791 -8.59 12.49 -17.80
C MET A 791 -8.37 12.22 -16.33
N ASP A 792 -7.24 11.60 -16.04
CA ASP A 792 -6.96 11.20 -14.68
C ASP A 792 -6.61 12.39 -13.82
N ASN A 793 -6.11 13.47 -14.40
CA ASN A 793 -5.80 14.65 -13.60
C ASN A 793 -7.03 15.50 -13.28
N THR A 794 -7.37 15.56 -11.99
CA THR A 794 -8.48 16.38 -11.49
C THR A 794 -8.21 17.85 -11.71
N GLU A 795 -6.97 18.26 -11.46
CA GLU A 795 -6.59 19.66 -11.56
C GLU A 795 -6.73 20.15 -13.00
N LYS A 796 -6.24 19.36 -13.95
CA LYS A 796 -6.29 19.72 -15.36
C LYS A 796 -7.72 19.71 -15.83
N VAL A 797 -8.48 18.69 -15.44
CA VAL A 797 -9.89 18.62 -15.81
C VAL A 797 -10.61 19.89 -15.36
N VAL A 798 -10.33 20.32 -14.13
CA VAL A 798 -10.91 21.55 -13.61
C VAL A 798 -10.51 22.73 -14.47
N GLY A 799 -9.22 22.79 -14.82
CA GLY A 799 -8.72 23.86 -15.66
C GLY A 799 -9.44 23.88 -16.99
N LEU A 800 -9.51 22.70 -17.60
CA LEU A 800 -10.11 22.53 -18.93
C LEU A 800 -11.55 23.00 -18.92
N VAL A 801 -12.31 22.64 -17.89
CA VAL A 801 -13.72 23.05 -17.82
C VAL A 801 -13.83 24.55 -17.76
N ASP A 802 -12.99 25.19 -16.96
CA ASP A 802 -13.04 26.64 -16.80
C ASP A 802 -12.78 27.28 -18.14
N GLU A 803 -11.90 26.65 -18.92
CA GLU A 803 -11.62 27.09 -20.28
C GLU A 803 -12.83 26.91 -21.17
N CYS A 804 -13.51 25.77 -21.06
CA CYS A 804 -14.72 25.49 -21.83
C CYS A 804 -15.77 26.54 -21.57
N TRP A 805 -16.02 26.76 -20.29
CA TRP A 805 -17.04 27.68 -19.81
C TRP A 805 -16.83 29.07 -20.36
N ARG A 806 -15.60 29.55 -20.24
CA ARG A 806 -15.26 30.87 -20.75
C ARG A 806 -15.50 30.95 -22.26
N MET A 807 -15.25 29.83 -22.94
CA MET A 807 -15.42 29.75 -24.39
C MET A 807 -16.87 29.81 -24.85
N GLY A 808 -17.81 29.39 -24.00
CA GLY A 808 -19.22 29.14 -24.39
C GLY A 808 -19.43 27.66 -24.59
N LEU A 809 -19.12 26.90 -23.54
CA LEU A 809 -19.23 25.46 -23.58
C LEU A 809 -19.81 24.88 -22.30
N LYS A 810 -20.91 24.14 -22.44
CA LYS A 810 -21.58 23.49 -21.36
C LYS A 810 -22.36 22.27 -21.86
N ILE A 811 -22.14 21.03 -21.38
CA ILE A 811 -21.36 20.53 -20.19
C ILE A 811 -22.41 19.91 -19.23
N LEU A 812 -23.04 18.80 -19.61
CA LEU A 812 -24.00 18.17 -18.72
C LEU A 812 -23.25 17.41 -17.65
N PRO A 813 -23.87 17.20 -16.48
CA PRO A 813 -23.32 16.31 -15.45
C PRO A 813 -23.29 14.86 -15.92
N PRO A 814 -22.57 13.98 -15.21
CA PRO A 814 -22.61 12.57 -15.63
C PRO A 814 -24.00 11.92 -15.55
N ASP A 815 -24.17 10.85 -16.34
CA ASP A 815 -25.34 10.03 -16.21
C ASP A 815 -25.05 8.61 -16.63
N ILE A 816 -25.43 7.68 -15.76
CA ILE A 816 -25.18 6.26 -15.96
C ILE A 816 -25.81 5.80 -17.27
N ASN A 817 -27.02 6.31 -17.51
CA ASN A 817 -27.82 5.88 -18.64
C ASN A 817 -27.30 6.47 -19.95
N SER A 818 -27.01 7.78 -19.97
CA SER A 818 -26.58 8.47 -21.18
C SER A 818 -25.09 8.41 -21.49
N GLY A 819 -24.22 8.44 -20.47
CA GLY A 819 -22.76 8.43 -20.70
C GLY A 819 -22.22 7.26 -21.54
N LEU A 820 -21.26 7.51 -22.44
CA LEU A 820 -20.49 6.45 -23.12
C LEU A 820 -19.12 6.42 -22.44
N TYR A 821 -18.12 5.77 -23.07
CA TYR A 821 -16.72 5.87 -22.62
C TYR A 821 -16.27 7.32 -22.59
N HIS A 822 -16.51 7.98 -23.70
CA HIS A 822 -15.99 9.30 -23.94
C HIS A 822 -17.13 10.32 -23.78
N PHE A 823 -16.82 11.61 -23.84
CA PHE A 823 -17.79 12.65 -23.57
C PHE A 823 -18.57 12.67 -24.86
N HIS A 824 -19.88 12.70 -24.77
CA HIS A 824 -20.69 12.38 -25.94
C HIS A 824 -21.63 13.50 -26.28
N VAL A 825 -22.01 13.58 -27.55
CA VAL A 825 -22.97 14.56 -27.97
C VAL A 825 -24.32 13.91 -28.17
N ASN A 826 -25.24 14.19 -27.25
CA ASN A 826 -26.64 13.96 -27.51
C ASN A 826 -26.96 15.12 -28.44
N ASP A 827 -28.13 15.09 -29.06
CA ASP A 827 -28.51 16.09 -30.04
C ASP A 827 -28.37 17.50 -29.46
N ASP A 828 -29.15 17.83 -28.46
CA ASP A 828 -29.09 19.17 -27.86
C ASP A 828 -27.87 19.31 -26.97
N GLY A 829 -27.67 18.35 -26.08
CA GLY A 829 -26.58 18.41 -25.11
C GLY A 829 -25.31 18.33 -25.90
N GLU A 830 -24.60 19.44 -26.01
CA GLU A 830 -23.38 19.40 -26.77
C GLU A 830 -22.56 18.33 -26.16
N ILE A 831 -22.49 18.33 -24.85
CA ILE A 831 -21.58 17.45 -24.20
C ILE A 831 -22.14 16.93 -22.90
N VAL A 832 -21.94 15.64 -22.67
CA VAL A 832 -22.24 15.01 -21.39
C VAL A 832 -21.00 14.24 -20.95
N TYR A 833 -20.70 14.20 -19.64
CA TYR A 833 -19.61 13.37 -19.07
C TYR A 833 -19.38 12.03 -19.74
N GLY A 834 -18.12 11.70 -20.01
CA GLY A 834 -17.72 10.37 -20.46
C GLY A 834 -17.53 9.62 -19.17
N ILE A 835 -17.60 8.31 -19.18
CA ILE A 835 -17.50 7.54 -17.94
C ILE A 835 -16.08 7.49 -17.41
N GLY A 836 -15.15 7.40 -18.36
CA GLY A 836 -13.76 7.30 -18.08
C GLY A 836 -13.30 8.56 -17.38
N ALA A 837 -14.03 9.66 -17.56
CA ALA A 837 -13.81 10.92 -16.83
C ALA A 837 -13.71 10.79 -15.33
N ILE A 838 -14.48 9.90 -14.74
CA ILE A 838 -14.40 9.71 -13.29
C ILE A 838 -13.00 9.23 -12.85
N LYS A 839 -12.45 9.90 -11.84
CA LYS A 839 -11.08 9.67 -11.37
C LYS A 839 -10.68 8.26 -10.98
N GLY A 840 -11.33 7.77 -9.94
CA GLY A 840 -10.95 6.52 -9.30
C GLY A 840 -11.32 5.33 -10.15
N VAL A 841 -12.41 5.42 -10.91
CA VAL A 841 -12.89 4.24 -11.61
C VAL A 841 -11.87 3.84 -12.65
N GLY A 842 -11.64 2.52 -12.68
CA GLY A 842 -10.75 1.91 -13.63
C GLY A 842 -11.41 1.89 -14.98
N GLU A 843 -10.62 1.50 -15.96
CA GLU A 843 -11.12 1.35 -17.31
C GLU A 843 -11.98 0.11 -17.42
N GLY A 844 -11.56 -0.98 -16.79
CA GLY A 844 -12.34 -2.22 -16.78
C GLY A 844 -13.73 -2.03 -16.21
N PRO A 845 -13.81 -1.35 -15.07
CA PRO A 845 -15.14 -1.12 -14.51
C PRO A 845 -16.05 -0.22 -15.38
N ILE A 846 -15.46 0.78 -16.05
CA ILE A 846 -16.26 1.65 -16.88
C ILE A 846 -16.89 0.87 -18.01
N GLU A 847 -16.08 0.02 -18.64
CA GLU A 847 -16.56 -0.83 -19.71
C GLU A 847 -17.60 -1.79 -19.19
N ALA A 848 -17.35 -2.33 -17.99
CA ALA A 848 -18.28 -3.27 -17.40
C ALA A 848 -19.67 -2.65 -17.26
N ILE A 849 -19.70 -1.42 -16.75
CA ILE A 849 -20.97 -0.72 -16.53
C ILE A 849 -21.71 -0.60 -17.83
N ILE A 850 -20.99 -0.08 -18.82
CA ILE A 850 -21.61 0.19 -20.08
C ILE A 850 -22.02 -1.10 -20.71
N GLU A 851 -21.21 -2.15 -20.59
CA GLU A 851 -21.49 -3.43 -21.22
C GLU A 851 -22.79 -3.97 -20.69
N ALA A 852 -22.92 -3.94 -19.37
CA ALA A 852 -24.14 -4.44 -18.71
C ALA A 852 -25.36 -3.68 -19.20
N ARG A 853 -25.18 -2.36 -19.30
CA ARG A 853 -26.23 -1.50 -19.78
C ARG A 853 -26.61 -1.79 -21.23
N ASN A 854 -25.65 -2.27 -22.02
CA ASN A 854 -25.90 -2.60 -23.40
C ASN A 854 -26.77 -3.82 -23.54
N LYS A 855 -26.37 -4.89 -22.88
CA LYS A 855 -27.10 -6.15 -23.00
C LYS A 855 -28.46 -6.03 -22.39
N GLY A 856 -28.51 -5.58 -21.16
CA GLY A 856 -29.77 -5.24 -20.51
C GLY A 856 -30.23 -3.90 -21.04
N GLY A 857 -31.35 -3.42 -20.52
CA GLY A 857 -31.82 -2.07 -20.82
C GLY A 857 -31.01 -1.08 -20.01
N TYR A 858 -31.41 0.18 -20.03
CA TYR A 858 -30.78 1.18 -19.17
C TYR A 858 -31.19 0.88 -17.73
N PHE A 859 -30.29 1.16 -16.79
CA PHE A 859 -30.45 0.62 -15.45
C PHE A 859 -31.64 1.23 -14.74
N ARG A 860 -32.47 0.35 -14.19
CA ARG A 860 -33.70 0.73 -13.50
C ARG A 860 -33.45 1.26 -12.09
N GLU A 861 -32.63 0.55 -11.33
CA GLU A 861 -32.44 0.82 -9.91
C GLU A 861 -31.09 0.33 -9.45
N LEU A 862 -30.76 0.67 -8.21
CA LEU A 862 -29.54 0.24 -7.52
C LEU A 862 -29.39 -1.24 -7.58
N PHE A 863 -30.45 -1.95 -7.21
CA PHE A 863 -30.33 -3.37 -7.14
C PHE A 863 -30.14 -3.92 -8.53
N ASP A 864 -30.90 -3.38 -9.49
CA ASP A 864 -30.79 -3.81 -10.88
C ASP A 864 -29.37 -3.73 -11.36
N LEU A 865 -28.70 -2.65 -10.94
CA LEU A 865 -27.32 -2.45 -11.30
C LEU A 865 -26.43 -3.52 -10.72
N CYS A 866 -26.60 -3.76 -9.41
CA CYS A 866 -25.77 -4.69 -8.66
C CYS A 866 -25.85 -6.11 -9.22
N ALA A 867 -27.07 -6.54 -9.55
CA ALA A 867 -27.30 -7.86 -10.08
C ALA A 867 -26.64 -8.05 -11.43
N ARG A 868 -26.79 -7.08 -12.32
CA ARG A 868 -26.21 -7.23 -13.64
C ARG A 868 -24.70 -7.24 -13.58
N THR A 869 -24.12 -6.35 -12.78
CA THR A 869 -22.66 -6.29 -12.71
C THR A 869 -22.16 -6.66 -11.34
N ASP A 870 -21.43 -7.76 -11.26
CA ASP A 870 -20.86 -8.18 -9.98
C ASP A 870 -19.84 -7.20 -9.36
N THR A 871 -19.56 -7.46 -8.08
CA THR A 871 -18.56 -6.71 -7.31
C THR A 871 -17.19 -6.82 -7.94
N LYS A 872 -16.93 -7.94 -8.63
CA LYS A 872 -15.65 -8.12 -9.25
C LYS A 872 -15.36 -6.98 -10.20
N LYS A 873 -16.34 -6.63 -11.03
CA LYS A 873 -16.14 -5.53 -11.97
C LYS A 873 -16.18 -4.18 -11.25
N LEU A 874 -17.25 -3.88 -10.53
CA LEU A 874 -17.38 -2.59 -9.83
C LEU A 874 -17.22 -2.76 -8.35
N ASN A 875 -16.02 -2.44 -7.85
CA ASN A 875 -15.72 -2.49 -6.44
C ASN A 875 -16.48 -1.43 -5.67
N ARG A 876 -16.55 -1.65 -4.36
CA ARG A 876 -17.13 -0.70 -3.40
C ARG A 876 -16.55 0.68 -3.56
N ARG A 877 -15.22 0.77 -3.64
CA ARG A 877 -14.59 2.06 -3.75
C ARG A 877 -15.02 2.70 -5.04
N VAL A 878 -15.12 1.90 -6.09
CA VAL A 878 -15.57 2.40 -7.38
C VAL A 878 -16.94 3.03 -7.21
N LEU A 879 -17.85 2.25 -6.63
CA LEU A 879 -19.22 2.70 -6.49
C LEU A 879 -19.34 3.98 -5.69
N GLU A 880 -18.51 4.14 -4.66
CA GLU A 880 -18.52 5.37 -3.85
C GLU A 880 -18.28 6.62 -4.69
N LYS A 881 -17.27 6.56 -5.55
CA LYS A 881 -16.98 7.72 -6.37
C LYS A 881 -18.11 7.98 -7.35
N LEU A 882 -18.70 6.91 -7.90
CA LEU A 882 -19.83 7.08 -8.82
C LEU A 882 -20.96 7.86 -8.19
N ILE A 883 -21.28 7.58 -6.93
CA ILE A 883 -22.32 8.34 -6.27
C ILE A 883 -21.90 9.79 -6.10
N MET A 884 -20.65 9.98 -5.69
CA MET A 884 -20.17 11.31 -5.39
C MET A 884 -20.12 12.17 -6.65
N SER A 885 -19.85 11.55 -7.79
CA SER A 885 -19.91 12.26 -9.07
C SER A 885 -21.33 12.70 -9.43
N GLY A 886 -22.33 11.96 -8.98
CA GLY A 886 -23.75 12.25 -9.24
C GLY A 886 -24.30 11.44 -10.40
N ALA A 887 -23.64 10.33 -10.72
CA ALA A 887 -24.08 9.46 -11.80
C ALA A 887 -25.45 8.85 -11.52
N PHE A 888 -25.68 8.54 -10.24
CA PHE A 888 -26.90 7.89 -9.77
C PHE A 888 -28.07 8.83 -9.47
N ASP A 889 -27.78 10.15 -9.47
CA ASP A 889 -28.72 11.15 -8.94
C ASP A 889 -30.15 10.97 -9.41
N ARG A 890 -30.30 10.64 -10.70
CA ARG A 890 -31.58 10.27 -11.31
C ARG A 890 -32.43 9.36 -10.45
N LEU A 891 -31.87 8.21 -10.08
CA LEU A 891 -32.65 7.22 -9.35
C LEU A 891 -32.79 7.63 -7.88
N GLY A 892 -31.65 7.76 -7.22
CA GLY A 892 -31.60 7.99 -5.80
C GLY A 892 -31.54 9.47 -5.63
N PRO A 893 -32.72 10.09 -5.51
CA PRO A 893 -32.73 11.53 -5.43
C PRO A 893 -31.78 11.97 -4.34
N HIS A 894 -31.81 11.30 -3.20
CA HIS A 894 -30.93 11.64 -2.09
C HIS A 894 -29.63 10.87 -2.19
N ARG A 895 -28.55 11.60 -2.43
CA ARG A 895 -27.21 11.03 -2.45
C ARG A 895 -26.82 10.48 -1.10
N ALA A 896 -27.16 11.19 -0.03
CA ALA A 896 -26.93 10.66 1.31
C ALA A 896 -27.61 9.31 1.45
N ALA A 897 -28.84 9.24 0.94
CA ALA A 897 -29.58 7.99 0.97
C ALA A 897 -28.88 6.91 0.17
N LEU A 898 -28.39 7.29 -1.01
CA LEU A 898 -27.68 6.35 -1.85
C LEU A 898 -26.39 5.83 -1.26
N MET A 899 -25.63 6.69 -0.57
CA MET A 899 -24.39 6.24 0.04
C MET A 899 -24.68 5.14 1.03
N ASN A 900 -25.69 5.36 1.87
CA ASN A 900 -26.07 4.39 2.87
C ASN A 900 -26.61 3.10 2.25
N SER A 901 -27.40 3.21 1.19
CA SER A 901 -27.98 2.03 0.55
C SER A 901 -26.96 1.12 -0.20
N LEU A 902 -25.73 1.58 -0.37
CA LEU A 902 -24.75 0.82 -1.17
C LEU A 902 -24.37 -0.52 -0.58
N GLY A 903 -23.94 -0.48 0.68
CA GLY A 903 -23.48 -1.65 1.41
C GLY A 903 -24.50 -2.78 1.41
N ASP A 904 -25.75 -2.42 1.74
CA ASP A 904 -26.80 -3.42 1.80
C ASP A 904 -27.02 -3.99 0.42
N ALA A 905 -27.08 -3.14 -0.60
CA ALA A 905 -27.25 -3.61 -1.98
C ALA A 905 -26.05 -4.49 -2.38
N LEU A 906 -24.86 -4.08 -1.93
CA LEU A 906 -23.64 -4.84 -2.19
C LEU A 906 -23.71 -6.23 -1.59
N LYS A 907 -24.10 -6.25 -0.31
CA LYS A 907 -24.24 -7.51 0.38
C LYS A 907 -25.33 -8.32 -0.30
N ALA A 908 -26.41 -7.62 -0.68
CA ALA A 908 -27.54 -8.25 -1.35
C ALA A 908 -27.07 -8.94 -2.57
N ALA A 909 -26.30 -8.21 -3.37
CA ALA A 909 -25.87 -8.70 -4.66
C ALA A 909 -25.09 -9.97 -4.53
N ASP A 910 -24.18 -10.02 -3.56
CA ASP A 910 -23.43 -11.24 -3.34
C ASP A 910 -24.40 -12.40 -3.14
N GLN A 911 -25.51 -12.15 -2.46
CA GLN A 911 -26.50 -13.19 -2.31
C GLN A 911 -27.14 -13.50 -3.65
N HIS A 912 -27.37 -12.47 -4.48
CA HIS A 912 -27.86 -12.68 -5.82
C HIS A 912 -26.92 -13.52 -6.67
N ALA A 913 -25.61 -13.28 -6.59
CA ALA A 913 -24.63 -14.11 -7.34
C ALA A 913 -24.76 -15.57 -6.95
N LYS A 914 -24.78 -15.79 -5.65
CA LYS A 914 -24.94 -17.12 -5.11
C LYS A 914 -26.23 -17.81 -5.62
N ALA A 915 -27.34 -17.06 -5.64
CA ALA A 915 -28.65 -17.58 -6.06
C ALA A 915 -28.65 -17.99 -7.51
N GLU A 916 -27.99 -17.21 -8.35
CA GLU A 916 -27.81 -17.56 -9.76
C GLU A 916 -27.08 -18.89 -9.84
N ALA A 917 -25.81 -18.90 -9.45
CA ALA A 917 -24.90 -20.04 -9.56
C ALA A 917 -25.54 -21.38 -9.21
N ILE A 918 -26.26 -21.41 -8.09
CA ILE A 918 -26.90 -22.65 -7.64
C ILE A 918 -28.20 -23.00 -8.37
N GLY A 919 -28.52 -22.31 -9.47
CA GLY A 919 -29.80 -22.46 -10.14
C GLY A 919 -30.94 -22.42 -9.15
N GLN A 920 -30.86 -23.26 -8.12
CA GLN A 920 -31.69 -23.15 -6.93
C GLN A 920 -32.89 -22.23 -7.09
N LEU A 921 -34.07 -22.73 -6.75
CA LEU A 921 -35.31 -21.94 -6.69
C LEU A 921 -35.44 -21.19 -5.35
N ASP A 922 -36.06 -20.02 -5.41
CA ASP A 922 -36.30 -19.23 -4.22
C ASP A 922 -37.76 -19.43 -3.88
N LEU A 923 -38.14 -19.19 -2.61
CA LEU A 923 -39.54 -19.05 -2.23
C LEU A 923 -39.96 -17.65 -2.67
N PHE A 924 -41.05 -17.57 -3.44
CA PHE A 924 -41.57 -16.29 -3.93
C PHE A 924 -40.49 -15.19 -3.91
N GLY A 925 -40.48 -14.35 -2.89
CA GLY A 925 -39.34 -13.47 -2.56
C GLY A 925 -39.61 -12.72 -1.25
N VAL A 926 -39.66 -11.38 -1.17
CA VAL A 926 -39.49 -10.41 -2.24
C VAL A 926 -40.61 -10.53 -3.29
N LEU A 927 -41.83 -10.05 -2.95
CA LEU A 927 -43.05 -10.46 -3.67
C LEU A 927 -43.09 -9.97 -5.11
N PRO A 943 -29.23 23.94 -10.03
CA PRO A 943 -28.76 22.77 -10.78
C PRO A 943 -27.50 23.04 -11.63
N TRP A 944 -26.69 21.99 -11.85
CA TRP A 944 -25.31 22.16 -12.35
C TRP A 944 -24.47 20.87 -12.60
N PRO A 945 -23.34 20.98 -13.36
CA PRO A 945 -22.34 19.91 -13.53
C PRO A 945 -21.14 19.91 -12.56
N GLU A 946 -20.00 20.50 -12.92
CA GLU A 946 -18.90 20.67 -11.97
C GLU A 946 -19.03 21.83 -10.97
N GLN A 947 -19.93 21.60 -10.02
CA GLN A 947 -20.19 22.51 -8.92
C GLN A 947 -20.81 21.72 -7.76
N VAL A 948 -21.65 20.75 -8.08
CA VAL A 948 -22.04 19.72 -7.10
C VAL A 948 -20.90 18.80 -6.72
N VAL A 949 -20.13 18.31 -7.70
CA VAL A 949 -19.06 17.38 -7.39
C VAL A 949 -18.01 18.06 -6.55
N LEU A 950 -17.67 19.29 -6.90
CA LEU A 950 -16.67 20.05 -6.16
C LEU A 950 -17.19 20.34 -4.77
N ASP A 951 -18.49 20.59 -4.66
CA ASP A 951 -19.09 20.83 -3.36
C ASP A 951 -18.94 19.62 -2.44
N GLY A 952 -19.18 18.43 -2.97
CA GLY A 952 -19.00 17.17 -2.21
C GLY A 952 -17.59 16.97 -1.70
N GLU A 953 -16.62 17.24 -2.57
CA GLU A 953 -15.22 17.13 -2.21
C GLU A 953 -14.94 18.00 -1.01
N ARG A 954 -15.41 19.24 -1.01
CA ARG A 954 -15.12 20.09 0.11
C ARG A 954 -15.84 19.63 1.38
N GLU A 955 -17.02 19.00 1.30
CA GLU A 955 -17.56 18.38 2.52
C GLU A 955 -16.60 17.37 3.09
N THR A 956 -16.07 16.53 2.22
CA THR A 956 -15.13 15.50 2.64
C THR A 956 -13.72 16.03 2.92
N LEU A 957 -13.22 16.90 2.04
CA LEU A 957 -11.91 17.61 2.18
C LEU A 957 -11.84 19.08 2.70
N GLY A 958 -12.95 19.74 3.10
CA GLY A 958 -12.85 21.07 3.70
C GLY A 958 -14.14 21.70 4.21
N LEU A 959 -15.21 21.66 3.43
CA LEU A 959 -16.37 22.57 3.50
C LEU A 959 -16.21 23.52 4.59
N TYR A 960 -16.39 24.79 4.26
CA TYR A 960 -16.36 25.81 5.27
C TYR A 960 -17.14 27.00 4.77
N LEU A 961 -18.42 26.73 4.49
CA LEU A 961 -19.36 27.71 4.00
C LEU A 961 -19.74 28.63 5.14
N THR A 962 -20.19 29.83 4.81
CA THR A 962 -20.51 30.84 5.84
C THR A 962 -19.46 30.93 6.99
N GLY A 963 -18.21 30.63 6.65
CA GLY A 963 -17.15 30.54 7.66
C GLY A 963 -17.09 29.19 8.35
N HIS A 964 -17.72 29.03 9.50
CA HIS A 964 -17.80 27.72 10.16
C HIS A 964 -18.67 27.86 11.37
N PRO A 965 -19.33 26.77 11.83
CA PRO A 965 -20.06 26.90 13.08
C PRO A 965 -19.27 27.60 14.18
N ILE A 966 -17.95 27.48 14.13
CA ILE A 966 -17.11 28.09 15.13
C ILE A 966 -16.97 29.60 14.97
N ASN A 967 -18.05 30.34 14.75
CA ASN A 967 -17.90 31.76 14.35
C ASN A 967 -17.14 32.61 15.36
N GLN A 968 -17.52 32.53 16.62
CA GLN A 968 -16.76 33.20 17.68
C GLN A 968 -15.25 32.93 17.58
N TYR A 969 -14.88 31.80 16.99
CA TYR A 969 -13.48 31.48 16.81
C TYR A 969 -13.27 30.67 15.55
N LEU A 970 -13.76 31.21 14.42
CA LEU A 970 -13.62 30.61 13.07
C LEU A 970 -12.26 30.00 12.92
N LYS A 971 -11.65 30.12 11.76
CA LYS A 971 -10.29 29.70 11.54
C LYS A 971 -9.34 30.20 12.64
N GLU A 972 -9.71 31.25 13.36
CA GLU A 972 -8.93 31.69 14.52
C GLU A 972 -8.35 30.54 15.38
N ILE A 973 -9.08 29.41 15.44
CA ILE A 973 -8.59 28.21 16.11
C ILE A 973 -8.16 27.13 15.10
N GLU A 974 -9.13 26.59 14.35
CA GLU A 974 -8.89 25.73 13.17
C GLU A 974 -7.72 26.20 12.34
N ARG A 975 -7.22 25.50 11.34
CA ARG A 975 -6.30 26.20 10.43
C ARG A 975 -6.30 25.76 8.96
N TYR A 976 -6.48 24.47 8.75
CA TYR A 976 -7.00 23.90 7.49
C TYR A 976 -6.14 24.17 6.27
N VAL A 977 -4.86 24.04 6.49
CA VAL A 977 -3.90 24.12 5.44
C VAL A 977 -3.22 22.77 5.33
N GLY A 978 -3.40 21.92 6.33
CA GLY A 978 -2.95 20.55 6.26
C GLY A 978 -1.50 20.52 6.59
N GLY A 979 -0.79 19.45 6.22
CA GLY A 979 0.64 19.37 6.53
C GLY A 979 1.37 20.67 6.21
N VAL A 980 1.02 21.28 5.06
CA VAL A 980 1.78 22.43 4.61
C VAL A 980 1.71 23.58 5.60
N ARG A 981 0.56 23.88 6.16
CA ARG A 981 0.54 24.92 7.20
C ARG A 981 1.22 24.46 8.50
N LEU A 982 0.98 23.21 8.90
CA LEU A 982 1.44 22.63 10.22
C LEU A 982 2.94 22.73 10.45
N LYS A 983 3.72 22.50 9.40
CA LYS A 983 5.19 22.51 9.53
C LYS A 983 5.68 23.78 10.25
N ASP A 984 5.29 24.95 9.76
CA ASP A 984 5.57 26.19 10.48
C ASP A 984 4.42 26.45 11.44
N MET A 985 4.65 26.05 12.70
CA MET A 985 3.64 26.17 13.76
C MET A 985 4.25 26.85 14.95
N HIS A 986 3.45 27.07 15.98
CA HIS A 986 3.97 27.57 17.22
C HIS A 986 4.94 26.50 17.75
N PRO A 987 6.14 26.92 18.15
CA PRO A 987 6.95 26.02 19.00
C PRO A 987 6.35 26.01 20.41
N THR A 988 6.31 24.86 21.08
CA THR A 988 5.80 24.79 22.48
C THR A 988 5.98 23.36 22.95
N GLU A 989 5.44 23.01 24.12
CA GLU A 989 5.43 21.60 24.52
C GLU A 989 4.70 20.84 23.43
N ARG A 990 3.52 21.33 23.07
CA ARG A 990 2.67 20.74 22.07
C ARG A 990 1.75 21.83 21.58
N GLY A 991 1.63 21.92 20.25
CA GLY A 991 0.80 22.94 19.63
C GLY A 991 -0.62 22.74 20.09
N LYS A 992 -1.35 23.83 20.16
CA LYS A 992 -2.81 23.76 20.29
C LYS A 992 -3.42 23.79 18.89
N VAL A 993 -4.29 22.82 18.62
CA VAL A 993 -4.81 22.55 17.27
C VAL A 993 -6.15 21.89 17.47
N ILE A 994 -7.06 22.19 16.58
CA ILE A 994 -8.31 21.47 16.51
C ILE A 994 -8.38 20.86 15.13
N THR A 995 -8.63 19.57 15.05
CA THR A 995 -8.89 18.96 13.75
C THR A 995 -10.28 18.39 13.67
N ALA A 996 -10.88 18.58 12.51
CA ALA A 996 -12.14 18.02 12.16
C ALA A 996 -11.89 17.53 10.81
N ALA A 997 -11.36 16.33 10.74
CA ALA A 997 -12.13 15.28 10.17
C ALA A 997 -13.35 15.62 9.28
N GLY A 998 -13.30 15.25 8.00
CA GLY A 998 -14.49 15.20 7.17
C GLY A 998 -14.87 13.75 6.94
N LEU A 999 -14.06 12.84 7.50
CA LEU A 999 -14.32 11.41 7.39
C LEU A 999 -13.66 10.73 8.56
N VAL A 1000 -14.37 9.75 9.08
CA VAL A 1000 -13.96 9.00 10.24
C VAL A 1000 -14.41 7.57 10.07
N VAL A 1001 -13.53 6.66 10.41
CA VAL A 1001 -13.93 5.28 10.63
C VAL A 1001 -13.19 4.88 11.89
N ALA A 1002 -13.86 4.14 12.75
CA ALA A 1002 -13.33 3.89 14.08
C ALA A 1002 -13.15 2.39 14.26
N ALA A 1003 -11.94 1.99 14.67
CA ALA A 1003 -11.63 0.60 15.00
C ALA A 1003 -10.70 0.55 16.20
N ARG A 1004 -11.03 -0.38 17.09
CA ARG A 1004 -10.30 -0.63 18.33
C ARG A 1004 -9.84 -2.10 18.27
N VAL A 1005 -8.55 -2.35 18.53
CA VAL A 1005 -7.94 -3.69 18.39
C VAL A 1005 -7.96 -4.45 19.73
N MET A 1006 -7.34 -5.64 19.74
CA MET A 1006 -7.15 -6.39 20.98
C MET A 1006 -5.92 -7.33 20.95
N VAL A 1007 -5.61 -7.84 22.14
CA VAL A 1007 -4.58 -8.86 22.33
C VAL A 1007 -4.76 -9.67 23.66
N THR A 1008 -5.96 -9.57 24.23
CA THR A 1008 -6.33 -10.12 25.53
C THR A 1008 -5.58 -9.53 26.73
N LYS A 1009 -5.19 -8.25 26.75
CA LYS A 1009 -4.69 -7.54 27.97
C LYS A 1009 -4.46 -6.02 27.72
N ARG A 1010 -5.51 -5.36 27.21
CA ARG A 1010 -5.53 -3.94 26.74
C ARG A 1010 -4.88 -3.71 25.33
N GLY A 1011 -4.76 -2.44 24.94
CA GLY A 1011 -4.07 -2.04 23.72
C GLY A 1011 -4.50 -0.65 23.32
N ASN A 1012 -3.57 0.28 23.34
CA ASN A 1012 -3.86 1.65 22.94
C ASN A 1012 -3.82 1.78 21.40
N ARG A 1013 -4.95 2.25 20.84
CA ARG A 1013 -5.18 2.49 19.39
C ARG A 1013 -6.68 2.14 19.14
N ILE A 1014 -7.26 2.45 17.98
CA ILE A 1014 -6.66 3.13 16.85
C ILE A 1014 -7.75 4.06 16.25
N GLY A 1015 -7.40 5.31 15.93
CA GLY A 1015 -8.38 6.29 15.40
C GLY A 1015 -8.15 6.61 13.93
N ILE A 1016 -9.22 6.79 13.16
CA ILE A 1016 -9.07 7.14 11.74
C ILE A 1016 -9.83 8.43 11.48
N CYS A 1017 -9.10 9.50 11.16
CA CYS A 1017 -9.68 10.78 10.71
C CYS A 1017 -9.19 11.11 9.32
N THR A 1018 -9.85 12.05 8.67
CA THR A 1018 -9.30 12.67 7.47
C THR A 1018 -8.97 14.11 7.77
N LEU A 1019 -7.83 14.58 7.26
CA LEU A 1019 -7.27 15.85 7.66
C LEU A 1019 -7.08 16.73 6.43
N ASP A 1020 -7.44 18.00 6.59
CA ASP A 1020 -7.47 18.97 5.49
C ASP A 1020 -6.34 20.00 5.64
N ASP A 1021 -6.09 20.84 4.62
CA ASP A 1021 -6.87 20.95 3.39
C ASP A 1021 -6.78 19.72 2.48
N ARG A 1022 -6.63 19.84 1.17
CA ARG A 1022 -6.51 18.64 0.32
C ARG A 1022 -5.15 17.98 0.61
N SER A 1023 -5.10 17.38 1.80
CA SER A 1023 -3.88 16.83 2.39
C SER A 1023 -3.89 15.32 2.23
N GLY A 1024 -4.75 14.67 3.01
CA GLY A 1024 -4.81 13.23 3.16
C GLY A 1024 -5.63 12.98 4.39
N ARG A 1025 -5.32 11.92 5.11
CA ARG A 1025 -6.07 11.55 6.28
C ARG A 1025 -5.10 11.30 7.38
N LEU A 1026 -5.56 11.40 8.61
CA LEU A 1026 -4.71 11.07 9.75
C LEU A 1026 -5.34 10.22 10.81
N GLU A 1027 -4.43 9.49 11.38
CA GLU A 1027 -4.65 8.75 12.54
C GLU A 1027 -4.87 9.64 13.79
N VAL A 1028 -5.47 9.04 14.78
CA VAL A 1028 -4.95 9.22 16.11
C VAL A 1028 -4.80 7.91 16.80
N MET A 1029 -3.64 7.66 17.34
CA MET A 1029 -2.42 8.53 17.31
C MET A 1029 -1.62 8.33 18.55
N LEU A 1030 -2.24 7.86 19.63
CA LEU A 1030 -1.53 7.22 20.74
C LEU A 1030 -2.16 7.69 22.00
N PHE A 1031 -3.44 7.34 22.19
CA PHE A 1031 -4.17 7.79 23.35
C PHE A 1031 -5.68 7.67 23.15
N THR A 1032 -6.37 8.51 23.90
CA THR A 1032 -7.80 8.66 24.01
C THR A 1032 -7.98 8.63 25.50
N ASP A 1033 -8.55 9.70 26.03
CA ASP A 1033 -8.45 9.87 27.45
C ASP A 1033 -9.70 10.43 28.09
N ALA A 1034 -10.10 9.67 29.10
CA ALA A 1034 -11.45 9.27 29.49
C ALA A 1034 -11.38 7.73 29.59
N LEU A 1035 -11.06 7.08 28.45
CA LEU A 1035 -10.77 5.65 28.22
C LEU A 1035 -11.71 5.07 27.14
N ASP A 1036 -13.01 5.09 27.39
CA ASP A 1036 -14.00 4.69 26.39
C ASP A 1036 -15.07 5.79 26.09
N LYS A 1037 -15.28 6.75 27.00
CA LYS A 1037 -16.15 7.93 26.77
C LYS A 1037 -15.52 8.88 25.74
N TYR A 1038 -14.20 9.04 25.84
CA TYR A 1038 -13.45 9.86 24.87
C TYR A 1038 -13.38 9.11 23.54
N GLN A 1039 -13.24 7.78 23.60
CA GLN A 1039 -13.27 6.94 22.38
C GLN A 1039 -14.58 7.14 21.61
N GLN A 1040 -15.73 7.27 22.28
CA GLN A 1040 -17.01 7.42 21.55
C GLN A 1040 -17.17 8.82 20.96
N LEU A 1041 -16.69 9.83 21.67
CA LEU A 1041 -16.69 11.18 21.14
C LEU A 1041 -15.91 11.18 19.84
N LEU A 1042 -14.84 10.40 19.83
CA LEU A 1042 -14.01 10.29 18.64
C LEU A 1042 -14.81 9.76 17.45
N GLU A 1043 -15.65 8.75 17.69
CA GLU A 1043 -16.46 8.15 16.65
C GLU A 1043 -17.09 9.19 15.73
N LYS A 1044 -18.23 8.84 15.14
CA LYS A 1044 -18.94 9.74 14.23
C LYS A 1044 -18.32 9.76 12.85
N ASP A 1045 -18.96 9.07 11.91
CA ASP A 1045 -18.47 9.00 10.53
C ASP A 1045 -18.76 10.32 9.81
N ARG A 1046 -19.05 10.24 8.70
CA ARG A 1046 -19.62 11.44 8.06
C ARG A 1046 -19.80 12.65 8.98
N ILE A 1047 -18.90 12.86 9.95
CA ILE A 1047 -18.96 13.95 10.95
C ILE A 1047 -17.72 13.79 11.82
N LEU A 1048 -17.04 14.89 12.13
CA LEU A 1048 -16.20 14.96 13.35
C LEU A 1048 -15.49 16.29 13.49
N ILE A 1049 -15.46 16.80 14.72
CA ILE A 1049 -14.53 17.84 15.14
C ILE A 1049 -13.89 17.36 16.42
N VAL A 1050 -12.58 17.59 16.55
CA VAL A 1050 -11.88 17.22 17.77
C VAL A 1050 -10.71 18.16 17.94
N SER A 1051 -10.30 18.34 19.18
CA SER A 1051 -9.18 19.22 19.48
C SER A 1051 -8.05 18.38 20.00
N GLY A 1052 -6.85 18.65 19.51
CA GLY A 1052 -5.70 17.86 19.92
C GLY A 1052 -4.46 18.69 20.01
N GLN A 1053 -3.43 18.11 20.64
CA GLN A 1053 -2.11 18.68 20.62
C GLN A 1053 -1.38 18.19 19.40
N VAL A 1054 -0.69 19.08 18.71
CA VAL A 1054 0.04 18.76 17.51
C VAL A 1054 1.45 19.19 17.78
N SER A 1055 2.38 18.36 17.37
CA SER A 1055 3.80 18.73 17.27
C SER A 1055 4.19 18.22 15.91
N PHE A 1056 5.38 18.58 15.42
CA PHE A 1056 5.93 17.92 14.26
C PHE A 1056 6.52 16.60 14.74
N ASP A 1057 5.95 15.50 14.30
CA ASP A 1057 6.44 14.23 14.74
C ASP A 1057 7.64 13.92 13.91
N ASP A 1058 8.68 13.38 14.53
CA ASP A 1058 9.81 12.93 13.76
C ASP A 1058 9.36 11.77 12.90
N PHE A 1059 8.62 10.84 13.49
CA PHE A 1059 8.08 9.73 12.72
C PHE A 1059 7.02 10.26 11.77
N SER A 1060 7.04 9.72 10.55
CA SER A 1060 6.21 10.21 9.47
C SER A 1060 4.84 9.47 9.34
N GLY A 1061 4.13 9.61 8.22
CA GLY A 1061 2.70 9.25 8.13
C GLY A 1061 1.79 10.29 8.77
N GLY A 1062 2.33 11.49 9.04
CA GLY A 1062 1.62 12.58 9.66
C GLY A 1062 2.43 13.22 10.78
N LEU A 1063 1.71 13.93 11.63
CA LEU A 1063 2.24 14.50 12.84
C LEU A 1063 1.45 13.82 13.93
N LYS A 1064 1.83 14.02 15.19
CA LYS A 1064 1.15 13.35 16.27
C LYS A 1064 0.10 14.17 16.93
N MET A 1065 -0.96 13.46 17.28
CA MET A 1065 -2.20 14.02 17.72
C MET A 1065 -2.51 13.25 18.98
N THR A 1066 -2.82 13.96 20.05
CA THR A 1066 -3.51 13.35 21.18
C THR A 1066 -4.75 14.18 21.33
N ALA A 1067 -5.84 13.58 21.77
CA ALA A 1067 -7.07 14.33 22.01
C ALA A 1067 -7.10 14.78 23.47
N ARG A 1068 -6.84 16.07 23.71
CA ARG A 1068 -6.98 16.67 25.02
C ARG A 1068 -8.43 17.00 25.26
N GLU A 1069 -9.06 17.63 24.27
CA GLU A 1069 -10.48 17.92 24.28
C GLU A 1069 -11.08 17.61 22.93
N VAL A 1070 -12.38 17.37 22.93
CA VAL A 1070 -13.15 17.25 21.73
C VAL A 1070 -14.42 18.04 21.89
N MET A 1071 -14.83 18.70 20.81
CA MET A 1071 -16.19 19.18 20.68
C MET A 1071 -16.72 18.70 19.33
N ASP A 1072 -18.00 18.43 19.24
CA ASP A 1072 -18.58 17.97 17.97
C ASP A 1072 -18.83 19.15 17.04
N ILE A 1073 -19.10 18.85 15.77
CA ILE A 1073 -19.64 19.82 14.80
C ILE A 1073 -20.91 20.40 15.37
N ASP A 1074 -21.74 19.52 15.91
CA ASP A 1074 -22.99 19.88 16.50
C ASP A 1074 -22.76 20.89 17.62
N GLU A 1075 -21.79 20.62 18.47
CA GLU A 1075 -21.45 21.54 19.56
C GLU A 1075 -20.92 22.84 19.00
N ALA A 1076 -20.07 22.77 18.00
CA ALA A 1076 -19.58 23.99 17.36
C ALA A 1076 -20.74 24.73 16.73
N ARG A 1077 -21.66 23.95 16.17
CA ARG A 1077 -22.87 24.48 15.57
C ARG A 1077 -23.81 25.12 16.55
N GLU A 1078 -23.78 24.65 17.78
CA GLU A 1078 -24.33 25.42 18.90
C GLU A 1078 -23.86 26.87 18.76
N LYS A 1079 -22.63 27.02 18.30
CA LYS A 1079 -22.17 28.22 17.95
C LYS A 1079 -22.32 28.99 19.32
N TYR A 1080 -22.02 28.42 20.50
CA TYR A 1080 -21.59 29.14 21.70
C TYR A 1080 -20.55 30.26 21.67
N ALA A 1081 -20.45 30.79 22.83
CA ALA A 1081 -21.68 31.34 23.12
C ALA A 1081 -21.74 31.45 21.60
N ARG A 1082 -22.43 30.61 20.90
CA ARG A 1082 -22.28 30.62 19.43
C ARG A 1082 -23.77 30.34 19.09
N GLY A 1083 -24.28 30.88 17.97
CA GLY A 1083 -25.68 30.69 17.69
C GLY A 1083 -26.15 30.82 16.29
N LEU A 1084 -27.44 31.06 16.05
CA LEU A 1084 -28.05 30.93 14.71
C LEU A 1084 -28.53 32.28 14.23
N ALA A 1085 -28.26 32.70 12.99
CA ALA A 1085 -29.19 33.62 12.22
C ALA A 1085 -29.48 33.07 10.83
N ILE A 1086 -30.67 33.34 10.28
CA ILE A 1086 -31.07 32.80 8.96
C ILE A 1086 -31.30 33.94 7.97
N SER A 1087 -30.90 33.79 6.71
CA SER A 1087 -31.29 34.74 5.66
C SER A 1087 -32.34 34.08 4.76
N LEU A 1088 -33.47 34.74 4.58
CA LEU A 1088 -34.57 34.25 3.69
C LEU A 1088 -34.82 35.33 2.62
N THR A 1089 -35.38 34.98 1.45
CA THR A 1089 -35.93 35.93 0.44
C THR A 1089 -37.05 36.87 0.94
N ASP A 1090 -37.28 37.99 0.23
CA ASP A 1090 -38.36 38.93 0.57
C ASP A 1090 -39.70 38.23 0.68
N ARG A 1091 -40.04 37.39 -0.30
CA ARG A 1091 -41.37 36.83 -0.27
C ARG A 1091 -41.39 35.60 0.64
N GLN A 1092 -41.99 35.79 1.82
CA GLN A 1092 -42.30 34.70 2.72
C GLN A 1092 -43.77 34.83 3.10
N ILE A 1093 -44.42 33.69 3.26
CA ILE A 1093 -45.87 33.61 3.30
C ILE A 1093 -46.48 34.35 4.51
N ASP A 1094 -46.00 34.10 5.74
CA ASP A 1094 -46.67 34.50 7.01
C ASP A 1094 -46.82 33.23 7.83
N ASP A 1095 -47.48 32.24 7.23
CA ASP A 1095 -47.59 30.95 7.89
C ASP A 1095 -46.21 30.39 8.13
N GLN A 1096 -45.26 30.73 7.28
CA GLN A 1096 -43.90 30.30 7.41
C GLN A 1096 -43.39 30.83 8.75
N LEU A 1097 -43.80 32.04 9.11
CA LEU A 1097 -43.40 32.66 10.39
C LEU A 1097 -43.93 31.80 11.51
N LEU A 1098 -45.22 31.50 11.48
CA LEU A 1098 -45.80 30.63 12.49
C LEU A 1098 -46.28 29.36 11.86
N ASN A 1099 -45.35 28.43 11.68
CA ASN A 1099 -45.64 27.11 11.14
C ASN A 1099 -44.30 26.42 10.84
N ARG A 1100 -43.86 26.44 9.57
CA ARG A 1100 -42.70 25.66 9.17
C ARG A 1100 -41.44 26.14 9.86
N LEU A 1101 -41.21 27.46 9.83
CA LEU A 1101 -40.05 28.04 10.51
C LEU A 1101 -40.11 27.67 11.96
N ARG A 1102 -41.25 27.92 12.61
CA ARG A 1102 -41.39 27.64 14.03
C ARG A 1102 -41.22 26.17 14.29
N GLN A 1103 -41.86 25.32 13.47
CA GLN A 1103 -41.80 23.88 13.68
C GLN A 1103 -40.40 23.32 13.52
N SER A 1104 -39.59 23.83 12.59
CA SER A 1104 -38.22 23.32 12.48
C SER A 1104 -37.50 23.47 13.81
N LEU A 1105 -37.61 24.68 14.38
CA LEU A 1105 -36.99 25.00 15.67
C LEU A 1105 -37.60 24.20 16.83
N GLU A 1106 -38.91 24.04 16.83
CA GLU A 1106 -39.60 23.54 18.02
C GLU A 1106 -39.14 22.16 18.45
N PRO A 1107 -39.11 21.17 17.55
CA PRO A 1107 -38.63 19.89 18.07
C PRO A 1107 -37.14 19.78 18.42
N HIS A 1108 -36.29 20.67 17.92
CA HIS A 1108 -34.87 20.51 18.16
C HIS A 1108 -34.45 21.66 19.06
N ARG A 1109 -34.61 21.50 20.36
CA ARG A 1109 -34.28 22.59 21.30
C ARG A 1109 -33.19 22.12 22.24
N SER A 1110 -32.29 23.04 22.58
CA SER A 1110 -31.12 22.75 23.42
C SER A 1110 -30.21 23.96 23.39
N GLY A 1111 -29.33 24.04 24.38
CA GLY A 1111 -28.22 24.98 24.40
C GLY A 1111 -28.65 26.37 24.04
N THR A 1112 -29.22 27.07 25.02
CA THR A 1112 -29.74 28.45 24.84
C THR A 1112 -29.00 29.25 23.77
N ILE A 1113 -29.45 29.07 22.53
CA ILE A 1113 -29.03 29.84 21.40
C ILE A 1113 -30.14 30.80 21.08
N PRO A 1114 -29.84 32.08 21.14
CA PRO A 1114 -30.68 33.13 20.65
C PRO A 1114 -30.98 32.96 19.16
N VAL A 1115 -32.20 33.27 18.77
CA VAL A 1115 -32.56 33.29 17.37
C VAL A 1115 -32.52 34.74 16.92
N HIS A 1116 -31.81 34.98 15.84
CA HIS A 1116 -31.74 36.30 15.23
C HIS A 1116 -32.37 36.17 13.87
N LEU A 1117 -33.05 37.22 13.41
CA LEU A 1117 -33.73 37.13 12.13
C LEU A 1117 -33.37 38.30 11.28
N TYR A 1118 -32.96 38.02 10.05
CA TYR A 1118 -32.77 39.04 9.06
C TYR A 1118 -33.91 38.94 8.08
N TYR A 1119 -34.81 39.92 8.11
CA TYR A 1119 -35.89 40.04 7.12
C TYR A 1119 -35.41 41.02 6.08
N GLN A 1120 -34.99 40.54 4.89
CA GLN A 1120 -34.52 41.47 3.84
C GLN A 1120 -35.74 42.28 3.39
N ARG A 1121 -35.79 43.55 3.79
CA ARG A 1121 -36.84 44.41 3.28
C ARG A 1121 -36.31 45.13 2.07
N ALA A 1122 -37.24 45.49 1.18
CA ALA A 1122 -36.96 46.43 0.12
C ALA A 1122 -36.40 47.74 0.70
N ASP A 1123 -37.10 48.32 1.68
CA ASP A 1123 -36.68 49.58 2.30
C ASP A 1123 -35.36 49.50 3.08
N ALA A 1124 -35.31 48.64 4.09
CA ALA A 1124 -34.12 48.53 4.93
C ALA A 1124 -33.97 47.13 5.50
N ARG A 1125 -32.86 46.95 6.22
CA ARG A 1125 -32.64 45.77 7.06
C ARG A 1125 -32.93 46.14 8.49
N ALA A 1126 -33.95 45.52 9.06
CA ALA A 1126 -34.22 45.64 10.49
C ALA A 1126 -33.95 44.29 11.11
N ARG A 1127 -33.57 44.26 12.38
CA ARG A 1127 -33.47 43.00 13.12
C ARG A 1127 -34.66 42.83 14.08
N LEU A 1128 -35.49 41.84 13.76
CA LEU A 1128 -36.55 41.37 14.66
C LEU A 1128 -36.05 40.15 15.42
N ARG A 1129 -35.98 40.24 16.74
CA ARG A 1129 -35.53 39.11 17.53
C ARG A 1129 -36.75 38.25 17.77
N PHE A 1130 -36.69 36.98 17.38
CA PHE A 1130 -37.80 36.05 17.60
C PHE A 1130 -38.02 35.97 19.08
N GLY A 1131 -37.00 35.50 19.81
CA GLY A 1131 -37.05 35.14 21.24
C GLY A 1131 -38.40 34.77 21.79
N ALA A 1132 -39.20 34.08 20.97
CA ALA A 1132 -40.55 33.69 21.35
C ALA A 1132 -40.45 32.86 22.62
N THR A 1133 -39.59 31.85 22.56
CA THR A 1133 -39.34 30.96 23.67
C THR A 1133 -38.17 30.10 23.30
N TRP A 1134 -38.37 29.30 22.24
CA TRP A 1134 -37.47 28.23 21.94
C TRP A 1134 -36.10 28.77 21.59
N ARG A 1135 -35.12 28.05 22.11
CA ARG A 1135 -33.75 28.23 21.75
C ARG A 1135 -33.48 27.00 20.89
N VAL A 1136 -32.91 27.18 19.70
CA VAL A 1136 -32.80 26.08 18.71
C VAL A 1136 -31.68 25.17 19.13
N SER A 1137 -31.84 23.88 18.87
CA SER A 1137 -30.72 22.98 18.99
C SER A 1137 -29.83 23.23 17.81
N PRO A 1138 -28.58 22.84 17.93
CA PRO A 1138 -27.75 23.01 16.76
C PRO A 1138 -27.97 22.05 15.55
N SER A 1139 -28.67 20.92 15.68
CA SER A 1139 -28.81 19.99 14.52
C SER A 1139 -29.54 20.62 13.31
N ASP A 1140 -30.31 21.67 13.59
CA ASP A 1140 -31.09 22.39 12.61
C ASP A 1140 -30.42 22.81 11.28
N ARG A 1141 -29.09 23.06 11.25
CA ARG A 1141 -28.45 23.51 9.97
C ARG A 1141 -28.73 22.52 8.90
N LEU A 1142 -28.40 21.26 9.20
CA LEU A 1142 -28.45 20.21 8.21
C LEU A 1142 -29.88 20.07 7.75
N LEU A 1143 -30.83 20.07 8.71
CA LEU A 1143 -32.26 19.94 8.42
C LEU A 1143 -32.76 21.11 7.58
N ASN A 1144 -32.31 22.31 7.91
CA ASN A 1144 -32.73 23.52 7.20
C ASN A 1144 -32.20 23.57 5.78
N ASP A 1145 -30.92 23.20 5.64
CA ASP A 1145 -30.28 23.15 4.35
C ASP A 1145 -30.95 22.12 3.49
N LEU A 1146 -31.71 21.22 4.12
CA LEU A 1146 -32.44 20.21 3.38
C LEU A 1146 -33.29 20.78 2.26
N ARG A 1147 -34.00 21.89 2.48
CA ARG A 1147 -34.79 22.49 1.37
C ARG A 1147 -34.59 23.98 1.17
N GLY A 1148 -34.16 24.34 -0.04
CA GLY A 1148 -34.32 25.66 -0.63
C GLY A 1148 -33.86 26.91 0.08
N LEU A 1149 -33.21 26.75 1.24
CA LEU A 1149 -32.91 27.90 2.07
C LEU A 1149 -31.49 27.75 2.55
N ILE A 1150 -30.70 28.78 2.31
CA ILE A 1150 -29.36 28.83 2.83
C ILE A 1150 -29.38 29.74 4.03
N GLY A 1151 -28.65 29.35 5.06
CA GLY A 1151 -28.43 30.18 6.26
C GLY A 1151 -27.00 30.63 6.41
N SER A 1152 -26.76 31.68 7.20
CA SER A 1152 -25.40 32.04 7.57
C SER A 1152 -25.18 32.12 9.06
N GLU A 1153 -23.98 31.68 9.39
CA GLU A 1153 -23.59 31.36 10.72
C GLU A 1153 -22.73 32.58 11.07
N GLN A 1154 -23.34 33.48 11.85
CA GLN A 1154 -22.73 34.75 12.29
C GLN A 1154 -22.15 34.65 13.71
N VAL A 1155 -21.40 35.65 14.19
CA VAL A 1155 -20.95 35.63 15.60
C VAL A 1155 -22.21 35.77 16.43
N GLU A 1156 -22.34 35.00 17.52
CA GLU A 1156 -23.56 35.09 18.32
C GLU A 1156 -23.55 36.47 18.98
N LEU A 1157 -24.71 37.10 18.98
CA LEU A 1157 -24.92 38.41 19.62
C LEU A 1157 -24.56 38.44 21.12
N GLU A 1158 -25.03 37.46 21.89
CA GLU A 1158 -24.76 37.32 23.34
C GLU A 1158 -23.28 37.50 23.75
N PHE A 1159 -22.39 36.81 23.05
CA PHE A 1159 -21.00 36.74 23.48
C PHE A 1159 -20.38 38.13 23.49
N ASP A 1160 -20.62 38.91 22.43
CA ASP A 1160 -20.14 40.29 22.34
C ASP A 1160 -21.07 41.17 23.17
N MET B 1 -5.81 -54.96 -9.00
CA MET B 1 -5.71 -54.80 -7.54
C MET B 1 -7.09 -54.92 -6.94
N LYS B 2 -7.23 -55.84 -5.98
CA LYS B 2 -8.47 -56.07 -5.24
C LYS B 2 -8.09 -56.49 -3.85
N PHE B 3 -8.88 -56.07 -2.88
CA PHE B 3 -8.84 -56.63 -1.52
C PHE B 3 -10.17 -56.31 -0.86
N THR B 4 -10.50 -57.04 0.20
CA THR B 4 -11.71 -56.77 0.96
C THR B 4 -11.26 -56.76 2.43
N VAL B 5 -11.58 -55.69 3.17
CA VAL B 5 -11.34 -55.55 4.62
C VAL B 5 -12.61 -55.14 5.33
N GLU B 6 -12.63 -55.41 6.63
CA GLU B 6 -13.73 -55.05 7.51
C GLU B 6 -13.42 -53.66 8.01
N ARG B 7 -14.45 -52.82 8.02
CA ARG B 7 -14.41 -51.42 8.46
C ARG B 7 -13.63 -51.23 9.76
N GLU B 8 -13.92 -52.06 10.75
CA GLU B 8 -13.28 -51.96 12.06
C GLU B 8 -11.79 -52.31 12.14
N HIS B 9 -11.25 -52.90 11.08
CA HIS B 9 -9.80 -53.11 11.01
C HIS B 9 -9.10 -51.92 10.40
N LEU B 10 -9.88 -51.13 9.68
CA LEU B 10 -9.43 -50.00 8.92
C LEU B 10 -9.53 -48.71 9.72
N LEU B 11 -10.46 -48.64 10.67
CA LEU B 11 -10.81 -47.36 11.26
C LEU B 11 -9.75 -46.69 12.11
N LYS B 12 -9.14 -47.40 13.05
CA LYS B 12 -8.10 -46.78 13.88
C LYS B 12 -6.84 -46.46 13.06
N PRO B 13 -6.41 -47.41 12.19
CA PRO B 13 -5.32 -47.07 11.26
C PRO B 13 -5.57 -45.78 10.46
N LEU B 14 -6.68 -45.74 9.74
CA LEU B 14 -7.15 -44.61 8.93
C LEU B 14 -7.18 -43.29 9.64
N GLN B 15 -7.70 -43.28 10.86
CA GLN B 15 -7.73 -42.07 11.65
C GLN B 15 -6.34 -41.56 11.94
N GLN B 16 -5.47 -42.50 12.27
CA GLN B 16 -4.12 -42.18 12.72
C GLN B 16 -3.24 -41.69 11.57
N VAL B 17 -3.34 -42.40 10.45
CA VAL B 17 -2.66 -42.07 9.21
C VAL B 17 -3.11 -40.69 8.65
N SER B 18 -4.37 -40.32 8.87
CA SER B 18 -4.89 -39.02 8.41
C SER B 18 -4.49 -37.81 9.24
N GLY B 19 -3.80 -38.01 10.36
CA GLY B 19 -3.31 -36.91 11.17
C GLY B 19 -2.31 -36.00 10.46
N PRO B 20 -1.22 -36.57 9.89
CA PRO B 20 -0.22 -35.74 9.19
C PRO B 20 -0.74 -34.95 8.00
N LEU B 21 -1.89 -35.34 7.44
CA LEU B 21 -2.51 -34.60 6.36
C LEU B 21 -3.10 -33.31 6.91
N GLY B 22 -2.75 -32.21 6.24
CA GLY B 22 -3.11 -30.87 6.66
C GLY B 22 -2.44 -29.85 5.75
N GLY B 23 -1.23 -29.42 6.12
CA GLY B 23 -0.56 -28.24 5.55
C GLY B 23 -0.41 -28.12 4.04
N ARG B 24 -1.53 -27.81 3.39
CA ARG B 24 -1.57 -27.16 2.08
C ARG B 24 -0.84 -28.00 1.04
N PRO B 25 -1.24 -29.30 0.93
CA PRO B 25 -0.48 -30.17 0.03
C PRO B 25 -0.59 -29.66 -1.43
N THR B 26 0.40 -28.87 -1.81
CA THR B 26 0.44 -28.23 -3.11
C THR B 26 0.56 -29.32 -4.19
N LEU B 27 1.44 -30.26 -3.92
CA LEU B 27 1.59 -31.46 -4.73
C LEU B 27 0.42 -32.39 -4.41
N PRO B 28 -0.66 -32.37 -5.23
CA PRO B 28 -1.99 -32.90 -4.82
C PRO B 28 -2.00 -34.31 -4.24
N ILE B 29 -1.13 -35.17 -4.74
CA ILE B 29 -1.02 -36.55 -4.25
C ILE B 29 -0.63 -36.67 -2.75
N LEU B 30 -0.11 -35.61 -2.14
CA LEU B 30 0.03 -35.57 -0.65
C LEU B 30 -1.30 -35.67 0.11
N GLY B 31 -2.41 -35.33 -0.54
CA GLY B 31 -3.74 -35.46 0.06
C GLY B 31 -4.35 -36.82 -0.14
N ASN B 32 -3.55 -37.75 -0.64
CA ASN B 32 -3.97 -39.08 -1.03
C ASN B 32 -3.17 -40.11 -0.27
N LEU B 33 -3.51 -41.38 -0.41
CA LEU B 33 -2.82 -42.44 0.31
C LEU B 33 -2.05 -43.33 -0.64
N LEU B 34 -0.96 -43.92 -0.15
CA LEU B 34 -0.25 -44.95 -0.90
C LEU B 34 -0.76 -46.30 -0.43
N LEU B 35 -1.30 -47.08 -1.36
CA LEU B 35 -1.76 -48.43 -1.07
C LEU B 35 -0.80 -49.40 -1.73
N GLN B 36 -0.23 -50.33 -0.96
CA GLN B 36 0.43 -51.51 -1.52
C GLN B 36 -0.27 -52.72 -0.91
N VAL B 37 -0.78 -53.59 -1.78
CA VAL B 37 -1.44 -54.84 -1.37
C VAL B 37 -0.46 -55.95 -1.79
N ALA B 38 -0.09 -56.79 -0.84
CA ALA B 38 0.82 -57.91 -1.07
C ALA B 38 0.64 -58.77 0.15
N ASP B 39 0.67 -60.11 0.05
CA ASP B 39 0.50 -60.97 1.24
C ASP B 39 -0.99 -60.75 1.66
N GLY B 40 -1.34 -60.85 2.93
CA GLY B 40 -2.59 -60.31 3.45
C GLY B 40 -2.24 -59.05 4.21
N THR B 41 -1.64 -58.10 3.50
CA THR B 41 -1.27 -56.81 4.08
C THR B 41 -1.44 -55.70 3.04
N LEU B 42 -2.34 -54.79 3.36
CA LEU B 42 -2.41 -53.50 2.69
C LEU B 42 -1.57 -52.57 3.55
N SER B 43 -0.63 -51.86 2.94
CA SER B 43 0.14 -50.88 3.66
C SER B 43 -0.39 -49.51 3.33
N LEU B 44 -0.38 -48.62 4.32
CA LEU B 44 -0.82 -47.25 4.14
C LEU B 44 0.38 -46.35 4.26
N THR B 45 0.38 -45.25 3.53
CA THR B 45 1.30 -44.18 3.82
C THR B 45 0.54 -42.88 3.99
N GLY B 46 0.89 -42.14 5.05
CA GLY B 46 0.45 -40.76 5.27
C GLY B 46 1.69 -39.93 5.52
N THR B 47 1.86 -38.83 4.78
CA THR B 47 3.15 -38.17 4.67
C THR B 47 3.00 -36.66 4.47
N ASP B 48 3.97 -35.91 4.96
CA ASP B 48 4.09 -34.48 4.62
C ASP B 48 5.36 -34.26 3.82
N LEU B 49 5.84 -35.30 3.11
CA LEU B 49 7.14 -35.28 2.38
C LEU B 49 8.43 -35.27 3.23
N GLU B 50 8.35 -34.88 4.50
CA GLU B 50 9.48 -35.01 5.42
C GLU B 50 9.35 -36.18 6.39
N MET B 51 8.13 -36.64 6.61
CA MET B 51 7.91 -37.81 7.46
C MET B 51 6.77 -38.64 6.88
N GLU B 52 6.66 -39.86 7.40
CA GLU B 52 5.88 -40.92 6.77
C GLU B 52 5.23 -41.73 7.87
N MET B 53 4.02 -42.22 7.59
CA MET B 53 3.23 -42.94 8.57
C MET B 53 2.68 -44.20 7.91
N VAL B 54 2.93 -45.36 8.53
CA VAL B 54 2.60 -46.65 7.94
C VAL B 54 1.62 -47.40 8.82
N ALA B 55 0.61 -48.02 8.20
CA ALA B 55 -0.38 -48.84 8.87
C ALA B 55 -0.62 -50.15 8.11
N ARG B 56 -0.85 -51.24 8.83
CA ARG B 56 -1.29 -52.48 8.22
C ARG B 56 -2.66 -52.87 8.75
N VAL B 57 -3.47 -53.44 7.88
CA VAL B 57 -4.64 -54.19 8.29
C VAL B 57 -4.44 -55.58 7.71
N ALA B 58 -4.81 -56.61 8.46
CA ALA B 58 -4.78 -57.97 7.93
C ALA B 58 -5.93 -58.19 6.96
N LEU B 59 -5.66 -58.96 5.90
CA LEU B 59 -6.67 -59.33 4.90
C LEU B 59 -7.09 -60.78 5.11
N VAL B 60 -8.30 -60.95 5.64
CA VAL B 60 -8.90 -62.26 5.91
C VAL B 60 -9.67 -62.79 4.70
N GLN B 61 -10.25 -61.87 3.94
CA GLN B 61 -11.07 -62.20 2.76
C GLN B 61 -10.17 -62.16 1.52
N PRO B 62 -10.72 -62.40 0.30
CA PRO B 62 -9.86 -62.53 -0.89
C PRO B 62 -9.13 -61.27 -1.32
N HIS B 63 -7.91 -61.45 -1.78
CA HIS B 63 -7.04 -60.33 -2.08
C HIS B 63 -6.14 -60.66 -3.25
N GLU B 64 -5.67 -59.59 -3.86
CA GLU B 64 -4.92 -59.66 -5.09
C GLU B 64 -4.05 -58.42 -5.02
N PRO B 65 -2.74 -58.55 -5.31
CA PRO B 65 -1.87 -57.38 -5.18
C PRO B 65 -2.09 -56.29 -6.24
N GLY B 66 -1.47 -55.15 -6.00
CA GLY B 66 -1.58 -54.00 -6.88
C GLY B 66 -1.62 -52.73 -6.07
N ALA B 67 -1.45 -51.60 -6.75
CA ALA B 67 -1.28 -50.30 -6.10
C ALA B 67 -1.92 -49.18 -6.90
N THR B 68 -2.39 -48.16 -6.18
CA THR B 68 -2.87 -46.88 -6.74
C THR B 68 -2.95 -45.84 -5.62
N THR B 69 -3.50 -44.65 -5.86
CA THR B 69 -3.44 -43.58 -4.88
C THR B 69 -4.77 -42.85 -4.73
N VAL B 70 -5.50 -43.09 -3.63
CA VAL B 70 -6.87 -42.53 -3.48
C VAL B 70 -6.90 -41.33 -2.58
N PRO B 71 -7.91 -40.45 -2.74
CA PRO B 71 -7.95 -39.21 -1.97
C PRO B 71 -8.28 -39.44 -0.50
N ALA B 72 -7.37 -39.00 0.35
CA ALA B 72 -7.27 -39.48 1.72
C ALA B 72 -8.37 -39.00 2.64
N ARG B 73 -8.64 -37.69 2.64
CA ARG B 73 -9.62 -37.11 3.56
C ARG B 73 -11.03 -37.62 3.24
N LYS B 74 -11.35 -37.62 1.95
CA LYS B 74 -12.62 -38.10 1.44
C LYS B 74 -12.83 -39.56 1.73
N PHE B 75 -11.79 -40.36 1.50
CA PHE B 75 -11.87 -41.78 1.78
C PHE B 75 -11.98 -42.03 3.29
N PHE B 76 -11.28 -41.25 4.09
CA PHE B 76 -11.35 -41.46 5.53
C PHE B 76 -12.75 -41.19 6.08
N ASP B 77 -13.33 -40.08 5.66
CA ASP B 77 -14.70 -39.71 6.06
C ASP B 77 -15.77 -40.72 5.64
N ILE B 78 -15.68 -41.21 4.41
CA ILE B 78 -16.61 -42.24 3.97
C ILE B 78 -16.55 -43.42 4.95
N CYS B 79 -15.35 -43.95 5.24
CA CYS B 79 -15.18 -45.13 6.13
C CYS B 79 -15.63 -44.94 7.57
N ARG B 80 -15.18 -43.83 8.14
CA ARG B 80 -15.63 -43.37 9.44
C ARG B 80 -17.17 -43.24 9.46
N GLY B 81 -17.74 -42.75 8.36
CA GLY B 81 -19.19 -42.58 8.24
C GLY B 81 -20.03 -43.84 8.21
N LEU B 82 -19.46 -44.93 7.69
CA LEU B 82 -20.23 -46.17 7.51
C LEU B 82 -20.55 -46.80 8.87
N PRO B 83 -21.64 -47.59 8.94
CA PRO B 83 -21.92 -48.26 10.22
C PRO B 83 -20.92 -49.37 10.56
N GLU B 84 -20.85 -49.68 11.85
CA GLU B 84 -19.99 -50.73 12.38
C GLU B 84 -20.39 -52.08 11.77
N GLY B 85 -19.42 -52.79 11.20
CA GLY B 85 -19.65 -54.11 10.62
C GLY B 85 -20.03 -54.05 9.14
N ALA B 86 -19.95 -52.86 8.56
CA ALA B 86 -20.26 -52.67 7.15
C ALA B 86 -19.15 -53.24 6.28
N GLU B 87 -19.54 -53.86 5.18
CA GLU B 87 -18.65 -54.64 4.38
C GLU B 87 -18.11 -53.71 3.31
N ILE B 88 -16.79 -53.43 3.33
CA ILE B 88 -16.18 -52.61 2.26
C ILE B 88 -15.46 -53.54 1.25
N ALA B 89 -15.76 -53.38 -0.04
CA ALA B 89 -15.16 -54.18 -1.12
C ALA B 89 -14.32 -53.24 -1.95
N VAL B 90 -13.03 -53.55 -2.07
CA VAL B 90 -12.18 -52.80 -2.99
C VAL B 90 -11.92 -53.65 -4.20
N GLN B 91 -11.80 -52.98 -5.35
CA GLN B 91 -11.49 -53.62 -6.64
C GLN B 91 -11.15 -52.50 -7.61
N LEU B 92 -10.02 -52.63 -8.28
CA LEU B 92 -9.55 -51.62 -9.22
C LEU B 92 -10.22 -51.93 -10.56
N GLU B 93 -10.96 -50.97 -11.13
CA GLU B 93 -11.47 -51.10 -12.50
C GLU B 93 -10.73 -50.16 -13.44
N GLY B 94 -9.59 -50.60 -13.96
CA GLY B 94 -8.77 -49.77 -14.84
C GLY B 94 -8.31 -48.49 -14.16
N GLU B 95 -8.84 -47.35 -14.61
CA GLU B 95 -8.44 -46.05 -14.08
C GLU B 95 -9.39 -45.51 -13.00
N ARG B 96 -10.25 -46.36 -12.43
CA ARG B 96 -11.02 -46.01 -11.23
C ARG B 96 -10.82 -47.03 -10.13
N MET B 97 -10.79 -46.52 -8.90
CA MET B 97 -10.97 -47.39 -7.75
C MET B 97 -12.45 -47.41 -7.40
N LEU B 98 -13.00 -48.62 -7.38
CA LEU B 98 -14.36 -48.84 -6.92
C LEU B 98 -14.41 -49.29 -5.47
N VAL B 99 -15.18 -48.55 -4.69
CA VAL B 99 -15.45 -48.88 -3.31
C VAL B 99 -16.93 -49.23 -3.23
N ARG B 100 -17.23 -50.47 -2.84
CA ARG B 100 -18.61 -50.88 -2.64
C ARG B 100 -18.87 -51.30 -1.22
N SER B 101 -20.10 -51.11 -0.76
CA SER B 101 -20.54 -51.74 0.45
C SER B 101 -21.95 -52.23 0.19
N GLY B 102 -22.13 -53.54 0.11
CA GLY B 102 -23.39 -54.16 -0.30
C GLY B 102 -23.96 -53.50 -1.52
N ARG B 103 -24.93 -52.63 -1.29
CA ARG B 103 -25.77 -52.01 -2.33
C ARG B 103 -25.37 -50.57 -2.72
N SER B 104 -24.46 -49.93 -1.96
CA SER B 104 -23.93 -48.60 -2.29
C SER B 104 -22.66 -48.74 -3.11
N ARG B 105 -22.44 -47.77 -4.00
CA ARG B 105 -21.36 -47.80 -4.95
C ARG B 105 -20.75 -46.41 -5.02
N PHE B 106 -19.42 -46.34 -4.99
CA PHE B 106 -18.67 -45.08 -5.10
C PHE B 106 -17.42 -45.33 -5.97
N SER B 107 -17.03 -44.35 -6.77
CA SER B 107 -15.89 -44.49 -7.67
C SER B 107 -14.92 -43.37 -7.43
N LEU B 108 -13.64 -43.74 -7.27
CA LEU B 108 -12.57 -42.79 -6.99
C LEU B 108 -11.69 -42.62 -8.22
N SER B 109 -11.18 -41.41 -8.42
CA SER B 109 -10.19 -41.16 -9.46
C SER B 109 -8.93 -41.91 -9.08
N THR B 110 -8.08 -42.15 -10.06
CA THR B 110 -6.88 -42.92 -9.82
C THR B 110 -5.72 -42.12 -10.40
N LEU B 111 -4.69 -41.96 -9.58
CA LEU B 111 -3.40 -41.47 -10.03
C LEU B 111 -2.49 -42.66 -9.75
N PRO B 112 -1.43 -42.83 -10.55
CA PRO B 112 -0.63 -44.05 -10.39
C PRO B 112 0.20 -44.06 -9.09
N ALA B 113 0.32 -45.23 -8.47
CA ALA B 113 1.20 -45.40 -7.31
C ALA B 113 2.63 -44.94 -7.62
N ALA B 114 3.09 -45.29 -8.82
CA ALA B 114 4.42 -44.92 -9.32
C ALA B 114 4.79 -43.42 -9.25
N ASP B 115 3.80 -42.52 -9.10
CA ASP B 115 4.06 -41.07 -8.95
C ASP B 115 4.28 -40.63 -7.48
N PHE B 116 3.91 -41.50 -6.53
CA PHE B 116 4.09 -41.21 -5.11
C PHE B 116 5.57 -41.10 -4.74
N PRO B 117 5.98 -39.99 -4.11
CA PRO B 117 7.43 -39.78 -3.84
C PRO B 117 8.02 -40.79 -2.87
N ASN B 118 9.26 -41.20 -3.13
CA ASN B 118 9.88 -42.21 -2.29
C ASN B 118 11.05 -41.59 -1.56
N LEU B 119 11.08 -41.76 -0.24
CA LEU B 119 12.17 -41.32 0.61
C LEU B 119 13.17 -42.47 0.61
N ASP B 120 14.46 -42.09 0.67
CA ASP B 120 15.59 -43.06 0.71
C ASP B 120 15.62 -44.05 1.88
N ASP B 121 16.11 -45.25 1.60
CA ASP B 121 16.33 -46.23 2.66
C ASP B 121 17.56 -45.78 3.41
N TRP B 122 17.54 -46.08 4.68
CA TRP B 122 18.60 -45.79 5.62
C TRP B 122 18.59 -46.95 6.59
N GLN B 123 19.58 -47.00 7.46
CA GLN B 123 19.67 -48.08 8.42
C GLN B 123 19.76 -47.49 9.80
N SER B 124 19.38 -48.32 10.75
CA SER B 124 19.46 -48.11 12.18
C SER B 124 20.89 -48.05 12.70
N GLU B 125 21.06 -47.32 13.79
CA GLU B 125 22.35 -47.05 14.44
C GLU B 125 22.34 -47.40 15.94
N VAL B 126 21.30 -46.96 16.64
CA VAL B 126 21.06 -47.25 18.06
C VAL B 126 19.62 -47.74 18.14
N GLU B 127 19.32 -48.70 19.00
CA GLU B 127 17.99 -49.32 18.97
C GLU B 127 17.46 -49.50 20.35
N PHE B 128 16.16 -49.23 20.52
CA PHE B 128 15.49 -49.42 21.79
C PHE B 128 13.99 -49.63 21.62
N THR B 129 13.39 -50.34 22.58
CA THR B 129 11.94 -50.38 22.80
C THR B 129 11.68 -49.76 24.17
N LEU B 130 10.45 -49.32 24.43
CA LEU B 130 10.04 -48.87 25.77
C LEU B 130 8.55 -48.99 25.93
N PRO B 131 8.06 -49.08 27.19
CA PRO B 131 6.63 -49.06 27.42
C PRO B 131 6.02 -47.79 26.85
N GLN B 132 4.83 -47.93 26.30
CA GLN B 132 4.09 -46.77 25.85
C GLN B 132 4.02 -45.77 26.96
N ALA B 133 3.68 -46.20 28.17
CA ALA B 133 3.57 -45.30 29.34
C ALA B 133 4.69 -44.25 29.47
N THR B 134 5.92 -44.71 29.31
CA THR B 134 7.09 -43.87 29.46
C THR B 134 7.16 -42.79 28.36
N MET B 135 6.85 -43.18 27.13
CA MET B 135 6.78 -42.26 26.01
C MET B 135 5.71 -41.19 26.21
N LYS B 136 4.58 -41.59 26.80
CA LYS B 136 3.43 -40.71 27.04
C LYS B 136 3.84 -39.58 27.99
N ARG B 137 4.35 -39.99 29.15
CA ARG B 137 4.77 -39.05 30.19
C ARG B 137 5.81 -38.07 29.64
N LEU B 138 6.87 -38.62 29.01
CA LEU B 138 7.91 -37.83 28.32
C LEU B 138 7.45 -36.69 27.41
N ILE B 139 6.50 -36.97 26.54
CA ILE B 139 6.02 -35.97 25.61
C ILE B 139 5.13 -34.97 26.34
N GLU B 140 4.09 -35.48 26.98
CA GLU B 140 3.12 -34.66 27.73
C GLU B 140 3.79 -33.68 28.66
N ALA B 141 4.85 -34.14 29.30
CA ALA B 141 5.52 -33.38 30.32
C ALA B 141 6.25 -32.16 29.79
N THR B 142 6.58 -32.16 28.51
CA THR B 142 7.42 -31.13 27.92
C THR B 142 6.87 -30.39 26.69
N GLN B 143 5.85 -30.93 26.04
CA GLN B 143 5.39 -30.33 24.77
C GLN B 143 5.13 -28.81 24.80
N PHE B 144 4.65 -28.29 25.92
CA PHE B 144 4.28 -26.86 26.00
C PHE B 144 5.43 -25.90 25.71
N SER B 145 6.68 -26.29 26.00
CA SER B 145 7.85 -25.45 25.75
C SER B 145 8.37 -25.44 24.31
N MET B 146 7.71 -26.10 23.36
CA MET B 146 8.15 -26.03 21.97
C MET B 146 8.17 -24.59 21.46
N ALA B 147 9.18 -24.24 20.65
CA ALA B 147 9.21 -22.94 19.97
C ALA B 147 8.07 -22.95 18.99
N HIS B 148 7.60 -21.77 18.63
CA HIS B 148 6.42 -21.66 17.77
C HIS B 148 6.91 -21.48 16.34
N GLN B 149 7.62 -20.39 16.10
CA GLN B 149 8.23 -20.09 14.82
C GLN B 149 9.48 -19.42 15.31
N ASP B 150 10.61 -20.04 15.07
CA ASP B 150 11.88 -19.46 15.49
C ASP B 150 12.80 -19.41 14.28
N VAL B 151 13.66 -18.40 14.28
CA VAL B 151 14.68 -18.25 13.25
C VAL B 151 15.76 -19.30 13.49
N ARG B 152 15.97 -19.61 14.78
CA ARG B 152 16.78 -20.75 15.19
C ARG B 152 15.92 -21.99 15.04
N TYR B 153 15.81 -22.44 13.79
CA TYR B 153 14.91 -23.51 13.36
C TYR B 153 15.17 -24.85 14.06
N TYR B 154 16.43 -25.09 14.45
CA TYR B 154 16.80 -26.23 15.32
C TYR B 154 16.07 -26.32 16.69
N LEU B 155 15.57 -25.18 17.20
CA LEU B 155 14.77 -25.17 18.43
C LEU B 155 13.34 -25.59 18.21
N ASN B 156 12.88 -25.58 16.94
CA ASN B 156 11.57 -26.08 16.56
C ASN B 156 11.52 -27.61 16.54
N GLY B 157 11.75 -28.21 17.70
CA GLY B 157 11.86 -29.65 17.82
C GLY B 157 12.38 -30.01 19.20
N MET B 158 12.54 -31.31 19.44
CA MET B 158 12.89 -31.78 20.76
C MET B 158 14.11 -32.67 20.72
N LEU B 159 15.07 -32.37 21.59
CA LEU B 159 16.28 -33.16 21.69
C LEU B 159 15.96 -34.44 22.45
N PHE B 160 16.17 -35.61 21.84
CA PHE B 160 16.16 -36.89 22.57
C PHE B 160 17.57 -37.34 22.79
N GLU B 161 17.95 -37.53 24.04
CA GLU B 161 19.31 -37.86 24.36
C GLU B 161 19.36 -39.10 25.21
N THR B 162 20.17 -40.06 24.78
CA THR B 162 20.32 -41.36 25.43
C THR B 162 21.75 -41.45 26.08
N GLU B 163 21.87 -42.16 27.18
CA GLU B 163 23.18 -42.50 27.74
C GLU B 163 22.91 -43.36 28.94
N GLY B 164 23.49 -44.56 28.93
CA GLY B 164 23.33 -45.47 30.04
C GLY B 164 21.87 -45.84 30.07
N GLU B 165 21.21 -45.55 31.19
CA GLU B 165 19.80 -45.84 31.34
C GLU B 165 18.95 -44.58 31.37
N GLU B 166 19.46 -43.48 30.80
CA GLU B 166 18.78 -42.19 30.95
C GLU B 166 18.52 -41.58 29.61
N LEU B 167 17.25 -41.33 29.32
CA LEU B 167 16.85 -40.48 28.22
C LEU B 167 16.35 -39.20 28.88
N ARG B 168 16.72 -38.06 28.33
CA ARG B 168 16.22 -36.80 28.83
C ARG B 168 15.80 -35.98 27.62
N THR B 169 14.56 -35.51 27.61
CA THR B 169 14.04 -34.72 26.53
C THR B 169 13.98 -33.26 26.91
N VAL B 170 14.15 -32.37 25.94
CA VAL B 170 14.11 -30.95 26.21
C VAL B 170 13.55 -30.21 25.00
N ALA B 171 12.80 -29.17 25.29
CA ALA B 171 12.17 -28.37 24.29
C ALA B 171 12.12 -26.97 24.85
N THR B 172 12.32 -25.98 23.99
CA THR B 172 12.52 -24.62 24.46
C THR B 172 12.14 -23.58 23.42
N ASP B 173 12.02 -22.36 23.92
CA ASP B 173 11.69 -21.15 23.15
C ASP B 173 12.92 -20.31 22.85
N GLY B 174 13.90 -20.41 23.73
CA GLY B 174 14.92 -19.38 23.90
C GLY B 174 14.61 -18.47 25.10
N HIS B 175 13.49 -18.75 25.78
CA HIS B 175 12.95 -17.96 26.90
C HIS B 175 12.74 -18.82 28.15
N ARG B 176 12.04 -19.94 27.97
CA ARG B 176 11.70 -20.88 29.04
C ARG B 176 12.18 -22.23 28.54
N LEU B 177 12.20 -23.24 29.41
CA LEU B 177 12.61 -24.57 29.00
C LEU B 177 11.96 -25.59 29.90
N ALA B 178 11.46 -26.68 29.32
CA ALA B 178 10.97 -27.82 30.08
C ALA B 178 11.85 -29.01 29.76
N VAL B 179 12.25 -29.78 30.80
CA VAL B 179 13.05 -31.04 30.69
C VAL B 179 12.33 -32.21 31.38
N CYS B 180 12.37 -33.40 30.77
CA CYS B 180 11.89 -34.62 31.41
C CYS B 180 12.86 -35.74 31.10
N SER B 181 13.17 -36.58 32.09
CA SER B 181 13.97 -37.76 31.85
C SER B 181 13.27 -38.99 32.40
N MET B 182 13.32 -40.10 31.66
CA MET B 182 12.67 -41.34 32.05
C MET B 182 13.61 -42.52 31.93
N PRO B 183 13.41 -43.56 32.77
CA PRO B 183 14.12 -44.81 32.56
C PRO B 183 13.54 -45.60 31.38
N ILE B 184 14.46 -46.12 30.56
CA ILE B 184 14.15 -47.01 29.42
C ILE B 184 14.53 -48.48 29.66
N GLY B 185 15.31 -48.75 30.70
CA GLY B 185 15.59 -50.13 31.13
C GLY B 185 16.63 -50.90 30.33
N GLN B 186 17.34 -50.23 29.42
CA GLN B 186 18.39 -50.83 28.62
C GLN B 186 19.50 -49.80 28.53
N SER B 187 20.76 -50.25 28.58
CA SER B 187 21.90 -49.35 28.38
C SER B 187 21.88 -48.94 26.92
N LEU B 188 22.06 -47.65 26.66
CA LEU B 188 21.87 -47.13 25.32
C LEU B 188 23.09 -46.28 25.03
N PRO B 189 23.63 -46.40 23.80
CA PRO B 189 24.71 -45.52 23.40
C PRO B 189 24.17 -44.12 23.15
N SER B 190 25.07 -43.14 23.22
CA SER B 190 24.72 -41.74 23.09
C SER B 190 24.34 -41.37 21.67
N HIS B 191 23.16 -40.78 21.52
CA HIS B 191 22.71 -40.15 20.29
C HIS B 191 21.90 -38.87 20.56
N SER B 192 21.89 -37.95 19.60
CA SER B 192 21.13 -36.71 19.74
C SER B 192 20.44 -36.45 18.43
N VAL B 193 19.13 -36.20 18.49
CA VAL B 193 18.31 -35.97 17.29
C VAL B 193 17.20 -34.99 17.65
N ILE B 194 16.81 -34.14 16.72
CA ILE B 194 15.76 -33.16 16.96
C ILE B 194 14.66 -33.52 15.99
N VAL B 195 13.48 -33.86 16.49
CA VAL B 195 12.36 -34.14 15.60
C VAL B 195 11.48 -32.88 15.51
N PRO B 196 11.08 -32.48 14.29
CA PRO B 196 10.29 -31.25 14.09
C PRO B 196 8.93 -31.28 14.77
N ARG B 197 8.51 -30.13 15.29
CA ARG B 197 7.34 -30.04 16.17
C ARG B 197 6.09 -30.71 15.63
N LYS B 198 5.84 -30.59 14.34
CA LYS B 198 4.64 -31.20 13.81
C LYS B 198 4.74 -32.71 13.94
N GLY B 199 5.94 -33.20 13.68
CA GLY B 199 6.32 -34.59 13.95
C GLY B 199 6.00 -35.04 15.36
N VAL B 200 6.46 -34.27 16.35
CA VAL B 200 6.22 -34.70 17.73
C VAL B 200 4.70 -34.64 18.02
N ILE B 201 3.96 -33.69 17.46
CA ILE B 201 2.49 -33.64 17.65
C ILE B 201 1.84 -34.95 17.15
N GLU B 202 2.25 -35.38 15.96
CA GLU B 202 1.66 -36.57 15.40
C GLU B 202 1.99 -37.81 16.24
N LEU B 203 3.23 -37.89 16.66
CA LEU B 203 3.70 -38.99 17.48
C LEU B 203 2.94 -39.05 18.81
N MET B 204 2.77 -37.88 19.42
CA MET B 204 1.95 -37.72 20.61
C MET B 204 0.57 -38.32 20.38
N ARG B 205 -0.08 -37.92 19.30
CA ARG B 205 -1.42 -38.44 18.99
C ARG B 205 -1.52 -39.94 18.75
N MET B 206 -0.45 -40.62 18.31
CA MET B 206 -0.59 -42.05 18.07
C MET B 206 -0.52 -42.89 19.35
N LEU B 207 -0.03 -42.31 20.44
CA LEU B 207 0.11 -43.00 21.72
C LEU B 207 -1.21 -43.03 22.48
N ASP B 208 -1.81 -44.20 22.58
CA ASP B 208 -2.87 -44.47 23.57
C ASP B 208 -2.32 -44.91 24.93
N GLY B 209 -0.99 -45.03 25.06
CA GLY B 209 -0.37 -45.46 26.32
C GLY B 209 -0.48 -46.95 26.61
N GLY B 210 -1.07 -47.71 25.69
CA GLY B 210 -1.46 -49.10 25.95
C GLY B 210 -0.35 -50.13 25.97
N ASP B 211 -0.68 -51.37 25.61
CA ASP B 211 0.13 -52.54 25.98
C ASP B 211 1.21 -52.91 24.99
N ASN B 212 0.95 -52.67 23.70
CA ASN B 212 1.97 -52.95 22.71
C ASN B 212 3.17 -52.11 23.10
N PRO B 213 4.37 -52.72 23.16
CA PRO B 213 5.57 -51.91 23.37
C PRO B 213 5.86 -51.11 22.12
N LEU B 214 6.61 -50.03 22.29
CA LEU B 214 7.00 -49.17 21.21
C LEU B 214 8.46 -49.44 20.98
N ARG B 215 8.85 -49.54 19.72
CA ARG B 215 10.20 -49.90 19.37
C ARG B 215 10.64 -48.80 18.44
N VAL B 216 11.75 -48.15 18.76
CA VAL B 216 12.22 -47.07 17.91
C VAL B 216 13.63 -47.38 17.42
N GLN B 217 13.87 -47.04 16.16
CA GLN B 217 15.16 -47.10 15.50
C GLN B 217 15.50 -45.70 15.00
N ILE B 218 16.77 -45.32 15.13
CA ILE B 218 17.24 -44.01 14.74
C ILE B 218 18.45 -44.20 13.82
N GLY B 219 18.38 -43.61 12.63
CA GLY B 219 19.45 -43.72 11.65
C GLY B 219 20.25 -42.46 11.61
N SER B 220 21.02 -42.33 10.55
CA SER B 220 21.89 -41.20 10.37
C SER B 220 21.10 -39.91 10.10
N ASN B 221 20.06 -40.00 9.26
CA ASN B 221 19.25 -38.85 8.84
C ASN B 221 17.75 -39.03 9.04
N ASN B 222 17.35 -40.04 9.81
CA ASN B 222 15.93 -40.32 9.96
C ASN B 222 15.63 -40.92 11.30
N ILE B 223 14.35 -41.07 11.61
CA ILE B 223 13.94 -41.84 12.75
C ILE B 223 12.81 -42.74 12.31
N ARG B 224 12.75 -43.95 12.87
CA ARG B 224 11.66 -44.91 12.64
C ARG B 224 11.12 -45.45 13.97
N ALA B 225 9.79 -45.50 14.10
CA ALA B 225 9.15 -45.90 15.35
C ALA B 225 8.11 -46.92 15.02
N HIS B 226 8.20 -48.10 15.62
CA HIS B 226 7.19 -49.13 15.45
C HIS B 226 6.53 -49.27 16.81
N VAL B 227 5.21 -49.17 16.86
CA VAL B 227 4.40 -49.76 17.94
C VAL B 227 3.54 -50.80 17.23
N GLY B 228 3.65 -52.05 17.65
CA GLY B 228 3.02 -53.15 16.93
C GLY B 228 3.26 -53.03 15.44
N ASP B 229 2.18 -52.86 14.69
CA ASP B 229 2.20 -52.86 13.22
C ASP B 229 2.17 -51.47 12.56
N PHE B 230 2.17 -50.40 13.36
CA PHE B 230 2.12 -49.03 12.82
C PHE B 230 3.47 -48.41 12.99
N ILE B 231 3.87 -47.67 11.98
CA ILE B 231 5.25 -47.27 11.90
C ILE B 231 5.27 -45.84 11.42
N PHE B 232 5.93 -45.00 12.19
CA PHE B 232 6.12 -43.60 11.88
C PHE B 232 7.60 -43.35 11.63
N THR B 233 7.93 -42.65 10.56
CA THR B 233 9.31 -42.34 10.30
C THR B 233 9.39 -40.88 9.87
N SER B 234 10.32 -40.14 10.46
CA SER B 234 10.49 -38.72 10.21
C SER B 234 11.95 -38.46 9.92
N LYS B 235 12.23 -37.30 9.35
CA LYS B 235 13.61 -36.83 9.25
C LYS B 235 13.94 -36.06 10.50
N LEU B 236 15.23 -35.84 10.70
CA LEU B 236 15.73 -35.03 11.80
C LEU B 236 16.21 -33.72 11.21
N VAL B 237 16.10 -32.64 11.96
CA VAL B 237 16.84 -31.42 11.62
C VAL B 237 18.21 -31.63 12.31
N ASP B 238 19.32 -31.33 11.65
CA ASP B 238 20.52 -32.13 11.94
C ASP B 238 21.23 -31.98 13.29
N GLY B 239 21.57 -30.76 13.75
CA GLY B 239 22.47 -30.63 14.91
C GLY B 239 22.87 -29.24 15.35
N ARG B 240 23.87 -29.21 16.25
CA ARG B 240 24.22 -28.08 17.13
C ARG B 240 23.10 -27.73 18.10
N PHE B 241 22.68 -28.67 18.95
CA PHE B 241 21.71 -28.33 19.96
C PHE B 241 22.54 -27.67 21.04
N PRO B 242 22.17 -26.45 21.46
CA PRO B 242 22.99 -25.77 22.47
C PRO B 242 23.04 -26.54 23.80
N ASP B 243 24.04 -26.30 24.65
CA ASP B 243 24.22 -27.13 25.84
C ASP B 243 23.27 -26.78 26.97
N TYR B 244 22.22 -27.58 27.12
CA TYR B 244 21.24 -27.34 28.18
C TYR B 244 21.87 -27.42 29.58
N ARG B 245 22.97 -28.16 29.72
CA ARG B 245 23.66 -28.26 31.01
C ARG B 245 24.19 -26.91 31.48
N ARG B 246 24.46 -26.01 30.54
CA ARG B 246 24.95 -24.68 30.82
C ARG B 246 23.86 -23.74 31.39
N VAL B 247 22.61 -23.90 30.98
CA VAL B 247 21.58 -22.94 31.41
C VAL B 247 21.08 -23.27 32.80
N LEU B 248 21.22 -24.53 33.21
CA LEU B 248 20.67 -24.99 34.48
C LEU B 248 21.20 -24.12 35.60
N PRO B 249 20.33 -23.76 36.57
CA PRO B 249 20.87 -23.05 37.72
C PRO B 249 21.85 -23.91 38.54
N LYS B 250 22.92 -23.27 39.01
CA LYS B 250 24.06 -23.93 39.66
C LYS B 250 23.78 -23.97 41.16
N ASN B 251 23.16 -25.04 41.66
CA ASN B 251 22.72 -25.13 43.05
C ASN B 251 21.91 -23.95 43.63
N PRO B 252 20.63 -23.86 43.25
CA PRO B 252 19.72 -22.92 43.87
C PRO B 252 19.59 -23.23 45.36
N ASP B 253 20.06 -22.30 46.18
CA ASP B 253 20.17 -22.51 47.64
C ASP B 253 18.89 -22.24 48.44
N LYS B 254 17.86 -21.66 47.80
CA LYS B 254 16.59 -21.35 48.48
C LYS B 254 15.45 -22.18 47.88
N HIS B 255 14.56 -22.68 48.76
CA HIS B 255 13.52 -23.61 48.35
C HIS B 255 12.18 -23.03 48.71
N LEU B 256 11.23 -23.23 47.83
CA LEU B 256 9.92 -22.67 48.02
C LEU B 256 8.97 -23.77 47.60
N GLU B 257 8.13 -24.23 48.51
CA GLU B 257 7.27 -25.39 48.29
C GLU B 257 5.81 -24.97 48.53
N ALA B 258 4.87 -25.40 47.68
CA ALA B 258 3.45 -24.98 47.83
C ALA B 258 2.50 -25.88 47.06
N GLY B 259 1.23 -25.86 47.43
CA GLY B 259 0.20 -26.68 46.79
C GLY B 259 0.00 -26.27 45.35
N CYS B 260 0.14 -27.23 44.44
CA CYS B 260 0.23 -26.93 43.01
C CYS B 260 -1.04 -26.24 42.52
N ASP B 261 -2.18 -26.76 42.99
CA ASP B 261 -3.48 -26.32 42.50
C ASP B 261 -3.78 -24.93 42.94
N LEU B 262 -3.62 -24.70 44.23
CA LEU B 262 -3.86 -23.40 44.84
C LEU B 262 -3.01 -22.44 44.05
N LEU B 263 -1.71 -22.68 44.03
CA LEU B 263 -0.78 -21.78 43.39
C LEU B 263 -1.19 -21.45 41.95
N LYS B 264 -1.53 -22.48 41.19
CA LYS B 264 -1.92 -22.35 39.78
C LYS B 264 -3.19 -21.52 39.56
N GLN B 265 -4.12 -21.64 40.50
CA GLN B 265 -5.39 -20.96 40.44
C GLN B 265 -5.17 -19.43 40.61
N ALA B 266 -4.37 -19.11 41.62
CA ALA B 266 -3.99 -17.73 41.90
C ALA B 266 -3.25 -17.04 40.76
N PHE B 267 -2.34 -17.74 40.10
CA PHE B 267 -1.63 -17.18 38.94
C PHE B 267 -2.50 -17.00 37.70
N ALA B 268 -3.43 -17.94 37.50
CA ALA B 268 -4.39 -17.79 36.40
C ALA B 268 -5.20 -16.51 36.60
N ARG B 269 -5.71 -16.32 37.82
CA ARG B 269 -6.46 -15.12 38.16
C ARG B 269 -5.64 -13.83 38.05
N ALA B 270 -4.41 -13.84 38.55
CA ALA B 270 -3.54 -12.65 38.50
C ALA B 270 -3.19 -12.26 37.05
N ALA B 271 -2.96 -13.28 36.22
CA ALA B 271 -2.59 -13.07 34.80
C ALA B 271 -3.55 -12.16 34.02
N ILE B 272 -4.84 -12.21 34.36
CA ILE B 272 -5.88 -11.42 33.66
C ILE B 272 -5.55 -9.91 33.60
N LEU B 273 -4.89 -9.36 34.63
CA LEU B 273 -4.60 -7.92 34.68
C LEU B 273 -3.15 -7.53 34.38
N SER B 274 -2.41 -8.39 33.70
CA SER B 274 -1.03 -8.02 33.33
C SER B 274 -0.86 -7.48 31.90
N ASN B 275 0.37 -7.11 31.57
CA ASN B 275 0.71 -6.49 30.27
C ASN B 275 0.46 -7.38 29.04
N GLU B 276 -0.33 -6.88 28.08
CA GLU B 276 -0.45 -7.46 26.67
C GLU B 276 0.78 -8.23 26.13
N LYS B 277 1.84 -7.43 25.97
CA LYS B 277 3.09 -7.83 25.31
C LYS B 277 3.94 -8.70 26.22
N PHE B 278 4.04 -8.36 27.51
CA PHE B 278 5.08 -8.92 28.40
C PHE B 278 4.56 -9.84 29.49
N ARG B 279 3.24 -9.94 29.62
CA ARG B 279 2.54 -10.90 30.47
C ARG B 279 2.98 -10.74 31.97
N GLY B 280 3.28 -9.51 32.36
CA GLY B 280 4.06 -9.23 33.59
C GLY B 280 3.32 -9.33 34.89
N VAL B 281 3.77 -10.24 35.75
CA VAL B 281 3.28 -10.38 37.13
C VAL B 281 4.50 -10.14 38.03
N ARG B 282 4.31 -9.50 39.18
CA ARG B 282 5.39 -9.19 40.12
C ARG B 282 5.16 -10.02 41.38
N LEU B 283 6.25 -10.61 41.89
CA LEU B 283 6.18 -11.60 42.96
C LEU B 283 7.04 -11.15 44.15
N TYR B 284 6.51 -11.22 45.38
CA TYR B 284 7.25 -10.92 46.60
C TYR B 284 7.30 -12.20 47.37
N VAL B 285 8.49 -12.59 47.77
CA VAL B 285 8.61 -13.64 48.74
C VAL B 285 9.03 -12.98 50.05
N SER B 286 8.47 -13.46 51.15
CA SER B 286 8.90 -13.04 52.47
C SER B 286 8.74 -14.21 53.44
N GLU B 287 9.11 -14.01 54.70
CA GLU B 287 9.15 -15.10 55.70
C GLU B 287 7.85 -15.91 55.71
N ASN B 288 7.88 -17.07 55.05
CA ASN B 288 6.77 -18.05 54.96
C ASN B 288 5.49 -17.60 54.19
N GLN B 289 5.64 -16.57 53.35
CA GLN B 289 4.53 -15.95 52.63
C GLN B 289 4.95 -15.78 51.18
N LEU B 290 3.98 -15.85 50.28
CA LEU B 290 4.16 -15.47 48.89
C LEU B 290 3.06 -14.49 48.51
N LYS B 291 3.47 -13.34 47.97
CA LYS B 291 2.54 -12.36 47.46
C LYS B 291 2.65 -12.27 45.93
N ILE B 292 1.57 -12.60 45.22
CA ILE B 292 1.51 -12.45 43.77
C ILE B 292 0.80 -11.13 43.48
N THR B 293 1.26 -10.34 42.50
CA THR B 293 0.55 -9.11 42.12
C THR B 293 0.62 -8.92 40.62
N ALA B 294 -0.38 -8.24 40.06
CA ALA B 294 -0.45 -8.01 38.62
C ALA B 294 -0.90 -6.60 38.36
N ASN B 295 -0.32 -5.96 37.34
CA ASN B 295 -0.45 -4.51 37.10
C ASN B 295 -0.79 -4.29 35.64
N ASN B 296 -1.57 -3.25 35.34
CA ASN B 296 -1.55 -2.70 34.00
C ASN B 296 -1.58 -1.16 34.06
N PRO B 297 -1.22 -0.44 32.96
CA PRO B 297 -1.18 1.03 32.98
C PRO B 297 -2.47 1.72 33.38
N GLU B 298 -3.63 1.08 33.19
CA GLU B 298 -4.89 1.64 33.68
C GLU B 298 -5.17 1.39 35.16
N GLN B 299 -4.14 1.01 35.91
CA GLN B 299 -4.18 0.84 37.38
C GLN B 299 -5.06 -0.33 37.85
N GLU B 300 -5.36 -1.26 36.95
CA GLU B 300 -6.09 -2.47 37.27
C GLU B 300 -5.06 -3.42 37.86
N GLU B 301 -5.43 -4.20 38.86
CA GLU B 301 -4.44 -4.88 39.69
C GLU B 301 -5.11 -6.09 40.29
N ALA B 302 -4.44 -7.25 40.16
CA ALA B 302 -4.78 -8.44 40.92
C ALA B 302 -3.69 -8.66 41.93
N GLU B 303 -4.09 -9.10 43.12
CA GLU B 303 -3.15 -9.26 44.21
C GLU B 303 -3.59 -10.43 45.07
N GLU B 304 -2.64 -11.33 45.36
CA GLU B 304 -2.87 -12.53 46.16
C GLU B 304 -1.81 -12.62 47.25
N ILE B 305 -2.23 -13.02 48.45
CA ILE B 305 -1.30 -13.31 49.53
C ILE B 305 -1.42 -14.81 49.76
N LEU B 306 -0.31 -15.54 49.89
CA LEU B 306 -0.44 -16.98 50.12
C LEU B 306 0.60 -17.55 51.08
N ASP B 307 0.20 -18.64 51.72
CA ASP B 307 1.03 -19.27 52.73
C ASP B 307 1.83 -20.35 52.06
N VAL B 308 3.14 -20.14 52.11
CA VAL B 308 4.09 -20.78 51.25
C VAL B 308 5.23 -21.29 52.17
N THR B 309 5.62 -22.56 52.03
CA THR B 309 6.77 -23.10 52.79
C THR B 309 8.01 -22.63 52.04
N TYR B 310 8.90 -21.96 52.75
CA TYR B 310 10.00 -21.26 52.12
C TYR B 310 10.95 -20.83 53.20
N SER B 311 12.22 -21.10 53.01
CA SER B 311 13.22 -20.64 53.93
C SER B 311 14.22 -19.89 53.09
N GLY B 312 14.52 -18.66 53.50
CA GLY B 312 15.45 -17.83 52.75
C GLY B 312 15.09 -16.38 52.88
N ALA B 313 15.77 -15.57 52.09
CA ALA B 313 15.70 -14.13 52.18
C ALA B 313 14.58 -13.56 51.31
N GLU B 314 14.07 -12.38 51.72
CA GLU B 314 13.14 -11.61 50.90
C GLU B 314 13.72 -11.18 49.57
N MET B 315 12.91 -11.34 48.51
CA MET B 315 13.24 -10.92 47.16
C MET B 315 11.98 -10.91 46.31
N GLU B 316 12.06 -10.18 45.20
CA GLU B 316 10.95 -9.95 44.29
C GLU B 316 11.40 -10.40 42.94
N ILE B 317 10.51 -10.92 42.10
CA ILE B 317 10.90 -11.38 40.77
C ILE B 317 9.67 -11.42 39.87
N GLY B 318 9.79 -10.96 38.63
CA GLY B 318 8.71 -11.02 37.64
C GLY B 318 9.03 -11.96 36.50
N PHE B 319 8.01 -12.33 35.73
CA PHE B 319 8.17 -13.34 34.64
C PHE B 319 7.00 -13.26 33.66
N ASN B 320 7.11 -13.96 32.53
CA ASN B 320 5.96 -14.14 31.66
C ASN B 320 5.03 -15.17 32.28
N VAL B 321 3.88 -14.70 32.75
CA VAL B 321 2.87 -15.51 33.42
C VAL B 321 2.29 -16.65 32.56
N SER B 322 2.12 -16.45 31.26
CA SER B 322 1.61 -17.54 30.42
C SER B 322 2.52 -18.75 30.48
N TYR B 323 3.82 -18.50 30.43
CA TYR B 323 4.76 -19.62 30.41
C TYR B 323 4.78 -20.37 31.73
N VAL B 324 4.70 -19.67 32.84
CA VAL B 324 4.60 -20.35 34.13
C VAL B 324 3.24 -21.06 34.35
N LEU B 325 2.17 -20.56 33.76
CA LEU B 325 0.88 -21.27 33.86
C LEU B 325 0.93 -22.57 33.07
N ASP B 326 1.57 -22.50 31.90
CA ASP B 326 1.77 -23.67 31.06
C ASP B 326 2.47 -24.81 31.79
N VAL B 327 3.47 -24.48 32.61
CA VAL B 327 4.17 -25.50 33.36
C VAL B 327 3.26 -26.00 34.48
N LEU B 328 2.58 -25.13 35.22
CA LEU B 328 1.64 -25.57 36.27
C LEU B 328 0.51 -26.46 35.73
N ASN B 329 0.12 -26.27 34.48
CA ASN B 329 -0.83 -27.17 33.81
C ASN B 329 -0.23 -28.53 33.44
N ALA B 330 1.05 -28.54 33.08
CA ALA B 330 1.77 -29.77 32.76
C ALA B 330 2.19 -30.52 34.02
N LEU B 331 2.28 -29.80 35.12
CA LEU B 331 2.60 -30.35 36.43
C LEU B 331 1.28 -30.88 36.98
N LYS B 332 1.02 -32.14 36.73
CA LYS B 332 -0.24 -32.75 37.13
C LYS B 332 -0.06 -33.38 38.52
N CYS B 333 0.42 -32.61 39.50
CA CYS B 333 0.98 -33.21 40.71
C CYS B 333 0.61 -32.52 42.00
N GLU B 334 0.90 -33.21 43.10
CA GLU B 334 0.47 -32.84 44.44
C GLU B 334 1.20 -31.60 44.94
N ASN B 335 2.53 -31.67 44.87
CA ASN B 335 3.41 -30.65 45.38
C ASN B 335 4.44 -30.29 44.35
N VAL B 336 4.79 -29.01 44.34
CA VAL B 336 5.85 -28.49 43.52
C VAL B 336 6.89 -27.98 44.49
N ARG B 337 8.17 -28.09 44.15
CA ARG B 337 9.20 -27.36 44.87
C ARG B 337 9.88 -26.43 43.88
N MET B 338 9.96 -25.17 44.26
CA MET B 338 10.53 -24.13 43.42
C MET B 338 11.82 -23.73 44.05
N MET B 339 12.86 -23.72 43.23
CA MET B 339 14.25 -23.57 43.65
C MET B 339 14.84 -22.34 42.95
N LEU B 340 15.21 -21.33 43.74
CA LEU B 340 15.50 -20.00 43.19
C LEU B 340 16.98 -19.65 43.30
N THR B 341 17.35 -18.57 42.64
CA THR B 341 18.65 -17.94 42.86
C THR B 341 18.40 -16.49 43.24
N ASP B 342 17.90 -15.69 42.30
CA ASP B 342 17.56 -14.28 42.58
C ASP B 342 16.58 -13.75 41.55
N SER B 343 16.11 -12.52 41.79
CA SER B 343 15.24 -11.78 40.90
C SER B 343 15.64 -11.66 39.42
N VAL B 344 16.87 -12.04 39.07
CA VAL B 344 17.36 -11.78 37.71
C VAL B 344 18.01 -13.02 37.07
N SER B 345 17.77 -14.19 37.65
CA SER B 345 18.26 -15.47 37.14
C SER B 345 17.06 -16.30 36.74
N SER B 346 17.25 -17.29 35.86
CA SER B 346 16.21 -18.31 35.59
C SER B 346 15.94 -19.08 36.88
N VAL B 347 14.76 -19.69 37.02
CA VAL B 347 14.50 -20.48 38.23
C VAL B 347 14.16 -21.88 37.75
N GLN B 348 14.52 -22.85 38.56
CA GLN B 348 14.26 -24.24 38.27
C GLN B 348 13.12 -24.69 39.16
N ILE B 349 12.24 -25.48 38.59
CA ILE B 349 11.03 -25.89 39.25
C ILE B 349 10.92 -27.37 39.04
N GLU B 350 10.55 -28.09 40.10
CA GLU B 350 10.32 -29.51 39.99
C GLU B 350 9.10 -29.90 40.79
N ASP B 351 8.66 -31.14 40.57
CA ASP B 351 7.74 -31.82 41.46
C ASP B 351 8.51 -32.03 42.74
N ALA B 352 7.90 -31.75 43.88
CA ALA B 352 8.57 -31.90 45.17
C ALA B 352 8.90 -33.37 45.50
N ALA B 353 8.39 -34.31 44.69
CA ALA B 353 8.61 -35.75 44.86
C ALA B 353 9.54 -36.44 43.84
N SER B 354 9.69 -35.88 42.64
CA SER B 354 10.54 -36.46 41.58
C SER B 354 11.47 -35.39 41.08
N GLN B 355 12.76 -35.69 41.02
CA GLN B 355 13.71 -34.91 40.25
C GLN B 355 13.71 -35.31 38.75
N SER B 356 12.87 -36.26 38.36
CA SER B 356 12.88 -36.81 36.99
C SER B 356 12.66 -35.75 35.92
N ALA B 357 11.75 -34.83 36.20
CA ALA B 357 11.50 -33.69 35.33
C ALA B 357 11.93 -32.42 36.03
N ALA B 358 12.51 -31.49 35.27
CA ALA B 358 12.94 -30.20 35.78
C ALA B 358 12.45 -29.15 34.79
N TYR B 359 11.99 -28.02 35.31
CA TYR B 359 11.41 -26.95 34.47
C TYR B 359 12.12 -25.69 34.87
N VAL B 360 12.62 -24.95 33.90
CA VAL B 360 13.30 -23.71 34.20
C VAL B 360 12.84 -22.63 33.23
N VAL B 361 12.37 -21.54 33.82
CA VAL B 361 11.91 -20.37 33.09
C VAL B 361 12.79 -19.22 33.52
N MET B 362 13.07 -18.32 32.59
CA MET B 362 13.88 -17.14 32.88
C MET B 362 13.07 -16.09 33.59
N PRO B 363 13.75 -15.12 34.23
CA PRO B 363 13.03 -14.02 34.80
C PRO B 363 12.76 -12.95 33.74
N MET B 364 11.70 -12.20 33.96
CA MET B 364 11.45 -10.97 33.23
C MET B 364 11.80 -9.84 34.15
N ARG B 365 12.26 -8.73 33.56
CA ARG B 365 12.54 -7.55 34.31
C ARG B 365 11.38 -6.61 34.03
N LEU B 366 10.42 -6.62 34.96
CA LEU B 366 9.18 -5.82 34.95
C LEU B 366 9.25 -4.85 36.11
N MET C 1 -21.17 2.56 48.70
CA MET C 1 -21.93 1.37 48.22
C MET C 1 -21.18 0.08 48.59
N LYS C 2 -21.88 -0.99 48.94
CA LYS C 2 -21.27 -2.13 49.61
C LYS C 2 -22.17 -3.33 49.45
N PHE C 3 -21.64 -4.51 49.09
CA PHE C 3 -22.43 -5.75 49.03
C PHE C 3 -21.59 -6.98 49.38
N THR C 4 -22.25 -8.11 49.62
CA THR C 4 -21.54 -9.39 49.79
C THR C 4 -22.44 -10.50 49.22
N VAL C 5 -21.89 -11.35 48.33
CA VAL C 5 -22.59 -12.53 47.73
C VAL C 5 -21.65 -13.71 47.50
N GLU C 6 -22.26 -14.86 47.26
CA GLU C 6 -21.59 -16.13 47.25
C GLU C 6 -21.30 -16.34 45.80
N ARG C 7 -20.03 -16.60 45.48
CA ARG C 7 -19.58 -16.99 44.13
C ARG C 7 -20.55 -17.91 43.41
N GLU C 8 -21.08 -18.89 44.14
CA GLU C 8 -21.93 -19.95 43.58
C GLU C 8 -23.28 -19.47 43.06
N HIS C 9 -23.83 -18.47 43.74
CA HIS C 9 -25.08 -17.90 43.31
C HIS C 9 -24.84 -17.04 42.09
N LEU C 10 -23.69 -16.37 42.08
CA LEU C 10 -23.34 -15.41 41.05
C LEU C 10 -22.84 -16.00 39.74
N LEU C 11 -22.23 -17.17 39.77
CA LEU C 11 -21.45 -17.67 38.63
C LEU C 11 -22.20 -18.07 37.35
N LYS C 12 -23.26 -18.89 37.43
CA LYS C 12 -24.02 -19.21 36.22
C LYS C 12 -24.72 -18.00 35.59
N PRO C 13 -25.38 -17.15 36.42
CA PRO C 13 -25.90 -15.89 35.89
C PRO C 13 -24.86 -15.08 35.12
N LEU C 14 -23.71 -14.87 35.76
CA LEU C 14 -22.54 -14.19 35.17
C LEU C 14 -22.22 -14.74 33.80
N GLN C 15 -22.10 -16.06 33.72
CA GLN C 15 -21.84 -16.73 32.44
C GLN C 15 -22.96 -16.50 31.42
N GLN C 16 -24.21 -16.72 31.81
CA GLN C 16 -25.29 -16.58 30.85
C GLN C 16 -25.44 -15.15 30.34
N VAL C 17 -25.25 -14.17 31.20
CA VAL C 17 -25.48 -12.77 30.84
C VAL C 17 -24.28 -12.11 30.13
N SER C 18 -23.06 -12.56 30.45
CA SER C 18 -21.86 -12.05 29.77
C SER C 18 -21.73 -12.59 28.36
N GLY C 19 -21.99 -13.90 28.21
CA GLY C 19 -21.99 -14.61 26.92
C GLY C 19 -21.93 -13.76 25.66
N PRO C 20 -23.05 -13.10 25.31
CA PRO C 20 -23.17 -12.31 24.05
C PRO C 20 -22.45 -10.95 23.99
N LEU C 21 -21.97 -10.46 25.13
CA LEU C 21 -21.34 -9.15 25.20
C LEU C 21 -19.97 -9.18 24.52
N GLY C 22 -19.77 -8.26 23.58
CA GLY C 22 -18.58 -8.26 22.79
C GLY C 22 -17.38 -7.95 23.66
N GLY C 23 -16.33 -8.76 23.52
CA GLY C 23 -15.02 -8.44 24.11
C GLY C 23 -14.62 -6.98 23.87
N ARG C 24 -14.75 -6.57 22.62
CA ARG C 24 -14.54 -5.20 22.20
C ARG C 24 -15.78 -4.82 21.40
N PRO C 25 -16.73 -4.11 22.03
CA PRO C 25 -17.78 -3.53 21.17
C PRO C 25 -17.30 -2.20 20.57
N THR C 26 -18.11 -1.62 19.70
CA THR C 26 -17.73 -0.37 19.01
C THR C 26 -17.86 0.84 19.94
N LEU C 27 -18.72 0.68 20.95
CA LEU C 27 -18.98 1.63 22.01
C LEU C 27 -18.47 0.94 23.28
N PRO C 28 -17.21 1.17 23.69
CA PRO C 28 -16.71 0.16 24.62
C PRO C 28 -17.34 -0.04 26.02
N ILE C 29 -18.16 0.87 26.56
CA ILE C 29 -18.92 0.54 27.84
C ILE C 29 -19.79 -0.71 27.69
N LEU C 30 -20.13 -1.06 26.45
CA LEU C 30 -20.80 -2.33 26.14
C LEU C 30 -20.01 -3.60 26.52
N GLY C 31 -18.72 -3.46 26.82
CA GLY C 31 -17.93 -4.54 27.40
C GLY C 31 -17.82 -4.47 28.90
N ASN C 32 -18.56 -3.55 29.53
CA ASN C 32 -18.71 -3.48 30.98
C ASN C 32 -20.09 -3.92 31.40
N LEU C 33 -20.19 -4.22 32.69
CA LEU C 33 -21.46 -4.64 33.30
C LEU C 33 -21.93 -3.50 34.15
N LEU C 34 -23.21 -3.18 34.10
CA LEU C 34 -23.79 -2.23 35.03
C LEU C 34 -24.21 -3.01 36.26
N LEU C 35 -23.80 -2.52 37.43
CA LEU C 35 -24.09 -3.20 38.67
C LEU C 35 -24.93 -2.22 39.47
N GLN C 36 -26.07 -2.67 40.01
CA GLN C 36 -26.95 -1.82 40.81
C GLN C 36 -27.41 -2.54 42.06
N VAL C 37 -27.18 -1.92 43.21
CA VAL C 37 -27.67 -2.44 44.47
C VAL C 37 -28.77 -1.49 44.93
N ALA C 38 -29.94 -2.05 45.14
CA ALA C 38 -31.08 -1.32 45.65
C ALA C 38 -31.97 -2.36 46.25
N ASP C 39 -32.69 -2.01 47.30
CA ASP C 39 -33.49 -2.99 48.04
C ASP C 39 -32.53 -4.14 48.43
N GLY C 40 -33.04 -5.35 48.61
CA GLY C 40 -32.17 -6.51 48.82
C GLY C 40 -31.83 -7.14 47.49
N THR C 41 -31.22 -6.38 46.58
CA THR C 41 -31.02 -6.88 45.21
C THR C 41 -29.78 -6.33 44.48
N LEU C 42 -29.03 -7.23 43.85
CA LEU C 42 -27.99 -6.85 42.91
C LEU C 42 -28.58 -7.05 41.53
N SER C 43 -28.53 -6.03 40.69
CA SER C 43 -29.00 -6.10 39.32
C SER C 43 -27.78 -6.04 38.45
N LEU C 44 -27.70 -6.97 37.51
CA LEU C 44 -26.58 -7.11 36.60
C LEU C 44 -27.15 -6.78 35.23
N THR C 45 -26.39 -6.09 34.39
CA THR C 45 -26.84 -5.80 33.02
C THR C 45 -25.75 -6.05 31.99
N GLY C 46 -26.05 -6.89 31.01
CA GLY C 46 -25.34 -6.91 29.73
C GLY C 46 -26.37 -6.61 28.65
N THR C 47 -26.02 -5.74 27.69
CA THR C 47 -26.91 -5.41 26.58
C THR C 47 -26.11 -5.20 25.31
N ASP C 48 -26.81 -5.14 24.17
CA ASP C 48 -26.21 -4.66 22.93
C ASP C 48 -27.16 -3.69 22.22
N LEU C 49 -27.99 -2.98 22.99
CA LEU C 49 -29.13 -2.19 22.47
C LEU C 49 -30.27 -3.02 21.86
N GLU C 50 -29.96 -4.18 21.28
CA GLU C 50 -30.99 -5.03 20.67
C GLU C 50 -31.62 -5.94 21.73
N MET C 51 -30.79 -6.57 22.56
CA MET C 51 -31.28 -7.36 23.70
C MET C 51 -30.66 -6.94 25.02
N GLU C 52 -31.26 -7.41 26.11
CA GLU C 52 -30.82 -7.09 27.45
C GLU C 52 -31.13 -8.29 28.31
N MET C 53 -30.19 -8.64 29.17
CA MET C 53 -30.36 -9.75 30.06
C MET C 53 -30.13 -9.15 31.44
N VAL C 54 -31.03 -9.45 32.38
CA VAL C 54 -30.93 -8.93 33.73
C VAL C 54 -30.99 -10.10 34.72
N ALA C 55 -30.07 -10.11 35.68
CA ALA C 55 -30.09 -11.09 36.76
C ALA C 55 -30.23 -10.35 38.06
N ARG C 56 -31.02 -10.90 38.98
CA ARG C 56 -31.24 -10.30 40.28
C ARG C 56 -30.86 -11.35 41.30
N VAL C 57 -30.21 -10.91 42.37
CA VAL C 57 -29.73 -11.79 43.42
C VAL C 57 -29.89 -11.04 44.73
N ALA C 58 -30.50 -11.71 45.71
CA ALA C 58 -30.76 -11.10 47.01
C ALA C 58 -29.49 -11.03 47.85
N LEU C 59 -29.32 -9.87 48.50
CA LEU C 59 -28.13 -9.56 49.30
C LEU C 59 -28.31 -9.98 50.77
N VAL C 60 -27.62 -11.04 51.17
CA VAL C 60 -27.80 -11.66 52.50
C VAL C 60 -26.99 -10.98 53.64
N GLN C 61 -25.90 -10.30 53.30
CA GLN C 61 -25.00 -9.72 54.31
C GLN C 61 -25.06 -8.20 54.17
N PRO C 62 -24.54 -7.45 55.16
CA PRO C 62 -24.67 -5.99 55.16
C PRO C 62 -24.26 -5.27 53.87
N HIS C 63 -24.98 -4.20 53.56
CA HIS C 63 -24.92 -3.61 52.23
C HIS C 63 -25.29 -2.16 52.24
N GLU C 64 -25.00 -1.49 51.13
CA GLU C 64 -25.22 -0.06 50.98
C GLU C 64 -25.45 0.15 49.48
N PRO C 65 -26.55 0.82 49.06
CA PRO C 65 -26.85 0.95 47.63
C PRO C 65 -25.97 1.95 46.87
N GLY C 66 -26.08 1.97 45.56
CA GLY C 66 -25.31 2.90 44.72
C GLY C 66 -25.26 2.33 43.32
N ALA C 67 -24.51 2.98 42.44
CA ALA C 67 -24.39 2.53 41.04
C ALA C 67 -22.95 2.69 40.53
N THR C 68 -22.54 1.76 39.68
CA THR C 68 -21.31 1.87 38.86
C THR C 68 -21.33 0.81 37.75
N THR C 69 -20.28 0.76 36.94
CA THR C 69 -20.25 -0.12 35.81
C THR C 69 -18.80 -0.60 35.70
N VAL C 70 -18.56 -1.93 35.70
CA VAL C 70 -17.18 -2.50 35.71
C VAL C 70 -16.87 -3.35 34.49
N PRO C 71 -15.59 -3.40 34.07
CA PRO C 71 -15.17 -4.10 32.86
C PRO C 71 -15.55 -5.56 32.87
N ALA C 72 -16.40 -5.97 31.93
CA ALA C 72 -17.11 -7.25 32.02
C ALA C 72 -16.19 -8.46 31.90
N ARG C 73 -15.41 -8.57 30.82
CA ARG C 73 -14.59 -9.78 30.56
C ARG C 73 -13.67 -10.10 31.72
N LYS C 74 -12.87 -9.12 32.10
CA LYS C 74 -11.86 -9.36 33.12
C LYS C 74 -12.48 -9.70 34.45
N PHE C 75 -13.60 -9.05 34.76
CA PHE C 75 -14.30 -9.32 35.99
C PHE C 75 -14.88 -10.72 35.97
N PHE C 76 -15.40 -11.15 34.84
CA PHE C 76 -15.96 -12.49 34.78
C PHE C 76 -14.87 -13.55 34.92
N ASP C 77 -13.75 -13.34 34.27
CA ASP C 77 -12.64 -14.28 34.41
C ASP C 77 -12.13 -14.32 35.85
N ILE C 78 -12.00 -13.15 36.49
CA ILE C 78 -11.66 -13.09 37.90
C ILE C 78 -12.64 -13.94 38.70
N CYS C 79 -13.95 -13.70 38.58
CA CYS C 79 -14.97 -14.50 39.31
C CYS C 79 -14.94 -15.98 39.02
N ARG C 80 -14.76 -16.34 37.75
CA ARG C 80 -14.72 -17.75 37.38
C ARG C 80 -13.50 -18.43 38.02
N GLY C 81 -12.36 -17.76 37.94
CA GLY C 81 -11.12 -18.28 38.48
C GLY C 81 -11.01 -18.45 39.99
N LEU C 82 -11.96 -17.90 40.78
CA LEU C 82 -11.86 -17.89 42.26
C LEU C 82 -11.96 -19.29 42.87
N PRO C 83 -11.39 -19.48 44.10
CA PRO C 83 -11.42 -20.80 44.71
C PRO C 83 -12.83 -21.23 45.07
N GLU C 84 -12.96 -22.54 45.19
CA GLU C 84 -14.20 -23.22 45.52
C GLU C 84 -14.84 -22.61 46.76
N GLY C 85 -16.12 -22.23 46.62
CA GLY C 85 -16.93 -21.70 47.71
C GLY C 85 -16.72 -20.27 48.15
N ALA C 86 -16.08 -19.46 47.30
CA ALA C 86 -15.50 -18.20 47.75
C ALA C 86 -16.59 -17.18 48.02
N GLU C 87 -16.49 -16.49 49.16
CA GLU C 87 -17.44 -15.45 49.58
C GLU C 87 -16.65 -14.18 49.41
N ILE C 88 -17.04 -13.31 48.49
CA ILE C 88 -16.24 -12.12 48.21
C ILE C 88 -16.95 -10.87 48.76
N ALA C 89 -16.17 -9.98 49.36
CA ALA C 89 -16.65 -8.71 49.90
C ALA C 89 -16.30 -7.54 48.99
N VAL C 90 -17.31 -6.84 48.48
CA VAL C 90 -17.09 -5.76 47.53
C VAL C 90 -17.62 -4.43 48.11
N GLN C 91 -16.95 -3.31 47.84
CA GLN C 91 -17.43 -1.98 48.24
C GLN C 91 -16.97 -0.90 47.26
N LEU C 92 -17.85 0.02 46.88
CA LEU C 92 -17.50 1.18 46.04
C LEU C 92 -16.74 2.20 46.86
N GLU C 93 -15.57 2.63 46.41
CA GLU C 93 -14.86 3.72 47.08
C GLU C 93 -14.32 4.71 46.05
N GLY C 94 -15.03 5.81 45.85
CA GLY C 94 -14.57 6.86 44.95
C GLY C 94 -14.83 6.39 43.53
N GLU C 95 -13.79 6.15 42.75
CA GLU C 95 -13.93 5.74 41.35
C GLU C 95 -13.36 4.33 41.07
N ARG C 96 -13.20 3.54 42.13
CA ARG C 96 -12.66 2.19 42.07
C ARG C 96 -13.60 1.28 42.82
N MET C 97 -13.73 0.04 42.35
CA MET C 97 -14.39 -0.99 43.12
C MET C 97 -13.34 -1.89 43.69
N LEU C 98 -13.35 -1.99 45.02
CA LEU C 98 -12.41 -2.85 45.74
C LEU C 98 -13.09 -4.15 46.09
N VAL C 99 -12.41 -5.24 45.80
CA VAL C 99 -12.93 -6.55 46.06
C VAL C 99 -12.02 -7.16 47.09
N ARG C 100 -12.58 -7.53 48.25
CA ARG C 100 -11.87 -8.36 49.19
C ARG C 100 -12.51 -9.71 49.31
N SER C 101 -11.67 -10.72 49.32
CA SER C 101 -12.10 -12.04 49.65
C SER C 101 -10.89 -12.71 50.23
N GLY C 102 -11.02 -13.18 51.46
CA GLY C 102 -9.90 -13.64 52.25
C GLY C 102 -8.79 -12.62 52.21
N ARG C 103 -7.68 -13.00 51.58
CA ARG C 103 -6.46 -12.19 51.45
C ARG C 103 -6.20 -11.71 50.00
N SER C 104 -7.10 -12.08 49.09
CA SER C 104 -7.18 -11.46 47.77
C SER C 104 -7.78 -10.08 47.91
N ARG C 105 -7.22 -9.12 47.19
CA ARG C 105 -7.62 -7.73 47.34
C ARG C 105 -7.52 -7.14 45.94
N PHE C 106 -8.54 -6.40 45.51
CA PHE C 106 -8.55 -5.84 44.16
C PHE C 106 -9.01 -4.42 44.20
N SER C 107 -8.59 -3.66 43.19
CA SER C 107 -9.11 -2.33 42.97
C SER C 107 -9.18 -2.20 41.46
N LEU C 108 -10.39 -2.11 40.93
CA LEU C 108 -10.60 -2.29 39.50
C LEU C 108 -11.02 -0.92 38.94
N SER C 109 -10.66 -0.60 37.70
CA SER C 109 -11.12 0.64 37.06
C SER C 109 -12.61 0.58 36.79
N THR C 110 -13.22 1.74 36.68
CA THR C 110 -14.65 1.84 36.83
C THR C 110 -15.12 2.91 35.88
N LEU C 111 -16.27 2.65 35.26
CA LEU C 111 -16.88 3.55 34.32
C LEU C 111 -18.24 3.87 34.95
N PRO C 112 -18.74 5.11 34.81
CA PRO C 112 -19.96 5.44 35.57
C PRO C 112 -21.26 4.83 35.02
N ALA C 113 -22.11 4.40 35.95
CA ALA C 113 -23.42 3.85 35.64
C ALA C 113 -24.23 4.82 34.80
N ALA C 114 -24.07 6.10 35.09
CA ALA C 114 -24.74 7.19 34.38
C ALA C 114 -24.52 7.18 32.88
N ASP C 115 -23.32 6.79 32.45
CA ASP C 115 -22.98 6.73 31.02
C ASP C 115 -23.63 5.55 30.30
N PHE C 116 -24.18 4.60 31.06
CA PHE C 116 -24.69 3.38 30.46
C PHE C 116 -26.04 3.58 29.77
N PRO C 117 -26.18 3.10 28.51
CA PRO C 117 -27.48 3.29 27.83
C PRO C 117 -28.68 2.53 28.48
N ASN C 118 -29.53 3.26 29.19
CA ASN C 118 -30.71 2.67 29.81
C ASN C 118 -31.68 2.36 28.67
N LEU C 119 -31.88 1.05 28.41
CA LEU C 119 -32.92 0.54 27.51
C LEU C 119 -34.34 1.03 27.82
N ASP C 120 -35.19 0.94 26.80
CA ASP C 120 -36.52 1.58 26.77
C ASP C 120 -37.60 0.75 27.48
N ASP C 121 -38.44 1.42 28.26
CA ASP C 121 -39.64 0.79 28.77
C ASP C 121 -40.71 0.85 27.70
N TRP C 122 -41.53 -0.18 27.71
CA TRP C 122 -42.56 -0.40 26.71
C TRP C 122 -43.75 -1.02 27.44
N GLN C 123 -44.91 -1.03 26.79
CA GLN C 123 -46.12 -1.57 27.39
C GLN C 123 -46.31 -3.01 26.92
N SER C 124 -46.54 -3.93 27.86
CA SER C 124 -46.89 -5.29 27.48
C SER C 124 -48.27 -5.32 26.82
N GLU C 125 -48.46 -6.18 25.79
CA GLU C 125 -49.75 -6.35 25.08
C GLU C 125 -50.34 -7.75 25.17
N VAL C 126 -49.49 -8.77 25.07
CA VAL C 126 -49.95 -10.14 25.16
C VAL C 126 -48.88 -10.86 25.97
N GLU C 127 -49.32 -11.75 26.84
CA GLU C 127 -48.44 -12.42 27.82
C GLU C 127 -48.87 -13.86 27.94
N PHE C 128 -47.95 -14.73 28.37
CA PHE C 128 -48.27 -16.15 28.61
C PHE C 128 -47.15 -16.82 29.37
N THR C 129 -47.43 -17.98 29.93
CA THR C 129 -46.41 -18.80 30.56
C THR C 129 -46.49 -20.18 29.94
N LEU C 130 -45.41 -20.96 30.02
CA LEU C 130 -45.38 -22.33 29.50
C LEU C 130 -44.25 -23.13 30.12
N PRO C 131 -44.32 -24.48 30.03
CA PRO C 131 -43.17 -25.27 30.48
C PRO C 131 -41.87 -24.91 29.75
N GLN C 132 -40.78 -24.87 30.52
CA GLN C 132 -39.46 -24.66 29.95
C GLN C 132 -39.22 -25.68 28.86
N ALA C 133 -39.60 -26.94 29.08
CA ALA C 133 -39.38 -28.00 28.09
C ALA C 133 -40.05 -27.81 26.73
N THR C 134 -41.15 -27.09 26.68
CA THR C 134 -41.82 -26.87 25.41
C THR C 134 -41.03 -25.82 24.66
N MET C 135 -40.65 -24.78 25.39
CA MET C 135 -39.88 -23.72 24.82
C MET C 135 -38.61 -24.27 24.20
N LYS C 136 -37.83 -25.05 24.95
CA LYS C 136 -36.57 -25.61 24.44
C LYS C 136 -36.78 -26.42 23.16
N ARG C 137 -37.79 -27.30 23.13
CA ARG C 137 -38.23 -28.01 21.91
C ARG C 137 -38.43 -27.05 20.71
N LEU C 138 -39.32 -26.09 20.95
CA LEU C 138 -39.67 -25.09 19.94
C LEU C 138 -38.44 -24.46 19.28
N ILE C 139 -37.48 -24.07 20.10
CA ILE C 139 -36.28 -23.39 19.66
C ILE C 139 -35.29 -24.33 19.00
N GLU C 140 -34.99 -25.45 19.65
CA GLU C 140 -33.99 -26.40 19.14
C GLU C 140 -34.36 -26.94 17.76
N ALA C 141 -35.64 -27.30 17.63
CA ALA C 141 -36.19 -27.87 16.40
C ALA C 141 -36.11 -26.98 15.17
N THR C 142 -35.82 -25.70 15.39
CA THR C 142 -36.07 -24.70 14.41
C THR C 142 -34.91 -23.70 14.19
N GLN C 143 -34.13 -23.40 15.23
CA GLN C 143 -33.27 -22.20 15.16
C GLN C 143 -32.16 -22.23 14.10
N PHE C 144 -31.72 -23.42 13.70
CA PHE C 144 -30.62 -23.53 12.74
C PHE C 144 -31.01 -23.16 11.30
N SER C 145 -32.29 -22.96 11.00
CA SER C 145 -32.70 -22.53 9.65
C SER C 145 -32.76 -21.03 9.40
N MET C 146 -32.48 -20.22 10.41
CA MET C 146 -32.46 -18.78 10.23
C MET C 146 -31.30 -18.41 9.32
N ALA C 147 -31.43 -17.30 8.63
CA ALA C 147 -30.28 -16.68 7.94
C ALA C 147 -29.24 -16.21 8.95
N HIS C 148 -28.08 -15.78 8.42
CA HIS C 148 -27.02 -15.17 9.23
C HIS C 148 -27.01 -13.65 9.14
N GLN C 149 -26.79 -13.18 7.91
CA GLN C 149 -26.61 -11.77 7.65
C GLN C 149 -27.36 -11.46 6.34
N ASP C 150 -28.68 -11.62 6.38
CA ASP C 150 -29.58 -11.31 5.27
C ASP C 150 -29.95 -9.83 5.28
N VAL C 151 -30.02 -9.28 4.08
CA VAL C 151 -30.27 -7.88 3.83
C VAL C 151 -31.73 -7.53 4.11
N ARG C 152 -32.59 -8.53 3.99
CA ARG C 152 -33.99 -8.46 4.36
C ARG C 152 -33.91 -8.72 5.85
N TYR C 153 -33.49 -7.66 6.54
CA TYR C 153 -33.31 -7.56 7.98
C TYR C 153 -34.36 -8.21 8.89
N TYR C 154 -35.53 -8.54 8.33
CA TYR C 154 -36.60 -9.17 9.07
C TYR C 154 -36.49 -10.69 9.06
N LEU C 155 -35.52 -11.24 8.34
CA LEU C 155 -35.25 -12.68 8.32
C LEU C 155 -34.16 -13.05 9.33
N ASN C 156 -33.39 -12.06 9.76
CA ASN C 156 -32.43 -12.21 10.86
C ASN C 156 -33.18 -12.33 12.18
N GLY C 157 -33.87 -13.45 12.32
CA GLY C 157 -34.80 -13.62 13.39
C GLY C 157 -35.85 -14.67 13.08
N MET C 158 -36.82 -14.78 13.99
CA MET C 158 -37.87 -15.78 13.89
C MET C 158 -39.20 -15.11 14.19
N LEU C 159 -40.17 -15.31 13.31
CA LEU C 159 -41.53 -14.78 13.51
C LEU C 159 -42.27 -15.72 14.45
N PHE C 160 -42.88 -15.18 15.50
CA PHE C 160 -43.75 -15.98 16.35
C PHE C 160 -45.15 -15.60 16.00
N GLU C 161 -45.97 -16.59 15.66
CA GLU C 161 -47.33 -16.34 15.27
C GLU C 161 -48.24 -17.09 16.22
N THR C 162 -49.19 -16.35 16.78
CA THR C 162 -49.97 -16.79 17.90
C THR C 162 -51.40 -16.78 17.34
N GLU C 163 -52.10 -17.91 17.44
CA GLU C 163 -53.50 -17.98 17.03
C GLU C 163 -54.24 -18.90 17.96
N GLY C 164 -55.35 -18.40 18.52
CA GLY C 164 -56.11 -19.13 19.51
C GLY C 164 -55.27 -19.39 20.75
N GLU C 165 -55.12 -20.67 21.11
CA GLU C 165 -54.32 -21.09 22.25
C GLU C 165 -52.98 -21.71 21.85
N GLU C 166 -52.66 -21.63 20.56
CA GLU C 166 -51.42 -22.18 20.02
C GLU C 166 -50.40 -21.11 19.76
N LEU C 167 -49.13 -21.42 20.04
CA LEU C 167 -48.02 -20.55 19.66
C LEU C 167 -47.20 -21.34 18.65
N ARG C 168 -46.73 -20.65 17.62
CA ARG C 168 -46.02 -21.26 16.51
C ARG C 168 -44.73 -20.53 16.23
N THR C 169 -43.72 -21.25 15.76
CA THR C 169 -42.45 -20.67 15.39
C THR C 169 -42.19 -21.00 13.93
N VAL C 170 -41.44 -20.15 13.23
CA VAL C 170 -40.90 -20.50 11.93
C VAL C 170 -39.57 -19.75 11.78
N ALA C 171 -38.59 -20.41 11.19
CA ALA C 171 -37.26 -19.80 11.03
C ALA C 171 -36.73 -20.15 9.66
N THR C 172 -36.06 -19.21 9.01
CA THR C 172 -35.83 -19.37 7.60
C THR C 172 -34.87 -18.33 7.10
N ASP C 173 -34.21 -18.65 5.99
CA ASP C 173 -33.34 -17.72 5.29
C ASP C 173 -33.76 -17.44 3.85
N GLY C 174 -34.94 -17.92 3.46
CA GLY C 174 -35.44 -17.77 2.09
C GLY C 174 -35.11 -18.93 1.15
N HIS C 175 -34.28 -19.86 1.61
CA HIS C 175 -33.85 -21.03 0.84
C HIS C 175 -34.31 -22.37 1.46
N ARG C 176 -34.61 -22.35 2.75
CA ARG C 176 -35.16 -23.48 3.44
C ARG C 176 -36.05 -22.87 4.49
N LEU C 177 -37.10 -23.56 4.89
CA LEU C 177 -37.97 -23.07 5.96
C LEU C 177 -38.30 -24.21 6.88
N ALA C 178 -38.36 -23.92 8.19
CA ALA C 178 -38.80 -24.88 9.22
C ALA C 178 -39.91 -24.28 10.07
N VAL C 179 -40.99 -25.04 10.28
CA VAL C 179 -42.12 -24.65 11.14
C VAL C 179 -42.25 -25.64 12.25
N CYS C 180 -42.43 -25.15 13.47
CA CYS C 180 -42.70 -25.99 14.62
C CYS C 180 -43.67 -25.25 15.50
N SER C 181 -44.69 -25.96 16.00
CA SER C 181 -45.77 -25.34 16.77
C SER C 181 -46.09 -26.24 17.95
N MET C 182 -46.48 -25.64 19.09
CA MET C 182 -46.87 -26.38 20.30
C MET C 182 -48.11 -25.72 20.89
N PRO C 183 -49.03 -26.53 21.47
CA PRO C 183 -50.16 -25.97 22.22
C PRO C 183 -49.73 -25.36 23.55
N ILE C 184 -50.21 -24.14 23.79
CA ILE C 184 -49.83 -23.38 24.97
C ILE C 184 -50.95 -23.33 26.02
N GLY C 185 -52.20 -23.60 25.61
CA GLY C 185 -53.33 -23.77 26.53
C GLY C 185 -53.80 -22.50 27.23
N GLN C 186 -53.68 -21.36 26.55
CA GLN C 186 -54.07 -20.07 27.09
C GLN C 186 -54.63 -19.29 25.91
N SER C 187 -55.72 -18.56 26.09
CA SER C 187 -56.25 -17.74 25.02
C SER C 187 -55.44 -16.46 25.00
N LEU C 188 -54.79 -16.19 23.86
CA LEU C 188 -53.98 -14.98 23.70
C LEU C 188 -54.68 -14.06 22.72
N PRO C 189 -54.24 -12.79 22.67
CA PRO C 189 -54.52 -11.94 21.50
C PRO C 189 -53.94 -12.53 20.20
N SER C 190 -53.97 -11.77 19.11
CA SER C 190 -53.39 -12.24 17.87
C SER C 190 -52.30 -11.27 17.53
N HIS C 191 -51.05 -11.76 17.52
CA HIS C 191 -49.87 -10.91 17.32
C HIS C 191 -48.73 -11.73 16.70
N SER C 192 -47.97 -11.12 15.79
CA SER C 192 -46.77 -11.74 15.23
C SER C 192 -45.63 -10.79 15.39
N VAL C 193 -44.45 -11.32 15.68
CA VAL C 193 -43.33 -10.49 16.04
C VAL C 193 -42.10 -11.32 15.71
N ILE C 194 -41.07 -10.65 15.18
CA ILE C 194 -39.85 -11.30 14.79
C ILE C 194 -38.75 -10.86 15.76
N VAL C 195 -38.20 -11.79 16.53
CA VAL C 195 -37.13 -11.41 17.48
C VAL C 195 -35.78 -11.84 16.89
N PRO C 196 -34.71 -11.05 17.11
CA PRO C 196 -33.41 -11.27 16.41
C PRO C 196 -32.63 -12.57 16.69
N ARG C 197 -31.87 -13.01 15.69
CA ARG C 197 -31.00 -14.21 15.70
C ARG C 197 -30.22 -14.32 16.99
N LYS C 198 -29.58 -13.25 17.38
CA LYS C 198 -28.64 -13.32 18.50
C LYS C 198 -29.40 -13.43 19.81
N GLY C 199 -30.54 -12.76 19.88
CA GLY C 199 -31.50 -12.93 20.99
C GLY C 199 -31.90 -14.37 21.17
N VAL C 200 -32.25 -15.06 20.09
CA VAL C 200 -32.73 -16.46 20.18
C VAL C 200 -31.60 -17.43 20.53
N ILE C 201 -30.40 -17.20 20.00
CA ILE C 201 -29.22 -17.99 20.37
C ILE C 201 -29.05 -17.98 21.91
N GLU C 202 -29.09 -16.77 22.47
CA GLU C 202 -28.84 -16.58 23.89
C GLU C 202 -30.00 -17.07 24.76
N LEU C 203 -31.23 -16.91 24.29
CA LEU C 203 -32.37 -17.40 25.04
C LEU C 203 -32.29 -18.93 25.16
N MET C 204 -31.98 -19.59 24.07
CA MET C 204 -31.77 -21.05 24.05
C MET C 204 -30.67 -21.47 25.00
N ARG C 205 -29.60 -20.70 24.99
CA ARG C 205 -28.44 -20.89 25.87
C ARG C 205 -28.75 -20.94 27.37
N MET C 206 -29.65 -20.08 27.81
CA MET C 206 -30.00 -19.99 29.22
C MET C 206 -31.13 -20.93 29.64
N LEU C 207 -31.73 -21.65 28.67
CA LEU C 207 -32.83 -22.58 28.95
C LEU C 207 -32.37 -23.84 29.67
N ASP C 208 -32.16 -23.66 30.96
CA ASP C 208 -32.07 -24.73 31.95
C ASP C 208 -33.38 -25.51 31.94
N GLY C 209 -33.56 -26.33 30.90
CA GLY C 209 -34.85 -27.00 30.63
C GLY C 209 -35.35 -27.92 31.75
N GLY C 210 -35.50 -27.37 32.94
CA GLY C 210 -35.80 -28.15 34.12
C GLY C 210 -37.28 -28.03 34.41
N ASP C 211 -37.58 -27.82 35.68
CA ASP C 211 -38.92 -27.46 36.13
C ASP C 211 -39.37 -26.06 35.69
N ASN C 212 -38.44 -25.10 35.80
CA ASN C 212 -38.76 -23.68 35.99
C ASN C 212 -39.86 -23.16 35.06
N PRO C 213 -40.89 -22.50 35.63
CA PRO C 213 -41.79 -21.78 34.75
C PRO C 213 -41.08 -20.63 34.07
N LEU C 214 -41.56 -20.34 32.89
CA LEU C 214 -41.04 -19.28 32.08
C LEU C 214 -42.30 -18.50 31.79
N ARG C 215 -42.27 -17.21 32.06
CA ARG C 215 -43.40 -16.35 31.84
C ARG C 215 -42.94 -15.32 30.86
N VAL C 216 -43.76 -14.96 29.86
CA VAL C 216 -43.35 -13.99 28.85
C VAL C 216 -44.41 -12.92 28.70
N GLN C 217 -43.95 -11.68 28.48
CA GLN C 217 -44.80 -10.53 28.18
C GLN C 217 -44.28 -9.95 26.88
N ILE C 218 -45.16 -9.78 25.90
CA ILE C 218 -44.73 -9.27 24.62
C ILE C 218 -45.27 -7.85 24.53
N GLY C 219 -44.51 -6.94 23.90
CA GLY C 219 -45.01 -5.61 23.53
C GLY C 219 -45.26 -5.57 22.03
N SER C 220 -45.35 -4.37 21.46
CA SER C 220 -45.51 -4.22 20.00
C SER C 220 -44.17 -4.30 19.28
N ASN C 221 -43.13 -3.83 19.95
CA ASN C 221 -41.77 -3.83 19.42
C ASN C 221 -40.72 -4.32 20.38
N ASN C 222 -41.12 -4.94 21.48
CA ASN C 222 -40.18 -5.52 22.42
C ASN C 222 -40.74 -6.82 23.00
N ILE C 223 -39.86 -7.60 23.59
CA ILE C 223 -40.23 -8.90 24.13
C ILE C 223 -39.64 -8.99 25.52
N ARG C 224 -40.36 -9.65 26.43
CA ARG C 224 -39.89 -9.84 27.79
C ARG C 224 -40.09 -11.29 28.18
N ALA C 225 -39.11 -11.85 28.88
CA ALA C 225 -39.13 -13.26 29.34
C ALA C 225 -38.61 -13.31 30.77
N HIS C 226 -39.43 -13.83 31.70
CA HIS C 226 -39.00 -14.09 33.07
C HIS C 226 -38.91 -15.59 33.20
N VAL C 227 -37.73 -16.10 33.57
CA VAL C 227 -37.59 -17.43 34.19
C VAL C 227 -36.90 -17.18 35.49
N GLY C 228 -37.53 -17.53 36.61
CA GLY C 228 -36.94 -17.29 37.93
C GLY C 228 -36.57 -15.83 38.11
N ASP C 229 -35.34 -15.58 38.56
CA ASP C 229 -34.78 -14.23 38.69
C ASP C 229 -33.82 -13.88 37.53
N PHE C 230 -34.08 -14.41 36.34
CA PHE C 230 -33.41 -13.97 35.12
C PHE C 230 -34.49 -13.32 34.28
N ILE C 231 -34.17 -12.15 33.73
CA ILE C 231 -35.11 -11.39 32.93
C ILE C 231 -34.41 -11.05 31.64
N PHE C 232 -35.08 -11.37 30.54
CA PHE C 232 -34.59 -11.11 29.21
C PHE C 232 -35.48 -10.08 28.55
N THR C 233 -34.90 -9.03 28.00
CA THR C 233 -35.68 -8.08 27.24
C THR C 233 -34.94 -7.78 25.94
N SER C 234 -35.68 -7.75 24.84
CA SER C 234 -35.13 -7.42 23.52
C SER C 234 -36.08 -6.49 22.80
N LYS C 235 -35.55 -5.59 21.97
CA LYS C 235 -36.35 -4.89 20.98
C LYS C 235 -36.68 -5.89 19.89
N LEU C 236 -37.67 -5.55 19.09
CA LEU C 236 -38.07 -6.37 17.96
C LEU C 236 -37.76 -5.55 16.73
N VAL C 237 -37.85 -6.20 15.58
CA VAL C 237 -37.78 -5.53 14.28
C VAL C 237 -39.16 -5.73 13.61
N ASP C 238 -39.58 -4.78 12.78
CA ASP C 238 -41.00 -4.72 12.34
C ASP C 238 -41.42 -5.67 11.18
N GLY C 239 -40.79 -5.55 10.00
CA GLY C 239 -40.98 -6.42 8.80
C GLY C 239 -42.24 -7.27 8.52
N ARG C 240 -42.70 -7.26 7.25
CA ARG C 240 -43.93 -7.97 6.84
C ARG C 240 -43.58 -9.39 6.46
N PHE C 241 -43.86 -10.31 7.37
CA PHE C 241 -43.35 -11.65 7.23
C PHE C 241 -44.03 -12.33 6.05
N PRO C 242 -43.29 -13.21 5.35
CA PRO C 242 -43.84 -14.16 4.38
C PRO C 242 -44.89 -15.18 4.86
N ASP C 243 -45.82 -15.49 3.98
CA ASP C 243 -46.99 -16.30 4.33
C ASP C 243 -46.67 -17.81 4.27
N TYR C 244 -46.54 -18.46 5.44
CA TYR C 244 -46.21 -19.90 5.49
C TYR C 244 -47.29 -20.80 4.86
N ARG C 245 -48.45 -20.22 4.58
CA ARG C 245 -49.54 -20.95 3.96
C ARG C 245 -49.36 -21.08 2.45
N ARG C 246 -48.58 -20.19 1.84
CA ARG C 246 -48.13 -20.39 0.46
C ARG C 246 -46.93 -21.31 0.31
N VAL C 247 -46.22 -21.60 1.39
CA VAL C 247 -44.97 -22.37 1.36
C VAL C 247 -45.23 -23.86 1.59
N LEU C 248 -46.17 -24.13 2.50
CA LEU C 248 -46.74 -25.47 2.76
C LEU C 248 -47.21 -26.09 1.42
N PRO C 249 -46.67 -27.28 1.02
CA PRO C 249 -46.94 -27.79 -0.34
C PRO C 249 -48.42 -28.02 -0.64
N LYS C 250 -48.81 -27.63 -1.85
CA LYS C 250 -50.22 -27.51 -2.28
C LYS C 250 -51.01 -28.82 -2.14
N ASN C 251 -50.58 -29.86 -2.85
CA ASN C 251 -51.18 -31.18 -2.76
C ASN C 251 -50.06 -32.20 -2.89
N PRO C 252 -49.48 -32.66 -1.77
CA PRO C 252 -48.46 -33.69 -1.91
C PRO C 252 -49.13 -35.05 -2.13
N ASP C 253 -49.05 -35.57 -3.35
CA ASP C 253 -49.75 -36.82 -3.70
C ASP C 253 -49.01 -38.07 -3.16
N LYS C 254 -47.70 -38.11 -3.33
CA LYS C 254 -46.85 -39.27 -2.97
C LYS C 254 -46.34 -39.14 -1.53
N HIS C 255 -46.36 -40.21 -0.74
CA HIS C 255 -45.87 -40.13 0.65
C HIS C 255 -44.73 -41.14 0.82
N LEU C 256 -43.68 -40.74 1.55
CA LEU C 256 -42.47 -41.55 1.66
C LEU C 256 -41.96 -41.42 3.08
N GLU C 257 -41.84 -42.53 3.81
CA GLU C 257 -41.28 -42.56 5.16
C GLU C 257 -40.01 -43.42 5.16
N ALA C 258 -39.08 -43.14 6.06
CA ALA C 258 -37.87 -43.97 6.18
C ALA C 258 -37.27 -43.81 7.57
N GLY C 259 -36.52 -44.81 8.01
CA GLY C 259 -35.89 -44.82 9.33
C GLY C 259 -34.78 -43.79 9.36
N CYS C 260 -34.75 -42.98 10.40
CA CYS C 260 -34.04 -41.72 10.38
C CYS C 260 -32.52 -41.86 10.31
N ASP C 261 -31.95 -42.72 11.15
CA ASP C 261 -30.47 -42.80 11.28
C ASP C 261 -29.86 -43.40 10.03
N LEU C 262 -30.52 -44.40 9.48
CA LEU C 262 -30.09 -45.04 8.26
C LEU C 262 -30.18 -44.06 7.10
N LEU C 263 -31.23 -43.26 7.11
CA LEU C 263 -31.45 -42.27 6.07
C LEU C 263 -30.34 -41.24 6.17
N LYS C 264 -30.09 -40.79 7.38
CA LYS C 264 -29.12 -39.77 7.68
C LYS C 264 -27.68 -40.20 7.42
N GLN C 265 -27.33 -41.42 7.79
CA GLN C 265 -25.97 -41.93 7.55
C GLN C 265 -25.66 -42.06 6.06
N ALA C 266 -26.71 -42.37 5.30
CA ALA C 266 -26.65 -42.50 3.85
C ALA C 266 -26.50 -41.15 3.15
N PHE C 267 -27.27 -40.15 3.60
CA PHE C 267 -27.10 -38.78 3.12
C PHE C 267 -25.71 -38.22 3.45
N ALA C 268 -25.24 -38.44 4.68
CA ALA C 268 -23.92 -37.96 5.07
C ALA C 268 -22.83 -38.53 4.16
N ARG C 269 -22.96 -39.82 3.84
CA ARG C 269 -22.03 -40.46 2.91
C ARG C 269 -22.11 -40.01 1.46
N ALA C 270 -23.30 -39.89 0.88
CA ALA C 270 -23.38 -39.39 -0.51
C ALA C 270 -22.85 -37.95 -0.61
N ALA C 271 -23.01 -37.18 0.46
CA ALA C 271 -22.53 -35.79 0.55
C ALA C 271 -21.02 -35.61 0.31
N ILE C 272 -20.24 -36.65 0.59
CA ILE C 272 -18.79 -36.56 0.44
C ILE C 272 -18.40 -36.36 -1.03
N LEU C 273 -19.15 -36.92 -1.97
CA LEU C 273 -18.82 -36.81 -3.39
C LEU C 273 -19.70 -35.80 -4.12
N SER C 274 -20.25 -34.84 -3.38
CA SER C 274 -20.95 -33.72 -3.98
C SER C 274 -20.00 -32.56 -4.13
N ASN C 275 -20.29 -31.67 -5.07
CA ASN C 275 -19.57 -30.41 -5.20
C ASN C 275 -19.45 -29.74 -3.82
N GLU C 276 -18.23 -29.43 -3.38
CA GLU C 276 -17.98 -28.83 -2.05
C GLU C 276 -18.63 -27.48 -1.78
N LYS C 277 -18.88 -26.71 -2.83
CA LYS C 277 -19.38 -25.35 -2.65
C LYS C 277 -20.89 -25.32 -2.59
N PHE C 278 -21.51 -26.05 -3.52
CA PHE C 278 -22.96 -26.00 -3.67
C PHE C 278 -23.69 -27.20 -3.12
N ARG C 279 -22.97 -28.26 -2.78
CA ARG C 279 -23.54 -29.37 -2.04
C ARG C 279 -24.70 -30.02 -2.81
N GLY C 280 -24.54 -30.08 -4.14
CA GLY C 280 -25.58 -30.58 -5.04
C GLY C 280 -25.55 -32.10 -5.23
N VAL C 281 -26.74 -32.71 -5.15
CA VAL C 281 -26.94 -34.15 -5.23
C VAL C 281 -28.22 -34.33 -6.08
N ARG C 282 -28.40 -35.49 -6.71
CA ARG C 282 -29.61 -35.80 -7.48
C ARG C 282 -30.29 -36.99 -6.82
N LEU C 283 -31.62 -36.95 -6.69
CA LEU C 283 -32.40 -38.03 -6.07
C LEU C 283 -33.21 -38.72 -7.12
N TYR C 284 -33.15 -40.05 -7.12
CA TYR C 284 -33.93 -40.89 -8.01
C TYR C 284 -34.68 -41.74 -7.06
N VAL C 285 -35.99 -41.80 -7.25
CA VAL C 285 -36.84 -42.53 -6.34
C VAL C 285 -37.67 -43.43 -7.23
N SER C 286 -37.87 -44.66 -6.79
CA SER C 286 -38.67 -45.63 -7.54
C SER C 286 -39.41 -46.50 -6.54
N GLU C 287 -40.16 -47.48 -7.08
CA GLU C 287 -40.95 -48.40 -6.26
C GLU C 287 -40.13 -48.94 -5.09
N ASN C 288 -40.58 -48.56 -3.90
CA ASN C 288 -39.97 -48.97 -2.63
C ASN C 288 -38.45 -48.75 -2.47
N GLN C 289 -37.85 -47.89 -3.29
CA GLN C 289 -36.40 -47.73 -3.28
C GLN C 289 -36.05 -46.29 -3.53
N LEU C 290 -34.90 -45.85 -3.00
CA LEU C 290 -34.35 -44.53 -3.30
C LEU C 290 -32.91 -44.65 -3.79
N LYS C 291 -32.60 -43.99 -4.89
CA LYS C 291 -31.25 -43.93 -5.41
C LYS C 291 -30.86 -42.46 -5.52
N ILE C 292 -29.82 -42.05 -4.80
CA ILE C 292 -29.31 -40.68 -4.87
C ILE C 292 -27.98 -40.79 -5.58
N THR C 293 -27.74 -39.93 -6.57
CA THR C 293 -26.43 -39.88 -7.22
C THR C 293 -25.93 -38.44 -7.18
N ALA C 294 -24.61 -38.28 -7.15
CA ALA C 294 -23.99 -36.97 -7.16
C ALA C 294 -22.78 -37.00 -8.09
N ASN C 295 -22.06 -35.90 -8.16
CA ASN C 295 -20.80 -35.89 -8.91
C ASN C 295 -19.95 -34.74 -8.44
N ASN C 296 -18.65 -34.86 -8.71
CA ASN C 296 -17.74 -33.73 -8.56
C ASN C 296 -16.84 -33.61 -9.80
N PRO C 297 -16.12 -32.47 -9.93
CA PRO C 297 -15.13 -32.32 -11.00
C PRO C 297 -14.01 -33.37 -10.97
N GLU C 298 -13.57 -33.76 -9.77
CA GLU C 298 -12.59 -34.88 -9.61
C GLU C 298 -13.06 -36.21 -10.23
N GLN C 299 -14.29 -36.25 -10.72
CA GLN C 299 -14.87 -37.35 -11.48
C GLN C 299 -15.21 -38.52 -10.59
N GLU C 300 -15.40 -38.23 -9.31
CA GLU C 300 -15.80 -39.22 -8.36
C GLU C 300 -17.30 -39.25 -8.41
N GLU C 301 -17.86 -40.34 -7.90
CA GLU C 301 -19.30 -40.52 -7.84
C GLU C 301 -19.65 -41.11 -6.50
N ALA C 302 -20.86 -40.79 -6.07
CA ALA C 302 -21.48 -41.45 -4.94
C ALA C 302 -22.80 -42.04 -5.40
N GLU C 303 -23.04 -43.26 -4.98
CA GLU C 303 -24.31 -43.91 -5.18
C GLU C 303 -24.65 -44.67 -3.91
N GLU C 304 -25.88 -44.48 -3.48
CA GLU C 304 -26.43 -45.14 -2.31
C GLU C 304 -27.73 -45.76 -2.76
N ILE C 305 -27.96 -47.00 -2.35
CA ILE C 305 -29.24 -47.64 -2.58
C ILE C 305 -29.74 -48.04 -1.21
N LEU C 306 -31.01 -47.79 -0.95
CA LEU C 306 -31.62 -48.16 0.29
C LEU C 306 -33.07 -48.50 0.03
N ASP C 307 -33.63 -49.27 0.96
CA ASP C 307 -35.03 -49.66 0.91
C ASP C 307 -35.80 -48.59 1.67
N VAL C 308 -36.84 -48.06 1.02
CA VAL C 308 -37.64 -47.01 1.61
C VAL C 308 -39.10 -47.33 1.41
N THR C 309 -39.94 -46.74 2.25
CA THR C 309 -41.38 -46.88 2.09
C THR C 309 -41.77 -45.80 1.09
N TYR C 310 -42.20 -46.20 -0.11
CA TYR C 310 -42.59 -45.26 -1.15
C TYR C 310 -43.62 -45.96 -2.01
N SER C 311 -44.78 -45.33 -2.17
CA SER C 311 -45.75 -45.76 -3.17
C SER C 311 -45.97 -44.54 -4.04
N GLY C 312 -45.83 -44.72 -5.35
CA GLY C 312 -45.93 -43.62 -6.28
C GLY C 312 -44.99 -43.78 -7.45
N ALA C 313 -45.07 -42.83 -8.37
CA ALA C 313 -44.30 -42.88 -9.61
C ALA C 313 -42.83 -42.59 -9.33
N GLU C 314 -41.96 -42.99 -10.24
CA GLU C 314 -40.54 -42.64 -10.18
C GLU C 314 -40.38 -41.11 -10.33
N MET C 315 -39.31 -40.55 -9.76
CA MET C 315 -39.11 -39.10 -9.82
C MET C 315 -37.66 -38.71 -9.66
N GLU C 316 -37.32 -37.57 -10.27
CA GLU C 316 -35.96 -37.09 -10.37
C GLU C 316 -35.96 -35.69 -9.79
N ILE C 317 -35.06 -35.38 -8.85
CA ILE C 317 -35.02 -34.07 -8.19
C ILE C 317 -33.66 -33.84 -7.52
N GLY C 318 -33.13 -32.62 -7.59
CA GLY C 318 -31.84 -32.30 -6.96
C GLY C 318 -31.97 -31.26 -5.86
N PHE C 319 -31.14 -31.38 -4.80
CA PHE C 319 -31.09 -30.43 -3.66
C PHE C 319 -29.70 -30.05 -3.31
N ASN C 320 -29.58 -28.99 -2.52
CA ASN C 320 -28.39 -28.69 -1.75
C ASN C 320 -28.42 -29.61 -0.53
N VAL C 321 -27.42 -30.47 -0.41
CA VAL C 321 -27.37 -31.49 0.63
C VAL C 321 -27.17 -30.91 2.04
N SER C 322 -26.47 -29.78 2.15
CA SER C 322 -26.34 -29.09 3.44
C SER C 322 -27.72 -28.87 4.01
N TYR C 323 -28.64 -28.39 3.17
CA TYR C 323 -29.98 -28.09 3.64
C TYR C 323 -30.73 -29.29 4.22
N VAL C 324 -30.55 -30.48 3.67
CA VAL C 324 -31.28 -31.66 4.17
C VAL C 324 -30.52 -32.31 5.36
N LEU C 325 -29.20 -32.25 5.31
CA LEU C 325 -28.34 -32.76 6.40
C LEU C 325 -28.62 -32.04 7.70
N ASP C 326 -28.73 -30.72 7.59
CA ASP C 326 -29.08 -29.89 8.72
C ASP C 326 -30.43 -30.24 9.34
N VAL C 327 -31.43 -30.60 8.54
CA VAL C 327 -32.74 -30.96 9.13
C VAL C 327 -32.61 -32.34 9.77
N LEU C 328 -31.99 -33.30 9.07
CA LEU C 328 -31.85 -34.67 9.60
C LEU C 328 -31.12 -34.74 10.92
N ASN C 329 -30.11 -33.88 11.08
CA ASN C 329 -29.39 -33.76 12.35
C ASN C 329 -30.21 -33.17 13.48
N ALA C 330 -31.01 -32.16 13.18
CA ALA C 330 -31.80 -31.47 14.19
C ALA C 330 -32.98 -32.29 14.61
N LEU C 331 -33.55 -33.01 13.65
CA LEU C 331 -34.68 -33.87 13.91
C LEU C 331 -34.13 -35.08 14.67
N LYS C 332 -34.40 -35.15 15.96
CA LYS C 332 -33.93 -36.30 16.73
C LYS C 332 -35.14 -37.20 16.90
N CYS C 333 -35.49 -37.88 15.80
CA CYS C 333 -36.65 -38.80 15.79
C CYS C 333 -36.34 -40.18 15.19
N GLU C 334 -37.34 -41.05 15.15
CA GLU C 334 -37.18 -42.43 14.74
C GLU C 334 -37.34 -42.61 13.22
N ASN C 335 -38.50 -42.18 12.72
CA ASN C 335 -38.85 -42.23 11.30
C ASN C 335 -39.31 -40.86 10.86
N VAL C 336 -39.21 -40.61 9.58
CA VAL C 336 -39.58 -39.34 8.98
C VAL C 336 -40.71 -39.61 7.99
N ARG C 337 -41.54 -38.60 7.69
CA ARG C 337 -42.41 -38.65 6.51
C ARG C 337 -42.10 -37.44 5.65
N MET C 338 -41.88 -37.72 4.37
CA MET C 338 -41.68 -36.70 3.34
C MET C 338 -42.95 -36.63 2.51
N MET C 339 -43.41 -35.42 2.25
CA MET C 339 -44.54 -35.15 1.40
C MET C 339 -44.02 -34.24 0.29
N LEU C 340 -43.83 -34.79 -0.90
CA LEU C 340 -43.40 -34.04 -2.07
C LEU C 340 -44.60 -33.94 -3.01
N THR C 341 -44.52 -33.05 -3.99
CA THR C 341 -45.50 -33.00 -5.07
C THR C 341 -44.77 -33.51 -6.32
N ASP C 342 -43.80 -32.73 -6.80
CA ASP C 342 -42.98 -33.11 -7.96
C ASP C 342 -41.61 -32.41 -7.89
N SER C 343 -40.77 -32.71 -8.88
CA SER C 343 -39.42 -32.16 -9.03
C SER C 343 -39.25 -30.63 -8.96
N VAL C 344 -40.32 -29.89 -9.27
CA VAL C 344 -40.22 -28.44 -9.41
C VAL C 344 -40.92 -27.71 -8.27
N SER C 345 -41.42 -28.43 -7.27
CA SER C 345 -42.32 -27.86 -6.27
C SER C 345 -41.89 -28.17 -4.87
N SER C 346 -42.35 -27.33 -3.94
CA SER C 346 -42.05 -27.48 -2.52
C SER C 346 -42.51 -28.81 -1.96
N VAL C 347 -41.87 -29.19 -0.87
CA VAL C 347 -42.02 -30.51 -0.27
C VAL C 347 -42.25 -30.21 1.19
N GLN C 348 -43.08 -30.98 1.87
CA GLN C 348 -43.19 -30.90 3.33
C GLN C 348 -42.48 -32.11 3.92
N ILE C 349 -41.77 -31.88 5.01
CA ILE C 349 -40.99 -32.92 5.68
C ILE C 349 -41.35 -32.88 7.15
N GLU C 350 -41.44 -34.04 7.78
CA GLU C 350 -41.98 -34.11 9.13
C GLU C 350 -41.60 -35.42 9.79
N ASP C 351 -41.59 -35.42 11.12
CA ASP C 351 -41.46 -36.66 11.88
C ASP C 351 -42.71 -37.48 11.56
N ALA C 352 -42.53 -38.75 11.18
CA ALA C 352 -43.68 -39.59 10.86
C ALA C 352 -44.61 -39.77 12.06
N ALA C 353 -44.09 -39.52 13.26
CA ALA C 353 -44.79 -39.83 14.51
C ALA C 353 -45.20 -38.63 15.38
N SER C 354 -45.18 -37.39 14.89
CA SER C 354 -45.45 -36.24 15.79
C SER C 354 -46.34 -35.10 15.30
N GLN C 355 -46.22 -34.66 14.05
CA GLN C 355 -47.00 -33.51 13.56
C GLN C 355 -46.64 -32.12 14.18
N SER C 356 -45.84 -32.01 15.24
CA SER C 356 -45.49 -30.68 15.75
C SER C 356 -44.71 -29.85 14.74
N ALA C 357 -43.95 -30.53 13.90
CA ALA C 357 -42.96 -29.90 13.07
C ALA C 357 -43.27 -30.18 11.61
N ALA C 358 -42.86 -29.27 10.75
CA ALA C 358 -42.99 -29.42 9.31
C ALA C 358 -41.88 -28.59 8.70
N TYR C 359 -41.24 -29.08 7.63
CA TYR C 359 -40.11 -28.40 6.98
C TYR C 359 -40.31 -28.38 5.47
N VAL C 360 -39.98 -27.28 4.81
CA VAL C 360 -39.93 -27.27 3.36
C VAL C 360 -38.59 -26.65 3.02
N VAL C 361 -37.80 -27.36 2.20
CA VAL C 361 -36.60 -26.81 1.54
C VAL C 361 -36.80 -26.96 0.03
N MET C 362 -36.37 -25.99 -0.74
CA MET C 362 -36.63 -26.04 -2.17
C MET C 362 -35.57 -26.86 -2.89
N PRO C 363 -35.95 -27.47 -4.04
CA PRO C 363 -35.00 -28.19 -4.88
C PRO C 363 -34.19 -27.27 -5.76
N MET C 364 -33.24 -27.86 -6.45
CA MET C 364 -32.23 -27.11 -7.13
C MET C 364 -32.37 -27.26 -8.62
N ARG C 365 -31.88 -26.26 -9.33
CA ARG C 365 -31.58 -26.37 -10.71
C ARG C 365 -30.07 -26.21 -10.78
N LEU C 366 -29.43 -27.21 -11.37
CA LEU C 366 -27.98 -27.26 -11.56
C LEU C 366 -27.82 -27.03 -13.05
N ARG D 7 20.01 -1.05 43.62
CA ARG D 7 19.07 0.09 43.83
C ARG D 7 19.32 1.18 42.79
N GLN D 8 18.25 1.62 42.13
CA GLN D 8 18.34 2.39 40.87
C GLN D 8 17.94 3.83 41.15
N ILE D 9 18.78 4.79 40.74
CA ILE D 9 18.54 6.20 41.03
C ILE D 9 18.46 6.99 39.74
N VAL D 10 17.33 7.67 39.56
CA VAL D 10 17.04 8.39 38.34
C VAL D 10 17.23 9.87 38.58
N LEU D 11 17.92 10.54 37.65
CA LEU D 11 18.12 11.98 37.69
C LEU D 11 17.80 12.66 36.37
N ASP D 12 17.33 13.91 36.45
CA ASP D 12 17.16 14.80 35.30
C ASP D 12 17.46 16.23 35.76
N THR D 13 18.49 16.86 35.20
CA THR D 13 18.93 18.19 35.65
C THR D 13 18.60 19.28 34.62
N GLU D 14 17.78 20.25 35.02
CA GLU D 14 17.49 21.44 34.17
C GLU D 14 18.52 22.53 34.47
N THR D 15 19.14 23.12 33.44
CA THR D 15 20.25 24.06 33.65
C THR D 15 20.01 25.42 33.02
N THR D 16 20.89 26.37 33.36
CA THR D 16 20.88 27.73 32.81
C THR D 16 21.45 27.73 31.38
N GLY D 17 20.93 26.85 30.51
CA GLY D 17 21.52 26.59 29.20
C GLY D 17 22.92 26.01 29.24
N MET D 18 23.55 25.91 28.07
CA MET D 18 24.92 25.41 27.98
C MET D 18 25.81 26.40 27.23
N ASN D 19 27.13 26.24 27.42
CA ASN D 19 28.14 26.82 26.54
C ASN D 19 28.34 25.86 25.35
N GLN D 20 28.18 26.36 24.14
CA GLN D 20 28.25 25.53 22.93
C GLN D 20 29.71 25.26 22.53
N ILE D 21 30.61 26.16 22.91
CA ILE D 21 32.03 26.04 22.65
C ILE D 21 32.83 25.79 23.94
N GLY D 22 33.93 25.04 23.81
CA GLY D 22 34.87 24.82 24.91
C GLY D 22 34.22 24.02 26.03
N ALA D 23 34.36 24.51 27.26
CA ALA D 23 33.74 23.86 28.41
C ALA D 23 32.24 24.18 28.48
N HIS D 24 31.43 23.16 28.26
CA HIS D 24 29.96 23.27 28.37
C HIS D 24 29.47 23.70 29.76
N TYR D 25 30.35 23.64 30.75
CA TYR D 25 30.02 24.06 32.11
C TYR D 25 30.62 25.42 32.48
N GLU D 26 31.61 25.91 31.73
CA GLU D 26 32.25 27.18 32.05
C GLU D 26 31.28 28.35 31.92
N GLY D 27 31.20 29.14 32.98
CA GLY D 27 30.29 30.26 33.06
C GLY D 27 28.86 29.91 33.43
N HIS D 28 28.57 28.63 33.66
CA HIS D 28 27.22 28.17 33.98
C HIS D 28 27.18 27.51 35.34
N LYS D 29 25.98 27.44 35.91
CA LYS D 29 25.72 26.80 37.21
C LYS D 29 24.35 26.11 37.16
N ILE D 30 24.05 25.31 38.17
CA ILE D 30 22.80 24.53 38.24
C ILE D 30 21.66 25.40 38.81
N ILE D 31 20.46 25.31 38.22
CA ILE D 31 19.27 26.03 38.74
C ILE D 31 18.19 25.17 39.41
N GLU D 32 18.03 23.93 38.96
CA GLU D 32 16.99 23.04 39.46
C GLU D 32 17.48 21.60 39.46
N ILE D 33 17.17 20.86 40.52
CA ILE D 33 17.48 19.44 40.61
C ILE D 33 16.17 18.69 40.80
N GLY D 34 15.83 17.84 39.83
CA GLY D 34 14.65 16.96 39.93
C GLY D 34 15.05 15.52 39.69
N ALA D 35 15.02 14.72 40.75
CA ALA D 35 15.45 13.32 40.70
C ALA D 35 14.43 12.44 41.40
N VAL D 36 14.19 11.27 40.84
CA VAL D 36 13.29 10.29 41.44
C VAL D 36 14.08 9.05 41.80
N GLU D 37 13.69 8.41 42.90
CA GLU D 37 14.28 7.15 43.32
C GLU D 37 13.45 5.99 42.80
N VAL D 38 14.12 5.02 42.18
CA VAL D 38 13.46 3.88 41.57
C VAL D 38 14.08 2.62 42.14
N VAL D 39 13.28 1.86 42.89
CA VAL D 39 13.76 0.63 43.51
C VAL D 39 12.91 -0.52 43.04
N ASN D 40 13.60 -1.53 42.52
CA ASN D 40 13.00 -2.71 41.91
C ASN D 40 11.91 -2.36 40.90
N ARG D 41 12.25 -1.35 40.10
CA ARG D 41 11.41 -0.84 39.03
C ARG D 41 10.05 -0.32 39.48
N ARG D 42 10.02 0.19 40.71
CA ARG D 42 8.86 0.85 41.22
C ARG D 42 9.25 2.20 41.79
N LEU D 43 8.34 3.15 41.57
CA LEU D 43 8.47 4.54 41.98
C LEU D 43 8.12 4.63 43.44
N THR D 44 9.10 4.92 44.28
CA THR D 44 8.87 5.02 45.71
C THR D 44 8.16 6.32 46.11
N GLY D 45 8.39 7.39 45.35
CA GLY D 45 7.92 8.72 45.72
C GLY D 45 8.88 9.54 46.59
N ASN D 46 10.02 8.95 46.98
CA ASN D 46 11.06 9.68 47.69
C ASN D 46 11.94 10.40 46.69
N ASN D 47 11.34 11.42 46.07
CA ASN D 47 12.02 12.18 45.05
C ASN D 47 12.88 13.27 45.68
N PHE D 48 14.03 13.52 45.06
CA PHE D 48 14.85 14.70 45.33
C PHE D 48 14.52 15.80 44.31
N HIS D 49 13.75 16.80 44.75
CA HIS D 49 13.39 17.93 43.91
C HIS D 49 13.72 19.21 44.66
N VAL D 50 14.80 19.87 44.26
CA VAL D 50 15.18 21.16 44.83
C VAL D 50 15.40 22.18 43.72
N TYR D 51 15.33 23.44 44.09
CA TYR D 51 15.73 24.53 43.23
C TYR D 51 16.92 25.23 43.88
N LEU D 52 17.79 25.78 43.05
CA LEU D 52 19.08 26.28 43.50
C LEU D 52 19.26 27.76 43.19
N LYS D 53 20.44 28.27 43.57
CA LYS D 53 20.87 29.63 43.23
C LYS D 53 21.37 29.64 41.78
N PRO D 54 20.91 30.61 40.96
CA PRO D 54 21.34 30.66 39.57
C PRO D 54 22.79 31.10 39.39
N ASP D 55 23.26 32.02 40.24
CA ASP D 55 24.62 32.58 40.17
C ASP D 55 24.90 33.31 38.83
N ARG D 56 23.86 33.49 38.02
CA ARG D 56 23.97 34.00 36.64
C ARG D 56 22.55 34.14 36.07
N LEU D 57 22.44 34.52 34.80
CA LEU D 57 21.15 34.65 34.12
C LEU D 57 20.64 33.30 33.57
N VAL D 58 19.33 33.06 33.69
CA VAL D 58 18.70 31.88 33.09
C VAL D 58 18.73 32.04 31.59
N ASP D 59 19.03 30.95 30.89
CA ASP D 59 19.26 31.03 29.45
C ASP D 59 17.91 31.20 28.75
N PRO D 60 17.85 32.08 27.73
CA PRO D 60 16.62 32.26 26.94
C PRO D 60 16.05 30.95 26.39
N GLU D 61 16.89 30.05 25.92
CA GLU D 61 16.47 28.72 25.48
C GLU D 61 15.77 27.94 26.61
N ALA D 62 16.46 27.82 27.74
CA ALA D 62 15.95 27.11 28.92
C ALA D 62 14.59 27.68 29.38
N PHE D 63 14.45 29.00 29.28
CA PHE D 63 13.22 29.70 29.65
C PHE D 63 12.02 29.24 28.82
N GLY D 64 12.22 29.12 27.51
CA GLY D 64 11.18 28.66 26.60
C GLY D 64 10.83 27.19 26.76
N VAL D 65 11.78 26.41 27.28
CA VAL D 65 11.58 24.97 27.45
C VAL D 65 10.46 24.65 28.46
N HIS D 66 10.57 25.16 29.68
CA HIS D 66 9.55 24.95 30.73
C HIS D 66 9.28 26.13 31.68
N GLY D 67 9.68 27.34 31.30
CA GLY D 67 9.40 28.54 32.10
C GLY D 67 10.10 28.62 33.44
N ILE D 68 11.24 29.33 33.50
CA ILE D 68 11.96 29.56 34.75
C ILE D 68 12.59 30.97 34.73
N ALA D 69 12.30 31.76 35.76
CA ALA D 69 12.86 33.11 35.91
C ALA D 69 13.86 33.14 37.07
N ASP D 70 14.86 34.00 36.94
CA ASP D 70 15.98 34.11 37.90
C ASP D 70 15.50 34.51 39.29
N GLU D 71 14.54 35.44 39.32
CA GLU D 71 13.99 35.98 40.57
C GLU D 71 13.30 34.90 41.42
N PHE D 72 12.88 33.81 40.78
CA PHE D 72 12.27 32.67 41.48
C PHE D 72 13.29 31.79 42.21
N LEU D 73 14.50 31.70 41.67
CA LEU D 73 15.56 30.87 42.23
C LEU D 73 16.53 31.65 43.14
N LEU D 74 16.13 32.86 43.56
CA LEU D 74 16.99 33.72 44.39
C LEU D 74 17.00 33.30 45.88
N ASP D 75 15.81 33.14 46.49
CA ASP D 75 15.71 32.74 47.92
C ASP D 75 16.03 31.25 48.12
N LYS D 76 15.87 30.46 47.06
CA LYS D 76 16.12 29.02 47.11
C LYS D 76 17.62 28.76 47.41
N PRO D 77 17.95 27.64 48.09
CA PRO D 77 19.34 27.36 48.54
C PRO D 77 20.31 27.07 47.40
N THR D 78 21.61 27.09 47.67
CA THR D 78 22.64 26.78 46.66
C THR D 78 23.02 25.29 46.73
N PHE D 79 23.89 24.89 45.80
CA PHE D 79 24.41 23.52 45.75
C PHE D 79 25.14 23.13 47.04
N ALA D 80 25.76 24.11 47.70
CA ALA D 80 26.46 23.90 48.97
C ALA D 80 25.55 23.48 50.12
N GLU D 81 24.30 23.95 50.14
CA GLU D 81 23.35 23.61 51.21
C GLU D 81 22.80 22.19 51.10
N VAL D 82 22.82 21.62 49.89
CA VAL D 82 22.30 20.27 49.65
C VAL D 82 23.38 19.35 49.07
N ALA D 83 24.64 19.72 49.24
CA ALA D 83 25.78 18.94 48.70
C ALA D 83 25.81 17.54 49.31
N ASP D 84 25.87 17.49 50.63
CA ASP D 84 25.91 16.22 51.38
C ASP D 84 24.58 15.48 51.22
N GLU D 85 23.49 16.25 51.23
CA GLU D 85 22.14 15.73 51.13
C GLU D 85 21.94 14.97 49.83
N PHE D 86 22.29 15.60 48.72
CA PHE D 86 22.19 14.98 47.39
C PHE D 86 23.22 13.86 47.23
N MET D 87 24.42 14.04 47.79
CA MET D 87 25.48 13.02 47.69
C MET D 87 25.02 11.69 48.29
N ASP D 88 24.52 11.74 49.52
CA ASP D 88 24.05 10.54 50.22
C ASP D 88 22.84 9.91 49.54
N TYR D 89 22.01 10.74 48.90
CA TYR D 89 20.83 10.29 48.17
C TYR D 89 21.17 9.42 46.95
N ILE D 90 22.28 9.69 46.29
CA ILE D 90 22.71 8.91 45.11
C ILE D 90 23.92 7.97 45.34
N ARG D 91 24.66 8.17 46.43
CA ARG D 91 25.89 7.41 46.68
C ARG D 91 25.63 5.91 46.81
N GLY D 92 26.37 5.11 46.06
CA GLY D 92 26.27 3.66 46.12
C GLY D 92 25.02 3.18 45.42
N ALA D 93 24.75 3.72 44.24
CA ALA D 93 23.59 3.34 43.45
C ALA D 93 23.84 3.49 41.95
N GLU D 94 22.82 3.15 41.15
CA GLU D 94 22.89 3.30 39.70
C GLU D 94 22.43 4.69 39.26
N LEU D 95 23.29 5.40 38.54
CA LEU D 95 22.94 6.69 37.95
C LEU D 95 22.65 6.56 36.45
N VAL D 96 21.37 6.68 36.13
CA VAL D 96 20.89 6.63 34.75
C VAL D 96 20.76 8.05 34.20
N ILE D 97 21.57 8.41 33.21
CA ILE D 97 21.59 9.81 32.72
C ILE D 97 21.38 9.92 31.20
N HIS D 98 20.92 11.08 30.71
CA HIS D 98 20.84 11.37 29.26
C HIS D 98 22.12 12.14 28.87
N ASN D 99 22.99 11.52 28.07
CA ASN D 99 24.25 12.11 27.56
C ASN D 99 25.21 12.43 28.70
N ALA D 100 25.62 11.36 29.39
CA ALA D 100 26.41 11.42 30.65
C ALA D 100 27.53 12.48 30.69
N ALA D 101 28.24 12.63 29.57
CA ALA D 101 29.28 13.66 29.42
C ALA D 101 28.81 15.09 29.82
N PHE D 102 27.55 15.39 29.52
CA PHE D 102 26.96 16.70 29.79
C PHE D 102 26.66 16.88 31.29
N ASP D 103 25.75 16.04 31.80
CA ASP D 103 25.31 16.12 33.20
C ASP D 103 26.47 15.90 34.19
N ILE D 104 27.22 14.81 34.01
CA ILE D 104 28.38 14.50 34.88
C ILE D 104 29.35 15.68 34.89
N GLY D 105 29.58 16.27 33.71
CA GLY D 105 30.43 17.45 33.60
C GLY D 105 29.99 18.60 34.49
N PHE D 106 28.68 18.86 34.50
CA PHE D 106 28.07 19.91 35.36
C PHE D 106 28.18 19.53 36.84
N MET D 107 27.86 18.26 37.13
CA MET D 107 27.86 17.74 38.49
C MET D 107 29.23 17.89 39.15
N ASP D 108 30.23 17.33 38.48
CA ASP D 108 31.61 17.40 38.98
C ASP D 108 32.08 18.84 39.04
N TYR D 109 31.62 19.66 38.11
CA TYR D 109 31.95 21.08 38.08
C TYR D 109 31.52 21.77 39.37
N GLU D 110 30.24 21.60 39.71
CA GLU D 110 29.70 22.11 40.98
C GLU D 110 30.43 21.54 42.20
N PHE D 111 30.76 20.25 42.16
CA PHE D 111 31.49 19.60 43.25
C PHE D 111 32.85 20.26 43.51
N SER D 112 33.58 20.56 42.44
CA SER D 112 34.88 21.23 42.56
C SER D 112 34.74 22.68 43.05
N LEU D 113 33.61 23.32 42.75
CA LEU D 113 33.32 24.69 43.23
C LEU D 113 33.17 24.74 44.76
N LEU D 114 32.78 23.62 45.36
CA LEU D 114 32.68 23.52 46.81
C LEU D 114 34.06 23.49 47.49
N LYS D 115 35.10 23.13 46.75
CA LYS D 115 36.48 23.09 47.26
C LYS D 115 36.66 22.13 48.45
N ARG D 116 35.98 20.99 48.38
CA ARG D 116 36.13 19.88 49.33
C ARG D 116 36.95 18.75 48.70
N ASP D 117 37.75 19.09 47.69
CA ASP D 117 38.63 18.16 46.95
C ASP D 117 37.85 17.02 46.27
N ILE D 118 36.57 17.25 45.95
CA ILE D 118 35.66 16.17 45.55
C ILE D 118 36.06 15.61 44.16
N PRO D 119 36.40 14.31 44.10
CA PRO D 119 36.76 13.69 42.83
C PRO D 119 35.55 13.48 41.93
N LYS D 120 35.78 13.03 40.71
CA LYS D 120 34.67 12.79 39.80
C LYS D 120 33.73 11.69 40.31
N THR D 121 32.42 11.91 40.11
CA THR D 121 31.37 10.98 40.52
C THR D 121 31.60 9.54 40.01
N ASN D 122 32.19 9.41 38.82
CA ASN D 122 32.53 8.08 38.28
C ASN D 122 33.56 7.26 39.08
N THR D 123 34.22 7.88 40.05
CA THR D 123 35.18 7.16 40.90
C THR D 123 34.52 6.47 42.10
N PHE D 124 33.34 6.95 42.50
CA PHE D 124 32.58 6.32 43.59
C PHE D 124 31.17 5.87 43.19
N CYS D 125 30.79 6.05 41.93
CA CYS D 125 29.46 5.67 41.44
C CYS D 125 29.52 5.08 40.04
N LYS D 126 28.55 4.22 39.75
CA LYS D 126 28.35 3.64 38.42
C LYS D 126 27.64 4.64 37.50
N VAL D 127 28.39 5.29 36.62
CA VAL D 127 27.84 6.30 35.69
C VAL D 127 27.30 5.62 34.43
N THR D 128 25.99 5.72 34.21
CA THR D 128 25.34 5.08 33.08
C THR D 128 24.47 6.09 32.32
N ASP D 129 24.74 6.28 31.03
CA ASP D 129 23.84 7.06 30.17
C ASP D 129 22.77 6.15 29.57
N SER D 130 21.51 6.56 29.66
CA SER D 130 20.39 5.80 29.06
C SER D 130 20.27 6.01 27.55
N LEU D 131 20.75 7.15 27.07
CA LEU D 131 20.75 7.44 25.63
C LEU D 131 21.66 6.47 24.86
N ALA D 132 22.78 6.14 25.46
CA ALA D 132 23.74 5.18 24.90
C ALA D 132 23.11 3.81 24.80
N VAL D 133 22.30 3.43 25.78
CA VAL D 133 21.59 2.14 25.77
C VAL D 133 20.57 2.15 24.65
N ALA D 134 19.80 3.21 24.56
CA ALA D 134 18.81 3.35 23.50
C ALA D 134 19.46 3.36 22.11
N ARG D 135 20.61 4.01 22.01
CA ARG D 135 21.39 4.02 20.77
C ARG D 135 21.92 2.66 20.36
N LYS D 136 22.17 1.81 21.34
CA LYS D 136 22.60 0.43 21.09
C LYS D 136 21.43 -0.43 20.67
N MET D 137 20.27 -0.17 21.25
CA MET D 137 19.04 -0.89 20.92
C MET D 137 18.47 -0.48 19.57
N PHE D 138 18.40 0.83 19.33
CA PHE D 138 17.90 1.41 18.07
C PHE D 138 19.00 2.24 17.44
N PRO D 139 19.89 1.58 16.66
CA PRO D 139 21.06 2.23 16.09
C PRO D 139 20.73 3.15 14.93
N GLY D 140 21.13 4.41 15.09
CA GLY D 140 20.90 5.43 14.09
C GLY D 140 19.49 5.97 14.08
N LYS D 141 18.72 5.69 15.14
CA LYS D 141 17.37 6.21 15.27
C LYS D 141 17.37 7.31 16.33
N ARG D 142 16.38 8.19 16.24
CA ARG D 142 16.20 9.22 17.26
C ARG D 142 15.79 8.53 18.54
N ASN D 143 16.62 8.68 19.56
CA ASN D 143 16.39 8.09 20.86
C ASN D 143 16.15 9.16 21.92
N SER D 144 15.41 10.20 21.54
CA SER D 144 15.10 11.26 22.46
C SER D 144 13.98 10.80 23.35
N LEU D 145 13.78 11.56 24.42
CA LEU D 145 12.81 11.23 25.42
C LEU D 145 11.41 11.17 24.82
N ASP D 146 11.05 12.20 24.05
CA ASP D 146 9.75 12.26 23.39
C ASP D 146 9.58 11.19 22.33
N ALA D 147 10.68 10.81 21.70
CA ALA D 147 10.69 9.74 20.69
C ALA D 147 10.30 8.42 21.35
N LEU D 148 11.01 8.14 22.43
CA LEU D 148 10.79 6.91 23.15
C LEU D 148 9.45 6.94 23.88
N CYS D 149 9.04 8.12 24.32
CA CYS D 149 7.73 8.33 24.95
C CYS D 149 6.62 7.83 24.04
N ALA D 150 6.63 8.33 22.80
CA ALA D 150 5.63 7.95 21.83
C ALA D 150 5.76 6.45 21.53
N ARG D 151 7.00 5.98 21.44
CA ARG D 151 7.28 4.58 21.13
C ARG D 151 6.67 3.60 22.14
N TYR D 152 6.86 3.90 23.43
CA TYR D 152 6.31 3.07 24.52
C TYR D 152 4.97 3.55 25.04
N GLU D 153 4.24 4.29 24.22
CA GLU D 153 2.83 4.60 24.51
C GLU D 153 2.60 5.45 25.78
N ILE D 154 3.29 6.58 25.95
CA ILE D 154 3.28 7.30 27.26
C ILE D 154 2.64 8.69 27.17
N ASP D 155 1.91 9.14 28.19
CA ASP D 155 1.43 10.53 28.31
C ASP D 155 2.43 11.47 28.95
N ASN D 156 2.86 12.47 28.19
CA ASN D 156 3.76 13.53 28.69
C ASN D 156 3.09 14.90 28.66
N SER D 157 1.80 14.92 28.39
CA SER D 157 1.06 16.15 28.18
C SER D 157 0.21 16.49 29.40
N LYS D 158 -0.41 15.47 30.00
CA LYS D 158 -1.21 15.67 31.19
C LYS D 158 -0.44 15.39 32.48
N ARG D 159 0.83 15.84 32.54
CA ARG D 159 1.66 15.64 33.74
C ARG D 159 1.92 17.01 34.37
N THR D 160 1.60 17.15 35.67
CA THR D 160 1.56 18.45 36.34
C THR D 160 2.97 19.00 36.56
N LEU D 161 3.89 18.09 36.86
CA LEU D 161 5.31 18.41 37.05
C LEU D 161 5.86 19.02 35.77
N HIS D 162 6.30 20.27 35.85
CA HIS D 162 6.91 20.98 34.72
C HIS D 162 8.39 21.13 35.03
N GLY D 163 9.24 20.81 34.05
CA GLY D 163 10.70 20.85 34.24
C GLY D 163 11.30 19.50 34.54
N ALA D 164 12.37 19.48 35.35
CA ALA D 164 13.23 18.30 35.55
C ALA D 164 12.48 17.03 35.93
N LEU D 165 11.59 17.17 36.91
CA LEU D 165 10.91 16.03 37.49
C LEU D 165 9.98 15.38 36.48
N LEU D 166 9.49 16.17 35.52
CA LEU D 166 8.70 15.66 34.38
C LEU D 166 9.52 14.66 33.59
N ASP D 167 10.67 15.12 33.13
CA ASP D 167 11.52 14.34 32.27
C ASP D 167 12.07 13.14 33.02
N ALA D 168 12.44 13.34 34.28
CA ALA D 168 12.91 12.23 35.13
C ALA D 168 11.90 11.10 35.20
N GLN D 169 10.65 11.45 35.46
CA GLN D 169 9.58 10.46 35.51
C GLN D 169 9.43 9.73 34.18
N ILE D 170 9.43 10.51 33.11
CA ILE D 170 9.31 9.94 31.77
C ILE D 170 10.49 9.02 31.43
N LEU D 171 11.69 9.48 31.75
CA LEU D 171 12.89 8.68 31.53
C LEU D 171 12.86 7.39 32.33
N ALA D 172 12.28 7.42 33.52
CA ALA D 172 12.07 6.20 34.32
C ALA D 172 11.19 5.19 33.58
N GLU D 173 10.10 5.66 32.99
CA GLU D 173 9.20 4.77 32.26
C GLU D 173 9.88 4.22 30.98
N VAL D 174 10.65 5.07 30.33
CA VAL D 174 11.46 4.64 29.18
C VAL D 174 12.52 3.61 29.62
N TYR D 175 13.18 3.89 30.72
CA TYR D 175 14.18 3.00 31.29
C TYR D 175 13.63 1.63 31.60
N LEU D 176 12.46 1.58 32.25
CA LEU D 176 11.74 0.31 32.49
C LEU D 176 11.41 -0.41 31.20
N ALA D 177 10.98 0.35 30.20
CA ALA D 177 10.60 -0.22 28.93
C ALA D 177 11.80 -0.91 28.22
N MET D 178 12.95 -0.23 28.22
CA MET D 178 14.21 -0.74 27.63
C MET D 178 14.73 -1.97 28.36
N THR D 179 14.67 -1.94 29.69
CA THR D 179 15.18 -3.02 30.52
C THR D 179 14.09 -3.99 30.88
N GLY D 180 12.98 -3.93 30.14
CA GLY D 180 12.12 -5.06 29.97
C GLY D 180 12.59 -5.80 28.72
N GLY D 181 11.93 -6.88 28.36
CA GLY D 181 11.00 -7.58 29.23
C GLY D 181 11.67 -8.77 29.88
N GLN D 182 12.56 -9.42 29.15
CA GLN D 182 12.83 -10.84 29.35
C GLN D 182 14.24 -11.12 28.87
N LEU D 183 15.00 -11.90 29.64
CA LEU D 183 16.38 -12.27 29.29
C LEU D 183 16.38 -13.26 28.10
N SER D 184 17.59 -13.53 27.57
CA SER D 184 17.88 -14.62 26.58
C SER D 184 18.73 -15.74 27.20
N LEU D 185 18.62 -16.96 26.63
CA LEU D 185 19.24 -18.14 27.22
C LEU D 185 20.72 -18.21 26.85
N PRO D 186 21.64 -18.13 27.84
CA PRO D 186 23.05 -18.14 27.43
C PRO D 186 23.40 -19.40 26.60
N LEU D 187 23.62 -19.21 25.30
CA LEU D 187 23.88 -20.33 24.37
C LEU D 187 24.91 -19.88 23.32
N ALA D 188 24.47 -18.96 22.44
CA ALA D 188 25.11 -18.54 21.19
C ALA D 188 26.47 -17.86 21.36
N MET D 189 27.53 -18.54 20.97
CA MET D 189 27.56 -19.85 20.30
C MET D 189 27.79 -19.61 18.83
N GLN D 208 51.67 -30.72 -0.62
CA GLN D 208 52.26 -31.17 -1.87
C GLN D 208 52.00 -30.20 -3.02
N ALA D 209 52.63 -30.49 -4.15
CA ALA D 209 52.39 -29.79 -5.40
C ALA D 209 51.40 -30.59 -6.27
N SER D 210 51.69 -31.88 -6.47
CA SER D 210 50.90 -32.78 -7.33
C SER D 210 51.12 -32.40 -8.80
N LYS D 211 50.12 -32.61 -9.64
CA LYS D 211 50.14 -32.08 -11.02
C LYS D 211 49.02 -31.03 -11.14
N LEU D 212 47.86 -31.43 -11.68
CA LEU D 212 46.78 -30.56 -12.13
C LEU D 212 47.22 -29.75 -13.37
N ARG D 213 46.37 -29.78 -14.39
CA ARG D 213 46.76 -29.50 -15.77
C ARG D 213 46.86 -28.00 -16.09
N VAL D 214 47.94 -27.61 -16.78
CA VAL D 214 48.03 -26.31 -17.45
C VAL D 214 47.71 -26.49 -18.93
N VAL D 215 46.75 -25.73 -19.44
CA VAL D 215 46.33 -25.83 -20.85
C VAL D 215 47.00 -24.72 -21.61
N PHE D 216 48.05 -25.06 -22.36
CA PHE D 216 48.78 -24.06 -23.17
C PHE D 216 48.00 -23.69 -24.43
N ALA D 217 47.95 -22.38 -24.71
CA ALA D 217 47.15 -21.86 -25.81
C ALA D 217 47.67 -22.49 -27.07
N THR D 218 46.73 -22.94 -27.90
CA THR D 218 47.09 -23.57 -29.17
C THR D 218 47.61 -22.47 -30.11
N ASP D 219 48.24 -22.89 -31.19
CA ASP D 219 48.72 -21.96 -32.22
C ASP D 219 47.57 -21.12 -32.80
N GLU D 220 46.40 -21.73 -33.03
CA GLU D 220 45.17 -21.01 -33.47
C GLU D 220 44.79 -19.89 -32.50
N GLU D 221 44.79 -20.23 -31.21
CA GLU D 221 44.41 -19.30 -30.15
C GLU D 221 45.43 -18.17 -30.02
N ILE D 222 46.72 -18.53 -30.10
CA ILE D 222 47.82 -17.55 -30.07
C ILE D 222 47.67 -16.56 -31.24
N ALA D 223 47.33 -17.04 -32.43
CA ALA D 223 47.12 -16.18 -33.59
C ALA D 223 45.96 -15.22 -33.37
N ALA D 224 44.85 -15.72 -32.81
CA ALA D 224 43.68 -14.87 -32.50
C ALA D 224 44.04 -13.82 -31.46
N HIS D 225 44.82 -14.25 -30.46
CA HIS D 225 45.34 -13.37 -29.42
C HIS D 225 46.17 -12.23 -29.99
N GLU D 226 47.15 -12.59 -30.82
CA GLU D 226 48.03 -11.62 -31.46
C GLU D 226 47.22 -10.63 -32.25
N ALA D 227 46.26 -11.13 -33.05
CA ALA D 227 45.42 -10.26 -33.88
C ALA D 227 44.54 -9.36 -33.02
N ARG D 228 44.02 -9.90 -31.93
CA ARG D 228 43.16 -9.11 -31.05
C ARG D 228 43.94 -7.99 -30.36
N LEU D 229 45.15 -8.32 -29.88
CA LEU D 229 46.04 -7.30 -29.29
C LEU D 229 46.47 -6.26 -30.31
N ASP D 230 46.77 -6.68 -31.55
CA ASP D 230 47.06 -5.74 -32.66
C ASP D 230 45.95 -4.70 -32.75
N LEU D 231 44.70 -5.14 -32.68
CA LEU D 231 43.56 -4.22 -32.81
C LEU D 231 43.54 -3.20 -31.65
N VAL D 232 43.68 -3.70 -30.43
CA VAL D 232 43.76 -2.85 -29.23
C VAL D 232 44.84 -1.79 -29.41
N GLN D 233 46.03 -2.23 -29.79
CA GLN D 233 47.23 -1.40 -29.85
C GLN D 233 47.17 -0.40 -30.98
N LYS D 234 46.71 -0.86 -32.14
CA LYS D 234 46.64 -0.01 -33.35
C LYS D 234 45.61 1.09 -33.16
N LYS D 235 44.49 0.75 -32.52
CA LYS D 235 43.41 1.70 -32.29
C LYS D 235 43.67 2.61 -31.07
N GLY D 236 44.26 2.05 -30.01
CA GLY D 236 44.41 2.73 -28.70
C GLY D 236 45.77 3.33 -28.36
N GLY D 237 46.82 2.83 -29.02
CA GLY D 237 48.18 3.31 -28.79
C GLY D 237 48.84 2.74 -27.55
N SER D 238 48.35 1.62 -27.03
CA SER D 238 49.00 1.01 -25.86
C SER D 238 48.75 -0.50 -25.74
N CYS D 239 49.66 -1.15 -25.02
CA CYS D 239 49.59 -2.58 -24.72
C CYS D 239 50.44 -2.95 -23.48
N LEU D 240 49.72 -3.20 -22.41
CA LEU D 240 50.24 -3.43 -21.10
C LEU D 240 50.82 -4.80 -21.02
N TRP D 241 50.28 -5.72 -21.84
CA TRP D 241 50.67 -7.14 -21.88
C TRP D 241 52.05 -6.93 -22.04
N ARG D 242 52.18 -5.75 -22.47
CA ARG D 242 53.19 -5.51 -23.12
C ARG D 242 53.63 -4.20 -22.68
N ALA D 243 53.19 -3.63 -21.55
CA ALA D 243 53.64 -2.31 -21.17
C ALA D 243 54.90 -2.51 -20.31
N THR E 7 -21.77 48.05 3.01
CA THR E 7 -23.09 48.15 2.30
C THR E 7 -23.85 49.44 2.67
N PRO E 8 -23.31 50.60 2.25
CA PRO E 8 -24.10 51.83 2.35
C PRO E 8 -24.98 52.11 1.15
N GLU E 9 -24.67 51.61 -0.06
CA GLU E 9 -25.53 51.82 -1.26
C GLU E 9 -26.49 53.01 -1.07
N LEU E 10 -27.33 52.83 -0.04
CA LEU E 10 -28.21 53.85 0.51
C LEU E 10 -27.47 55.15 0.78
N ALA E 11 -26.31 55.17 1.46
CA ALA E 11 -25.55 56.45 1.70
C ALA E 11 -25.18 57.24 0.42
N ALA E 12 -24.75 56.56 -0.64
CA ALA E 12 -24.41 57.25 -1.92
C ALA E 12 -25.66 57.64 -2.72
N LYS E 13 -26.67 56.76 -2.64
CA LYS E 13 -27.99 57.05 -3.25
C LYS E 13 -28.61 58.29 -2.58
N LEU E 14 -28.59 58.26 -1.26
CA LEU E 14 -28.97 59.36 -0.37
C LEU E 14 -28.21 60.63 -0.63
N ALA E 15 -26.91 60.52 -0.89
CA ALA E 15 -26.09 61.68 -1.34
C ALA E 15 -26.61 62.26 -2.68
N ALA E 16 -27.08 61.39 -3.56
CA ALA E 16 -27.69 61.86 -4.82
C ALA E 16 -28.91 62.78 -4.58
N GLU E 17 -29.83 62.42 -3.68
CA GLU E 17 -30.91 63.33 -3.24
C GLU E 17 -30.37 64.63 -2.61
N ALA E 18 -29.33 64.53 -1.78
CA ALA E 18 -28.70 65.73 -1.18
C ALA E 18 -28.22 66.69 -2.27
N ILE E 19 -27.52 66.12 -3.27
CA ILE E 19 -27.05 66.83 -4.51
C ILE E 19 -28.23 67.39 -5.32
N GLU E 20 -29.30 66.62 -5.43
CA GLU E 20 -30.50 66.99 -6.18
C GLU E 20 -31.24 68.19 -5.54
N ARG E 21 -30.96 68.46 -4.26
CA ARG E 21 -31.54 69.58 -3.51
C ARG E 21 -30.59 70.76 -3.20
N ASP E 22 -29.35 70.44 -2.80
CA ASP E 22 -28.32 71.46 -2.44
C ASP E 22 -27.48 71.85 -3.67
N PRO E 23 -27.48 73.16 -4.04
CA PRO E 23 -26.65 73.57 -5.18
C PRO E 23 -25.14 73.35 -4.96
N TRP E 24 -24.67 73.48 -3.71
CA TRP E 24 -23.25 73.27 -3.43
C TRP E 24 -22.83 71.81 -3.56
N ALA E 25 -23.57 70.90 -2.92
CA ALA E 25 -23.32 69.45 -3.08
C ALA E 25 -23.24 69.07 -4.57
N ALA E 26 -24.19 69.58 -5.36
CA ALA E 26 -24.24 69.37 -6.83
C ALA E 26 -22.98 69.90 -7.50
N GLN E 27 -22.64 71.15 -7.18
CA GLN E 27 -21.44 71.77 -7.72
C GLN E 27 -20.16 70.96 -7.40
N VAL E 28 -20.00 70.54 -6.14
CA VAL E 28 -18.84 69.72 -5.70
C VAL E 28 -18.75 68.40 -6.51
N SER E 29 -19.89 67.74 -6.69
CA SER E 29 -19.93 66.50 -7.49
C SER E 29 -19.58 66.74 -8.97
N GLN E 30 -19.95 67.91 -9.49
CA GLN E 30 -19.61 68.30 -10.87
C GLN E 30 -18.10 68.63 -11.00
N LEU E 31 -17.54 69.32 -10.00
CA LEU E 31 -16.06 69.53 -9.88
C LEU E 31 -15.30 68.21 -9.76
N SER E 32 -15.97 67.24 -9.13
CA SER E 32 -15.48 65.91 -8.90
C SER E 32 -14.22 65.99 -8.00
N LEU E 33 -14.48 66.48 -6.79
CA LEU E 33 -13.52 66.48 -5.70
C LEU E 33 -13.21 65.02 -5.28
N PRO E 34 -12.10 64.82 -4.54
CA PRO E 34 -11.86 63.49 -3.96
C PRO E 34 -12.74 63.23 -2.68
N LYS E 35 -12.12 63.19 -1.49
CA LYS E 35 -12.78 62.68 -0.27
C LYS E 35 -12.56 63.63 0.93
N LEU E 36 -11.30 63.84 1.36
CA LEU E 36 -10.95 64.85 2.39
C LEU E 36 -11.55 66.23 2.07
N VAL E 37 -11.25 66.70 0.87
CA VAL E 37 -11.64 68.02 0.41
C VAL E 37 -13.17 68.05 0.21
N GLU E 38 -13.73 66.92 -0.24
CA GLU E 38 -15.18 66.77 -0.33
C GLU E 38 -15.81 66.92 1.05
N GLN E 39 -15.26 66.27 2.06
CA GLN E 39 -15.79 66.35 3.45
C GLN E 39 -15.76 67.79 4.00
N VAL E 40 -14.77 68.58 3.58
CA VAL E 40 -14.74 70.01 3.91
C VAL E 40 -15.91 70.73 3.22
N ALA E 41 -16.03 70.59 1.89
CA ALA E 41 -17.17 71.14 1.15
C ALA E 41 -18.55 70.65 1.66
N LEU E 42 -18.58 69.40 2.13
CA LEU E 42 -19.79 68.76 2.66
C LEU E 42 -20.18 69.26 4.06
N ASN E 43 -19.22 69.50 4.93
CA ASN E 43 -19.51 70.04 6.27
C ASN E 43 -19.63 71.58 6.32
N ALA E 44 -19.85 72.22 5.17
CA ALA E 44 -19.98 73.67 5.05
C ALA E 44 -21.17 74.05 4.16
N TRP E 45 -21.74 75.22 4.45
CA TRP E 45 -23.03 75.65 3.88
C TRP E 45 -22.79 76.73 2.85
N LYS E 46 -23.59 76.73 1.79
CA LYS E 46 -23.29 77.55 0.63
C LYS E 46 -23.99 78.90 0.62
N GLU E 47 -23.32 79.95 1.08
CA GLU E 47 -23.70 81.33 0.75
C GLU E 47 -23.10 81.59 -0.63
N GLU E 48 -23.74 82.44 -1.41
CA GLU E 48 -23.20 82.79 -2.74
C GLU E 48 -23.33 84.29 -2.91
N SER E 49 -22.24 84.95 -3.30
CA SER E 49 -22.23 86.39 -3.57
C SER E 49 -21.92 86.62 -5.07
N ASP E 50 -22.03 87.87 -5.52
CA ASP E 50 -21.86 88.19 -6.97
C ASP E 50 -20.61 87.57 -7.65
N ASN E 51 -19.49 87.51 -6.93
CA ASN E 51 -18.26 86.86 -7.44
C ASN E 51 -17.54 85.99 -6.39
N ALA E 52 -18.25 85.58 -5.33
CA ALA E 52 -17.65 84.84 -4.24
C ALA E 52 -18.49 83.64 -3.82
N VAL E 53 -17.72 82.64 -3.39
CA VAL E 53 -18.21 81.45 -2.73
C VAL E 53 -17.24 81.25 -1.54
N CYS E 54 -17.75 81.45 -0.32
CA CYS E 54 -16.93 81.38 0.88
C CYS E 54 -17.46 80.22 1.72
N LEU E 55 -16.67 79.15 1.82
CA LEU E 55 -17.16 77.91 2.45
C LEU E 55 -17.12 77.98 3.97
N HIS E 56 -18.26 78.32 4.58
CA HIS E 56 -18.38 78.40 6.04
C HIS E 56 -18.53 76.98 6.57
N LEU E 57 -17.42 76.37 6.99
CA LEU E 57 -17.43 75.05 7.63
C LEU E 57 -17.82 75.18 9.09
N ARG E 58 -18.69 74.29 9.56
CA ARG E 58 -19.07 74.18 10.98
C ARG E 58 -17.79 74.20 11.83
N SER E 59 -17.60 75.26 12.62
CA SER E 59 -16.48 75.36 13.60
C SER E 59 -16.46 74.19 14.59
N SER E 60 -17.63 73.54 14.75
CA SER E 60 -17.76 72.25 15.44
C SER E 60 -16.80 71.15 14.94
N GLN E 61 -16.39 71.21 13.67
CA GLN E 61 -15.38 70.32 13.09
C GLN E 61 -14.16 71.09 12.51
N ARG E 62 -13.80 72.21 13.16
CA ARG E 62 -12.69 73.09 12.72
C ARG E 62 -11.35 72.33 12.45
N HIS E 63 -11.07 71.31 13.27
CA HIS E 63 -9.82 70.54 13.13
C HIS E 63 -9.76 69.68 11.86
N LEU E 64 -10.91 69.39 11.24
CA LEU E 64 -10.91 68.72 9.92
C LEU E 64 -10.40 69.64 8.80
N ASN E 65 -10.72 70.93 8.87
CA ASN E 65 -10.24 71.89 7.87
C ASN E 65 -8.71 72.02 7.91
N ASN E 66 -8.06 71.60 6.82
CA ASN E 66 -6.61 71.66 6.66
C ASN E 66 -6.24 72.28 5.29
N ARG E 67 -5.08 72.94 5.21
CA ARG E 67 -4.71 73.61 3.95
C ARG E 67 -4.57 72.63 2.77
N GLY E 68 -4.10 71.41 3.04
CA GLY E 68 -4.09 70.30 2.05
C GLY E 68 -5.45 70.06 1.39
N ALA E 69 -6.52 70.20 2.17
CA ALA E 69 -7.87 70.17 1.60
C ALA E 69 -8.20 71.49 0.88
N GLN E 70 -7.96 72.61 1.56
CA GLN E 70 -8.32 73.96 1.06
C GLN E 70 -7.76 74.27 -0.32
N GLN E 71 -6.48 73.94 -0.55
CA GLN E 71 -5.82 74.14 -1.87
C GLN E 71 -6.50 73.36 -3.01
N LYS E 72 -6.85 72.09 -2.74
CA LYS E 72 -7.54 71.24 -3.71
C LYS E 72 -8.97 71.78 -3.92
N LEU E 73 -9.62 72.17 -2.82
CA LEU E 73 -10.93 72.84 -2.86
C LEU E 73 -10.86 74.15 -3.66
N ALA E 74 -9.77 74.90 -3.51
CA ALA E 74 -9.58 76.21 -4.17
C ALA E 74 -9.48 76.08 -5.68
N GLU E 75 -8.62 75.15 -6.12
CA GLU E 75 -8.50 74.82 -7.54
C GLU E 75 -9.85 74.38 -8.14
N ALA E 76 -10.59 73.55 -7.39
CA ALA E 76 -11.92 73.08 -7.80
C ALA E 76 -12.95 74.24 -7.86
N LEU E 77 -13.04 75.03 -6.78
CA LEU E 77 -13.93 76.23 -6.78
C LEU E 77 -13.57 77.20 -7.91
N SER E 78 -12.26 77.34 -8.17
CA SER E 78 -11.77 78.13 -9.32
C SER E 78 -12.22 77.57 -10.68
N MET E 79 -12.17 76.24 -10.83
CA MET E 79 -12.68 75.53 -12.02
C MET E 79 -14.20 75.77 -12.22
N LEU E 80 -14.96 75.74 -11.10
CA LEU E 80 -16.42 76.02 -11.07
C LEU E 80 -16.69 77.45 -11.54
N LYS E 81 -16.15 78.39 -10.77
CA LYS E 81 -16.34 79.82 -11.01
C LYS E 81 -15.79 80.26 -12.38
N GLY E 82 -14.80 79.51 -12.90
CA GLY E 82 -14.10 79.89 -14.12
C GLY E 82 -13.09 81.04 -13.94
N SER E 83 -12.98 81.58 -12.71
CA SER E 83 -12.06 82.68 -12.37
C SER E 83 -11.54 82.46 -10.95
N THR E 84 -10.49 83.18 -10.56
CA THR E 84 -9.84 82.96 -9.25
C THR E 84 -10.77 83.40 -8.11
N VAL E 85 -11.17 82.44 -7.28
CA VAL E 85 -11.96 82.69 -6.07
C VAL E 85 -10.95 82.69 -4.93
N GLU E 86 -11.02 83.71 -4.07
CA GLU E 86 -10.22 83.72 -2.85
C GLU E 86 -10.94 82.83 -1.85
N LEU E 87 -10.69 81.51 -1.95
CA LEU E 87 -11.39 80.53 -1.11
C LEU E 87 -10.65 80.33 0.22
N THR E 88 -11.40 80.53 1.30
CA THR E 88 -10.95 80.28 2.66
C THR E 88 -12.06 79.47 3.34
N ILE E 89 -11.73 78.72 4.39
CA ILE E 89 -12.73 78.09 5.27
C ILE E 89 -12.77 78.95 6.55
N VAL E 90 -13.96 79.44 6.91
CA VAL E 90 -14.13 80.47 7.94
C VAL E 90 -15.07 79.90 9.00
N GLU E 91 -15.05 80.42 10.22
CA GLU E 91 -15.65 79.71 11.35
C GLU E 91 -16.78 80.50 12.01
N ASP E 92 -18.01 80.21 11.56
CA ASP E 92 -19.28 80.66 12.18
C ASP E 92 -20.18 79.41 12.27
N ASP E 93 -20.38 78.88 13.49
CA ASP E 93 -21.15 77.62 13.71
C ASP E 93 -22.69 77.71 13.73
N ASN E 94 -23.25 78.92 13.60
CA ASN E 94 -24.73 79.16 13.54
C ASN E 94 -25.51 78.17 12.62
N PRO E 95 -26.58 77.54 13.15
CA PRO E 95 -27.27 76.47 12.40
C PRO E 95 -28.37 76.89 11.38
N ALA E 96 -28.52 78.18 11.08
CA ALA E 96 -29.73 78.70 10.38
C ALA E 96 -30.09 78.07 9.00
N VAL E 97 -29.08 77.52 8.30
CA VAL E 97 -29.25 76.78 7.04
C VAL E 97 -28.43 75.49 7.15
N ARG E 98 -28.82 74.46 6.37
CA ARG E 98 -28.22 73.13 6.44
C ARG E 98 -27.20 72.94 5.30
N THR E 99 -26.10 72.26 5.63
CA THR E 99 -25.02 71.92 4.69
C THR E 99 -25.50 70.70 3.85
N PRO E 100 -24.78 70.29 2.76
CA PRO E 100 -25.19 69.07 2.03
C PRO E 100 -25.04 67.78 2.83
N LEU E 101 -24.09 67.73 3.76
CA LEU E 101 -23.96 66.59 4.69
C LEU E 101 -25.14 66.53 5.67
N GLU E 102 -25.52 67.67 6.25
CA GLU E 102 -26.60 67.72 7.25
C GLU E 102 -27.98 67.29 6.69
N TRP E 103 -28.35 67.78 5.49
CA TRP E 103 -29.58 67.37 4.79
C TRP E 103 -29.77 65.87 4.71
N ARG E 104 -28.70 65.15 4.33
CA ARG E 104 -28.67 63.68 4.10
C ARG E 104 -29.13 62.85 5.35
N GLN E 105 -28.67 63.26 6.54
CA GLN E 105 -28.76 62.45 7.76
C GLN E 105 -30.19 62.15 8.21
N ALA E 106 -31.03 63.19 8.11
CA ALA E 106 -32.46 63.07 8.38
C ALA E 106 -33.10 62.06 7.43
N ILE E 107 -32.60 62.02 6.20
CA ILE E 107 -33.15 61.15 5.18
C ILE E 107 -32.76 59.67 5.45
N TYR E 108 -31.56 59.42 6.01
CA TYR E 108 -31.08 58.02 6.32
C TYR E 108 -31.94 57.22 7.33
N GLU E 109 -32.51 57.92 8.31
CA GLU E 109 -33.06 57.35 9.55
C GLU E 109 -34.58 57.04 9.54
N GLU E 110 -35.38 57.96 8.98
CA GLU E 110 -36.86 57.78 8.93
C GLU E 110 -37.25 56.54 8.11
N LYS E 111 -36.55 56.32 7.01
CA LYS E 111 -36.78 55.15 6.16
C LYS E 111 -36.52 53.85 6.94
N LEU E 112 -35.41 53.81 7.68
CA LEU E 112 -35.08 52.64 8.53
C LEU E 112 -36.18 52.42 9.57
N ALA E 113 -36.67 53.49 10.19
CA ALA E 113 -37.78 53.40 11.15
C ALA E 113 -39.06 52.80 10.52
N GLN E 114 -39.37 53.22 9.30
CA GLN E 114 -40.56 52.71 8.59
C GLN E 114 -40.42 51.21 8.30
N ALA E 115 -39.22 50.81 7.88
CA ALA E 115 -38.90 49.39 7.67
C ALA E 115 -39.12 48.61 8.95
N ARG E 116 -38.63 49.13 10.06
CA ARG E 116 -38.81 48.47 11.35
C ARG E 116 -40.28 48.29 11.68
N GLU E 117 -41.09 49.32 11.43
CA GLU E 117 -42.53 49.23 11.63
C GLU E 117 -43.18 48.11 10.79
N SER E 118 -42.80 48.01 9.51
CA SER E 118 -43.35 46.95 8.66
C SER E 118 -42.95 45.55 9.19
N ILE E 119 -41.72 45.43 9.66
CA ILE E 119 -41.24 44.18 10.25
C ILE E 119 -42.04 43.83 11.49
N ILE E 120 -42.29 44.81 12.36
CA ILE E 120 -43.07 44.61 13.58
C ILE E 120 -44.49 44.18 13.20
N ALA E 121 -44.99 44.71 12.08
CA ALA E 121 -46.34 44.44 11.58
C ALA E 121 -46.52 43.14 10.68
N ASP E 122 -45.43 42.39 10.40
CA ASP E 122 -45.50 41.15 9.55
C ASP E 122 -46.48 40.11 10.06
N ASN E 123 -46.36 39.78 11.36
CA ASN E 123 -47.47 39.32 12.27
C ASN E 123 -47.20 38.02 13.06
#